data_6MZJ
#
_entry.id   6MZJ
#
loop_
_entity.id
_entity.type
_entity.pdbx_description
1 polymer '426c DS-SOSIP D3'
2 polymer 'VRC01GL light chain'
3 polymer 'VRC01GL heavy chain'
4 branched 2-acetamido-2-deoxy-beta-D-glucopyranose-(1-4)-2-acetamido-2-deoxy-beta-D-glucopyranose
5 branched alpha-D-mannopyranose-(1-3)-[alpha-D-mannopyranose-(1-6)]beta-D-mannopyranose-(1-4)-2-acetamido-2-deoxy-beta-D-glucopyranose-(1-4)-2-acetamido-2-deoxy-beta-D-glucopyranose
6 branched alpha-D-mannopyranose-(1-3)-alpha-D-mannopyranose-(1-6)-[alpha-D-mannopyranose-(1-3)]beta-D-mannopyranose-(1-4)-2-acetamido-2-deoxy-beta-D-glucopyranose-(1-4)-2-acetamido-2-deoxy-beta-D-glucopyranose
7 branched beta-D-mannopyranose-(1-4)-2-acetamido-2-deoxy-beta-D-glucopyranose-(1-4)-2-acetamido-2-deoxy-beta-D-glucopyranose
8 branched alpha-D-mannopyranose-(1-2)-alpha-D-mannopyranose-(1-3)-[alpha-D-mannopyranose-(1-3)-alpha-D-mannopyranose-(1-6)]beta-D-mannopyranose-(1-4)-2-acetamido-2-deoxy-beta-D-glucopyranose-(1-4)-2-acetamido-2-deoxy-beta-D-glucopyranose
9 branched alpha-D-mannopyranose-(1-3)-beta-D-mannopyranose-(1-4)-2-acetamido-2-deoxy-beta-D-glucopyranose-(1-4)-2-acetamido-2-deoxy-beta-D-glucopyranose
10 branched alpha-D-mannopyranose-(1-2)-alpha-D-mannopyranose-(1-3)-beta-D-mannopyranose-(1-4)-2-acetamido-2-deoxy-beta-D-glucopyranose-(1-4)-2-acetamido-2-deoxy-beta-D-glucopyranose
11 non-polymer 2-acetamido-2-deoxy-beta-D-glucopyranose
#
loop_
_entity_poly.entity_id
_entity_poly.type
_entity_poly.pdbx_seq_one_letter_code
_entity_poly.pdbx_strand_id
1 'polypeptide(L)'
;AENLWVTVYYGVPVWKEAKTTLFCASDAKAYEKEVHNVWATHACVPTDPNPQEVVLENVTENFNMWKNDMVDQMQEDVIS
IWDQSLKPCVKLTPLCVTLNCTNVNVTSNSTNVNSSSTDNTTLGEIKNCSFDITTEIRDKTRKEYALFYRLDIVPLDNSS
NPNSSNTYRLINCNTSTCTQACPKVTFDPIPIHYCAPAGYAILKCNNKTFNGKGPCNNVSTVQCTHGIKPVVSTQLLLNG
SLAEEEIVIRSKNLADNAKIIIVQLNKSVEIVCTRPNNNTRRSIRIGPGQTFYATDIIGDIRQAYCNISGRNWSEAVNQV
KKKLKEHFPHKNISFQSSSGGDLEITTHSFNCGGEFFYCNTSGLFNDTISNATIMLPCRIKQIINMWQEVGKCIYAPPIK
GNITCKSDITGLLLLRDGCNTANNAEIFRPGGGDMRDNWRSELYKYKVVKIEPLGVAPTRCKRRVVGRRRRRRAVGIGAV
FLGFLGAAGSTMGAASMTLTVQARNLLSGIVQQQSNLLRAPEAQQHLLKLTVWGIKQLQARVLAVERYLRDQQLLGIWGC
SGKLICCTNVPWNSSWSNRNLSEIWDNMTWLQWDKEISNYTQIIYGLLEESQNQQEKNEQDLLALD
;
A,B,E
2 'polypeptide(L)'
;MGWSCIILFLVATATGVHSEIVLTQSPATLSLSPGERATLSCRASQSVSSYLAWYQQKPGQAPRLLIYDASNRATGIPAR
FSGSGSGTDFTLTISSLEPEDFAVYYCQQYEFFGQGTKLEIKRTVAAPSVFIFPPSDEQLKSGTASVVCLLNNFYPREAK
VQWKVDNALQSGNSQESVTEQDSKDSTYSLSSTLTLSKADYEKHKVYACEVTHQGLSSPVTKSFNRGEC
;
L,C
3 'polypeptide(L)'
;(PCA)VQLVQSGAEVKKPGASVKVSCKASGYTFTGYYMHWVRQAPGQGLEWMGWINPNSGGTNYCQKFQGRVTMTRDTSI
STAYMELSRLRSDDTAVYYCARGKNSDYNWDFQHWGQGTLVTVSSASTKGPSVFPLAPSSKSTSGGTAALGCLVKDYFPE
PVTVSWNSGALTSGVHTFPAVLQSSGLYSLSSVVTVPSSSLGTQTYICNVNHKPSNTKVDKRVEPKSCDKTHHHHHH
;
H,D
#
# COMPACT_ATOMS: atom_id res chain seq x y z
N ASN A 3 37.92 -23.13 -36.79
CA ASN A 3 38.07 -22.93 -35.36
C ASN A 3 36.75 -22.56 -34.70
N LEU A 4 36.80 -22.26 -33.40
CA LEU A 4 35.60 -21.96 -32.64
C LEU A 4 35.24 -20.49 -32.67
N TRP A 5 33.94 -20.21 -32.66
CA TRP A 5 33.40 -18.86 -32.66
C TRP A 5 32.40 -18.67 -31.52
N VAL A 6 32.14 -17.42 -31.19
CA VAL A 6 31.17 -17.08 -30.15
C VAL A 6 29.75 -17.27 -30.64
N THR A 7 28.96 -18.03 -29.89
CA THR A 7 27.54 -18.19 -30.19
C THR A 7 26.69 -17.86 -28.96
N VAL A 8 25.64 -17.08 -29.19
CA VAL A 8 24.78 -16.63 -28.10
C VAL A 8 23.53 -17.47 -27.99
N TYR A 9 23.23 -17.90 -26.77
CA TYR A 9 22.06 -18.70 -26.49
C TYR A 9 21.12 -17.98 -25.54
N TYR A 10 19.84 -17.93 -25.89
CA TYR A 10 18.87 -17.27 -25.03
C TYR A 10 17.78 -18.23 -24.56
N GLY A 11 17.66 -18.35 -23.24
CA GLY A 11 16.68 -19.24 -22.65
C GLY A 11 17.35 -20.44 -21.99
N VAL A 12 18.61 -20.28 -21.61
CA VAL A 12 19.36 -21.38 -20.99
C VAL A 12 18.98 -21.50 -19.50
N PRO A 13 18.85 -22.73 -19.00
CA PRO A 13 18.38 -23.09 -17.68
C PRO A 13 19.42 -22.90 -16.58
N VAL A 14 19.78 -21.65 -16.30
CA VAL A 14 20.69 -21.37 -15.19
C VAL A 14 20.11 -20.31 -14.27
N TRP A 15 20.60 -20.25 -13.04
CA TRP A 15 20.08 -19.31 -12.06
C TRP A 15 21.09 -18.98 -10.97
N LYS A 16 20.80 -17.94 -10.21
CA LYS A 16 21.61 -17.54 -9.08
C LYS A 16 20.73 -17.08 -7.92
N GLU A 17 21.24 -17.18 -6.70
CA GLU A 17 20.50 -16.70 -5.53
C GLU A 17 20.10 -15.25 -5.71
N ALA A 18 18.89 -14.92 -5.31
CA ALA A 18 18.42 -13.55 -5.48
C ALA A 18 17.52 -13.13 -4.32
N LYS A 19 17.50 -11.83 -4.07
CA LYS A 19 16.67 -11.26 -3.03
C LYS A 19 15.53 -10.45 -3.64
N THR A 20 14.35 -11.05 -3.71
CA THR A 20 13.21 -10.39 -4.31
C THR A 20 11.99 -10.42 -3.42
N THR A 21 10.88 -9.93 -3.95
CA THR A 21 9.63 -9.89 -3.21
C THR A 21 8.61 -10.84 -3.80
N LEU A 22 8.06 -11.69 -2.95
CA LEU A 22 7.03 -12.62 -3.37
C LEU A 22 5.67 -12.04 -3.07
N PHE A 23 4.65 -12.51 -3.78
CA PHE A 23 3.31 -12.00 -3.55
C PHE A 23 2.38 -13.08 -3.00
N CYS A 24 1.30 -12.63 -2.36
CA CYS A 24 0.38 -13.50 -1.65
C CYS A 24 -0.74 -14.01 -2.54
N ALA A 25 -0.93 -15.33 -2.54
CA ALA A 25 -2.09 -15.94 -3.14
C ALA A 25 -2.93 -16.55 -2.04
N SER A 26 -4.20 -16.19 -1.98
CA SER A 26 -5.09 -16.64 -0.91
C SER A 26 -4.84 -18.11 -0.58
N HIS A 36 -13.11 -11.35 4.61
CA HIS A 36 -12.56 -10.30 5.44
C HIS A 36 -11.68 -10.85 6.55
N ASN A 37 -10.92 -11.88 6.23
CA ASN A 37 -9.98 -12.47 7.18
C ASN A 37 -8.83 -11.53 7.49
N VAL A 38 -8.29 -11.63 8.69
CA VAL A 38 -7.20 -10.77 9.11
C VAL A 38 -5.95 -10.97 8.27
N TRP A 39 -5.73 -12.19 7.77
CA TRP A 39 -4.54 -12.47 6.98
C TRP A 39 -4.87 -12.66 5.51
N ALA A 40 -5.91 -13.43 5.23
CA ALA A 40 -6.30 -13.67 3.85
C ALA A 40 -7.11 -12.51 3.34
N THR A 41 -6.44 -11.39 3.16
CA THR A 41 -7.09 -10.15 2.82
C THR A 41 -7.53 -10.11 1.37
N HIS A 42 -8.31 -9.10 1.02
CA HIS A 42 -8.86 -8.95 -0.33
C HIS A 42 -7.78 -8.65 -1.35
N ALA A 43 -6.61 -8.24 -0.88
CA ALA A 43 -5.53 -7.81 -1.75
C ALA A 43 -4.72 -9.00 -2.29
N CYS A 44 -5.04 -10.21 -1.84
CA CYS A 44 -4.32 -11.39 -2.33
C CYS A 44 -4.95 -11.92 -3.60
N VAL A 45 -4.17 -12.63 -4.39
CA VAL A 45 -4.67 -13.21 -5.64
C VAL A 45 -5.19 -14.62 -5.39
N PRO A 46 -6.00 -15.16 -6.30
CA PRO A 46 -6.42 -16.54 -6.36
C PRO A 46 -5.22 -17.47 -6.52
N THR A 47 -5.30 -18.63 -5.89
CA THR A 47 -4.21 -19.60 -5.93
C THR A 47 -4.21 -20.40 -7.21
N ASP A 48 -3.08 -21.05 -7.49
CA ASP A 48 -2.99 -21.94 -8.63
C ASP A 48 -3.16 -23.39 -8.17
N PRO A 49 -4.28 -24.03 -8.53
CA PRO A 49 -4.74 -25.31 -8.06
C PRO A 49 -3.85 -26.45 -8.53
N ASN A 50 -2.98 -26.16 -9.49
CA ASN A 50 -2.11 -27.19 -10.05
C ASN A 50 -0.66 -26.72 -10.18
N PRO A 51 0.09 -26.77 -9.08
CA PRO A 51 1.52 -26.57 -9.02
C PRO A 51 2.22 -27.55 -9.93
N GLN A 52 3.32 -27.13 -10.52
CA GLN A 52 4.04 -27.97 -11.47
C GLN A 52 5.41 -28.32 -10.96
N GLU A 53 5.48 -29.34 -10.11
CA GLU A 53 6.73 -29.74 -9.51
C GLU A 53 7.63 -30.42 -10.52
N VAL A 54 8.37 -29.62 -11.27
CA VAL A 54 9.27 -30.16 -12.27
C VAL A 54 10.53 -30.67 -11.62
N VAL A 55 10.79 -31.96 -11.79
CA VAL A 55 11.95 -32.57 -11.16
C VAL A 55 13.21 -32.29 -11.94
N LEU A 56 14.20 -31.74 -11.26
CA LEU A 56 15.46 -31.40 -11.91
C LEU A 56 16.48 -32.49 -11.65
N GLU A 57 16.33 -33.62 -12.32
CA GLU A 57 17.22 -34.73 -12.10
C GLU A 57 18.66 -34.33 -12.39
N ASN A 58 19.60 -34.91 -11.66
CA ASN A 58 21.02 -34.62 -11.81
C ASN A 58 21.37 -33.21 -11.37
N VAL A 59 20.43 -32.52 -10.74
CA VAL A 59 20.70 -31.21 -10.18
C VAL A 59 20.72 -31.27 -8.67
N THR A 60 21.83 -30.88 -8.07
CA THR A 60 21.95 -30.90 -6.61
C THR A 60 22.17 -29.50 -6.07
N GLU A 61 21.10 -28.88 -5.62
CA GLU A 61 21.14 -27.53 -5.09
C GLU A 61 21.40 -27.55 -3.59
N ASN A 62 21.97 -26.49 -3.06
CA ASN A 62 22.22 -26.42 -1.62
C ASN A 62 21.32 -25.38 -0.94
N PHE A 63 20.64 -25.82 0.10
CA PHE A 63 19.67 -24.98 0.81
C PHE A 63 20.19 -24.60 2.19
N ASN A 64 19.70 -23.45 2.70
CA ASN A 64 20.04 -23.00 4.04
C ASN A 64 18.89 -22.23 4.66
N MET A 65 18.13 -22.92 5.50
CA MET A 65 16.93 -22.34 6.10
C MET A 65 17.24 -21.21 7.07
N TRP A 66 18.49 -21.12 7.48
CA TRP A 66 18.87 -20.15 8.51
C TRP A 66 19.28 -18.82 7.89
N LYS A 67 19.29 -18.76 6.57
CA LYS A 67 19.64 -17.54 5.87
C LYS A 67 18.65 -17.27 4.74
N ASN A 68 17.46 -17.84 4.87
CA ASN A 68 16.44 -17.70 3.85
C ASN A 68 15.62 -16.43 4.07
N ASP A 69 15.81 -15.46 3.19
CA ASP A 69 15.15 -14.16 3.32
C ASP A 69 13.64 -14.28 3.33
N MET A 70 13.12 -15.39 2.82
CA MET A 70 11.67 -15.60 2.79
C MET A 70 11.09 -15.49 4.17
N VAL A 71 11.86 -15.88 5.18
CA VAL A 71 11.39 -15.87 6.55
C VAL A 71 11.18 -14.46 7.04
N ASP A 72 12.18 -13.61 6.84
CA ASP A 72 12.07 -12.22 7.25
C ASP A 72 10.95 -11.53 6.50
N GLN A 73 10.81 -11.85 5.23
CA GLN A 73 9.76 -11.28 4.42
C GLN A 73 8.39 -11.66 4.96
N MET A 74 8.26 -12.93 5.33
CA MET A 74 7.03 -13.42 5.93
C MET A 74 6.70 -12.64 7.19
N GLN A 75 7.69 -12.48 8.06
CA GLN A 75 7.48 -11.76 9.30
C GLN A 75 6.93 -10.37 9.06
N GLU A 76 7.54 -9.64 8.14
CA GLU A 76 7.07 -8.29 7.82
C GLU A 76 5.65 -8.32 7.29
N ASP A 77 5.38 -9.28 6.41
CA ASP A 77 4.06 -9.41 5.82
C ASP A 77 3.00 -9.55 6.90
N VAL A 78 3.21 -10.48 7.80
CA VAL A 78 2.22 -10.78 8.83
C VAL A 78 1.93 -9.55 9.68
N ILE A 79 2.97 -8.85 10.08
CA ILE A 79 2.80 -7.66 10.90
C ILE A 79 2.12 -6.56 10.12
N SER A 80 2.60 -6.29 8.92
CA SER A 80 2.06 -5.21 8.12
C SER A 80 0.56 -5.36 7.94
N ILE A 81 0.13 -6.58 7.66
CA ILE A 81 -1.28 -6.85 7.50
C ILE A 81 -2.01 -6.60 8.80
N TRP A 82 -1.50 -7.19 9.87
CA TRP A 82 -2.11 -7.07 11.16
C TRP A 82 -2.39 -5.61 11.51
N ASP A 83 -1.36 -4.78 11.41
CA ASP A 83 -1.49 -3.37 11.74
C ASP A 83 -2.54 -2.69 10.89
N GLN A 84 -2.50 -2.94 9.59
CA GLN A 84 -3.45 -2.32 8.69
C GLN A 84 -4.87 -2.76 9.00
N SER A 85 -5.03 -4.03 9.31
CA SER A 85 -6.35 -4.58 9.58
C SER A 85 -7.02 -3.93 10.77
N LEU A 86 -6.22 -3.58 11.77
CA LEU A 86 -6.76 -2.98 12.98
C LEU A 86 -6.72 -1.46 12.95
N LYS A 87 -6.36 -0.89 11.81
CA LYS A 87 -6.24 0.55 11.71
C LYS A 87 -7.54 1.30 12.02
N PRO A 88 -8.71 0.86 11.49
CA PRO A 88 -10.00 1.52 11.60
C PRO A 88 -10.75 1.10 12.85
N CYS A 89 -10.10 0.32 13.72
CA CYS A 89 -10.76 -0.20 14.90
C CYS A 89 -10.69 0.81 16.06
N VAL A 90 -11.62 0.68 16.99
CA VAL A 90 -11.75 1.62 18.11
C VAL A 90 -10.53 1.67 19.01
N LYS A 91 -10.07 2.89 19.30
CA LYS A 91 -8.95 3.09 20.21
C LYS A 91 -9.46 3.27 21.63
N LEU A 92 -9.05 2.40 22.53
CA LEU A 92 -9.55 2.44 23.90
C LEU A 92 -8.81 3.45 24.74
N THR A 93 -8.92 4.73 24.36
CA THR A 93 -8.30 5.79 25.10
C THR A 93 -9.00 6.11 26.44
N PRO A 94 -10.33 6.29 26.45
CA PRO A 94 -11.10 6.80 27.55
C PRO A 94 -11.26 5.74 28.63
N LEU A 95 -10.81 4.54 28.32
CA LEU A 95 -10.86 3.43 29.24
C LEU A 95 -9.92 3.64 30.41
N CYS A 96 -8.84 4.39 30.20
CA CYS A 96 -7.84 4.62 31.22
C CYS A 96 -8.34 5.54 32.32
N VAL A 97 -9.22 5.04 33.15
CA VAL A 97 -9.79 5.78 34.25
C VAL A 97 -9.61 5.01 35.55
N THR A 98 -9.90 5.66 36.67
CA THR A 98 -9.78 4.99 37.96
C THR A 98 -10.72 3.81 38.04
N LEU A 99 -10.18 2.65 38.42
CA LEU A 99 -10.99 1.45 38.51
C LEU A 99 -11.22 1.03 39.95
N ASN A 100 -12.48 1.02 40.35
CA ASN A 100 -12.86 0.57 41.68
C ASN A 100 -13.32 -0.88 41.64
N CYS A 101 -12.48 -1.78 42.12
CA CYS A 101 -12.73 -3.20 41.89
C CYS A 101 -12.94 -3.97 43.19
N THR A 102 -13.69 -5.06 43.06
CA THR A 102 -13.88 -6.02 44.14
C THR A 102 -13.61 -7.42 43.64
N ASN A 103 -14.07 -8.41 44.39
CA ASN A 103 -13.86 -9.80 44.01
C ASN A 103 -14.79 -10.19 42.87
N VAL A 104 -14.84 -11.48 42.58
CA VAL A 104 -15.68 -11.95 41.48
C VAL A 104 -17.02 -11.25 41.48
N THR A 122 -8.87 -21.01 45.57
CA THR A 122 -9.69 -19.85 45.27
C THR A 122 -9.30 -19.22 43.95
N LEU A 123 -10.12 -19.46 42.93
CA LEU A 123 -9.86 -18.97 41.59
C LEU A 123 -10.29 -17.51 41.44
N GLY A 124 -9.65 -16.63 42.20
CA GLY A 124 -9.96 -15.20 42.17
C GLY A 124 -9.21 -14.50 41.04
N GLU A 125 -9.37 -15.02 39.82
CA GLU A 125 -8.65 -14.50 38.67
C GLU A 125 -9.46 -13.44 37.95
N ILE A 126 -10.68 -13.23 38.40
CA ILE A 126 -11.58 -12.26 37.77
C ILE A 126 -12.10 -11.26 38.79
N LYS A 127 -12.02 -9.99 38.46
CA LYS A 127 -12.49 -8.95 39.36
C LYS A 127 -13.58 -8.12 38.74
N ASN A 128 -14.58 -7.79 39.55
CA ASN A 128 -15.67 -6.93 39.10
C ASN A 128 -15.34 -5.47 39.35
N CYS A 129 -15.15 -4.70 38.26
CA CYS A 129 -14.71 -3.32 38.40
C CYS A 129 -15.75 -2.32 37.93
N SER A 130 -15.88 -1.24 38.69
CA SER A 130 -16.74 -0.13 38.32
C SER A 130 -15.89 1.10 38.02
N PHE A 131 -16.42 1.98 37.17
CA PHE A 131 -15.68 3.17 36.77
C PHE A 131 -16.58 4.27 36.26
N ASP A 132 -16.01 5.46 36.09
CA ASP A 132 -16.73 6.58 35.52
C ASP A 132 -16.51 6.66 34.01
N ILE A 133 -17.60 6.62 33.27
CA ILE A 133 -17.53 6.65 31.82
C ILE A 133 -18.12 7.95 31.26
N THR A 134 -17.44 8.54 30.28
CA THR A 134 -17.95 9.72 29.62
C THR A 134 -18.94 9.34 28.54
N THR A 135 -20.11 9.94 28.59
CA THR A 135 -21.18 9.61 27.66
C THR A 135 -21.02 10.36 26.35
N GLU A 136 -21.93 10.11 25.41
CA GLU A 136 -21.88 10.76 24.10
C GLU A 136 -21.76 12.26 24.24
N ILE A 137 -22.43 12.81 25.24
CA ILE A 137 -22.35 14.22 25.52
C ILE A 137 -21.18 14.48 26.46
N ARG A 138 -20.24 15.29 26.00
CA ARG A 138 -18.99 15.53 26.72
C ARG A 138 -19.22 16.05 28.13
N ASP A 139 -20.36 16.68 28.34
CA ASP A 139 -20.68 17.29 29.61
C ASP A 139 -21.26 16.31 30.60
N LYS A 140 -21.51 15.08 30.17
CA LYS A 140 -22.19 14.12 31.01
C LYS A 140 -21.39 12.85 31.21
N THR A 141 -21.44 12.33 32.43
CA THR A 141 -20.78 11.09 32.78
C THR A 141 -21.73 10.19 33.54
N ARG A 142 -21.37 8.92 33.68
CA ARG A 142 -22.19 7.99 34.44
C ARG A 142 -21.36 6.82 34.95
N LYS A 143 -21.98 5.96 35.75
CA LYS A 143 -21.31 4.78 36.26
C LYS A 143 -21.45 3.61 35.32
N GLU A 144 -20.40 2.81 35.23
CA GLU A 144 -20.42 1.61 34.41
C GLU A 144 -19.51 0.55 35.02
N TYR A 145 -19.75 -0.71 34.66
CA TYR A 145 -18.95 -1.80 35.20
C TYR A 145 -18.61 -2.84 34.15
N ALA A 146 -17.57 -3.61 34.41
CA ALA A 146 -17.15 -4.67 33.52
C ALA A 146 -16.29 -5.69 34.26
N LEU A 147 -16.22 -6.90 33.72
CA LEU A 147 -15.35 -7.91 34.32
C LEU A 147 -14.02 -7.98 33.60
N PHE A 148 -12.95 -7.90 34.37
CA PHE A 148 -11.61 -7.98 33.84
C PHE A 148 -10.82 -9.07 34.53
N TYR A 149 -9.83 -9.61 33.84
CA TYR A 149 -8.96 -10.61 34.43
C TYR A 149 -7.83 -9.94 35.20
N ARG A 150 -7.44 -10.54 36.30
CA ARG A 150 -6.39 -9.99 37.14
C ARG A 150 -5.13 -9.67 36.35
N LEU A 151 -4.84 -10.48 35.35
CA LEU A 151 -3.63 -10.31 34.56
C LEU A 151 -3.60 -9.00 33.79
N ASP A 152 -4.77 -8.41 33.57
CA ASP A 152 -4.88 -7.18 32.80
C ASP A 152 -5.01 -5.96 33.70
N ILE A 153 -4.94 -6.18 35.00
CA ILE A 153 -5.18 -5.12 35.98
C ILE A 153 -3.95 -4.82 36.81
N VAL A 154 -3.68 -3.54 37.02
CA VAL A 154 -2.57 -3.13 37.86
C VAL A 154 -3.05 -2.29 39.04
N PRO A 155 -2.72 -2.68 40.28
CA PRO A 155 -2.98 -1.96 41.51
C PRO A 155 -2.46 -0.55 41.42
N LEU A 156 -3.26 0.39 41.89
CA LEU A 156 -2.90 1.80 41.82
C LEU A 156 -2.83 2.42 43.20
N SER A 165 -7.23 0.94 48.71
CA SER A 165 -6.45 -0.29 48.58
C SER A 165 -7.12 -1.23 47.59
N ASN A 166 -8.18 -0.74 46.96
CA ASN A 166 -8.93 -1.53 46.00
C ASN A 166 -9.10 -0.76 44.68
N THR A 167 -8.17 0.13 44.41
CA THR A 167 -8.19 0.92 43.20
C THR A 167 -7.13 0.42 42.23
N TYR A 168 -7.51 0.28 40.96
CA TYR A 168 -6.62 -0.26 39.95
C TYR A 168 -6.63 0.59 38.68
N ARG A 169 -5.75 0.22 37.75
CA ARG A 169 -5.73 0.80 36.42
C ARG A 169 -5.46 -0.28 35.39
N LEU A 170 -5.78 0.00 34.13
CA LEU A 170 -5.45 -0.95 33.08
C LEU A 170 -3.96 -0.97 32.83
N ILE A 171 -3.41 -2.15 32.63
CA ILE A 171 -1.97 -2.33 32.50
C ILE A 171 -1.34 -1.49 31.39
N ASN A 172 -2.08 -1.24 30.33
CA ASN A 172 -1.52 -0.57 29.16
C ASN A 172 -1.45 0.95 29.29
N CYS A 173 -2.13 1.51 30.27
CA CYS A 173 -2.30 2.96 30.34
C CYS A 173 -1.00 3.72 30.48
N ASN A 174 0.07 3.03 30.84
CA ASN A 174 1.36 3.67 30.98
C ASN A 174 2.32 3.29 29.87
N THR A 175 1.81 2.60 28.86
CA THR A 175 2.63 2.16 27.74
C THR A 175 2.08 2.66 26.41
N SER A 176 0.82 2.35 26.15
CA SER A 176 0.17 2.75 24.91
C SER A 176 -1.33 2.56 24.97
N THR A 177 -2.01 2.92 23.90
CA THR A 177 -3.44 2.73 23.81
C THR A 177 -3.78 1.48 23.04
N CYS A 178 -4.42 0.56 23.71
CA CYS A 178 -4.79 -0.70 23.08
C CYS A 178 -5.95 -0.52 22.14
N THR A 179 -5.89 -1.16 20.98
CA THR A 179 -6.96 -1.09 20.02
C THR A 179 -7.84 -2.31 20.12
N GLN A 180 -9.14 -2.09 20.22
CA GLN A 180 -10.08 -3.19 20.33
C GLN A 180 -10.29 -3.83 18.99
N ALA A 181 -10.00 -5.12 18.90
CA ALA A 181 -10.18 -5.81 17.65
C ALA A 181 -11.59 -5.59 17.16
N CYS A 182 -11.72 -5.21 15.90
CA CYS A 182 -13.02 -4.95 15.34
C CYS A 182 -13.90 -6.19 15.54
N PRO A 183 -15.17 -5.97 15.89
CA PRO A 183 -16.15 -6.98 16.27
C PRO A 183 -16.44 -7.95 15.14
N LYS A 184 -16.08 -7.57 13.92
CA LYS A 184 -16.34 -8.41 12.77
C LYS A 184 -15.06 -8.73 12.01
N VAL A 185 -14.19 -9.53 12.63
CA VAL A 185 -12.97 -9.99 11.99
C VAL A 185 -12.80 -11.48 12.22
N THR A 186 -11.88 -12.10 11.49
CA THR A 186 -11.60 -13.50 11.67
C THR A 186 -10.10 -13.74 11.85
N PHE A 187 -9.75 -14.48 12.90
CA PHE A 187 -8.34 -14.74 13.22
C PHE A 187 -7.94 -16.17 12.88
N ASP A 188 -8.78 -16.85 12.12
CA ASP A 188 -8.49 -18.20 11.66
C ASP A 188 -7.29 -18.18 10.72
N PRO A 189 -6.24 -18.97 11.02
CA PRO A 189 -4.98 -19.04 10.32
C PRO A 189 -5.14 -19.66 8.94
N ILE A 190 -5.81 -18.94 8.05
CA ILE A 190 -6.00 -19.38 6.67
C ILE A 190 -4.66 -19.41 5.94
N PRO A 191 -4.30 -20.55 5.35
CA PRO A 191 -3.02 -20.81 4.71
C PRO A 191 -2.78 -19.86 3.56
N ILE A 192 -1.55 -19.36 3.48
CA ILE A 192 -1.16 -18.44 2.42
C ILE A 192 -0.10 -19.05 1.51
N HIS A 193 -0.29 -18.89 0.21
CA HIS A 193 0.65 -19.42 -0.76
C HIS A 193 1.52 -18.29 -1.32
N TYR A 194 2.82 -18.48 -1.29
CA TYR A 194 3.74 -17.48 -1.83
C TYR A 194 4.14 -17.80 -3.25
N CYS A 195 4.03 -16.80 -4.12
CA CYS A 195 4.33 -16.99 -5.53
C CYS A 195 5.40 -16.03 -6.01
N ALA A 196 6.25 -16.52 -6.92
CA ALA A 196 7.32 -15.70 -7.48
C ALA A 196 6.81 -14.93 -8.70
N PRO A 197 7.39 -13.74 -8.95
CA PRO A 197 7.22 -12.93 -10.13
C PRO A 197 7.99 -13.50 -11.31
N ALA A 198 7.60 -13.11 -12.51
CA ALA A 198 8.28 -13.60 -13.71
C ALA A 198 9.76 -13.30 -13.64
N GLY A 199 10.57 -14.25 -14.10
CA GLY A 199 12.01 -14.11 -14.09
C GLY A 199 12.62 -14.81 -12.88
N TYR A 200 11.77 -15.17 -11.93
CA TYR A 200 12.21 -15.85 -10.73
C TYR A 200 11.54 -17.20 -10.60
N ALA A 201 12.13 -18.08 -9.80
CA ALA A 201 11.57 -19.40 -9.59
C ALA A 201 11.81 -19.87 -8.17
N ILE A 202 10.93 -20.74 -7.68
CA ILE A 202 11.07 -21.28 -6.34
C ILE A 202 11.47 -22.73 -6.38
N LEU A 203 12.58 -23.06 -5.74
CA LEU A 203 13.06 -24.42 -5.72
C LEU A 203 12.63 -25.11 -4.44
N LYS A 204 12.32 -26.40 -4.54
CA LYS A 204 11.92 -27.19 -3.39
C LYS A 204 12.89 -28.31 -3.11
N CYS A 205 13.24 -28.48 -1.85
CA CYS A 205 14.00 -29.64 -1.43
C CYS A 205 13.06 -30.76 -1.01
N ASN A 206 13.01 -31.82 -1.80
CA ASN A 206 12.02 -32.88 -1.58
C ASN A 206 12.63 -34.06 -0.84
N ASN A 207 13.81 -33.86 -0.31
CA ASN A 207 14.46 -34.87 0.50
C ASN A 207 13.85 -34.91 1.89
N LYS A 208 13.06 -35.95 2.15
CA LYS A 208 12.23 -36.03 3.35
C LYS A 208 13.05 -36.00 4.64
N THR A 209 14.33 -36.28 4.55
CA THR A 209 15.17 -36.33 5.72
C THR A 209 16.21 -35.21 5.71
N PHE A 210 15.97 -34.19 4.90
CA PHE A 210 16.86 -33.04 4.82
C PHE A 210 16.90 -32.26 6.13
N ASN A 211 18.11 -31.95 6.58
CA ASN A 211 18.31 -31.27 7.86
C ASN A 211 18.06 -29.77 7.78
N GLY A 212 17.71 -29.30 6.59
CA GLY A 212 17.47 -27.87 6.40
C GLY A 212 18.75 -27.10 6.09
N LYS A 213 19.86 -27.82 5.98
CA LYS A 213 21.15 -27.19 5.66
C LYS A 213 22.06 -28.13 4.90
N GLY A 214 22.31 -27.81 3.63
CA GLY A 214 23.18 -28.63 2.80
C GLY A 214 22.53 -28.96 1.45
N PRO A 215 23.19 -29.81 0.65
CA PRO A 215 22.80 -30.28 -0.66
C PRO A 215 21.47 -31.02 -0.63
N CYS A 216 20.68 -30.85 -1.69
CA CYS A 216 19.41 -31.55 -1.85
C CYS A 216 19.35 -32.26 -3.19
N ASN A 217 19.80 -33.51 -3.21
CA ASN A 217 19.86 -34.28 -4.44
C ASN A 217 18.47 -34.43 -5.07
N ASN A 218 17.46 -34.35 -4.21
CA ASN A 218 16.07 -34.46 -4.66
C ASN A 218 15.42 -33.06 -4.72
N VAL A 219 15.53 -32.42 -5.89
CA VAL A 219 15.08 -31.02 -6.02
C VAL A 219 14.13 -30.82 -7.19
N SER A 220 13.11 -29.99 -6.98
CA SER A 220 12.15 -29.67 -8.01
C SER A 220 11.85 -28.17 -8.03
N THR A 221 11.25 -27.70 -9.12
CA THR A 221 10.91 -26.29 -9.24
C THR A 221 9.40 -26.06 -9.30
N VAL A 222 8.94 -25.07 -8.56
CA VAL A 222 7.54 -24.71 -8.56
C VAL A 222 7.34 -23.22 -8.80
N GLN A 223 6.11 -22.85 -9.13
CA GLN A 223 5.75 -21.46 -9.31
C GLN A 223 5.33 -20.82 -8.00
N CYS A 224 4.73 -21.63 -7.13
CA CYS A 224 4.24 -21.16 -5.85
C CYS A 224 4.48 -22.17 -4.75
N THR A 225 4.50 -21.68 -3.51
CA THR A 225 4.58 -22.55 -2.35
C THR A 225 3.22 -23.11 -2.04
N HIS A 226 3.17 -24.09 -1.15
CA HIS A 226 1.89 -24.59 -0.70
C HIS A 226 1.29 -23.61 0.27
N GLY A 227 0.08 -23.90 0.74
CA GLY A 227 -0.56 -23.01 1.68
C GLY A 227 0.00 -23.18 3.08
N ILE A 228 0.67 -22.15 3.58
CA ILE A 228 1.23 -22.19 4.91
C ILE A 228 0.41 -21.37 5.87
N LYS A 229 -0.01 -21.99 6.97
CA LYS A 229 -0.86 -21.31 7.94
C LYS A 229 -0.03 -20.40 8.84
N PRO A 230 -0.46 -19.15 9.00
CA PRO A 230 0.15 -18.13 9.83
C PRO A 230 -0.19 -18.36 11.29
N VAL A 231 0.29 -19.47 11.82
CA VAL A 231 -0.01 -19.84 13.19
C VAL A 231 0.94 -19.17 14.16
N VAL A 232 0.38 -18.34 15.04
CA VAL A 232 1.17 -17.66 16.05
C VAL A 232 1.16 -18.46 17.35
N SER A 233 2.32 -18.99 17.72
CA SER A 233 2.40 -19.83 18.90
C SER A 233 3.82 -19.95 19.43
N THR A 234 3.94 -20.43 20.65
CA THR A 234 5.24 -20.68 21.27
C THR A 234 5.35 -22.12 21.71
N GLN A 235 6.54 -22.52 22.14
CA GLN A 235 6.73 -23.87 22.65
C GLN A 235 6.29 -24.92 21.64
N LEU A 236 5.03 -25.35 21.74
CA LEU A 236 4.48 -26.38 20.88
C LEU A 236 3.86 -25.78 19.62
N LEU A 237 4.31 -26.27 18.47
CA LEU A 237 3.83 -25.77 17.19
C LEU A 237 2.60 -26.52 16.74
N LEU A 238 1.49 -25.81 16.65
CA LEU A 238 0.20 -26.42 16.31
C LEU A 238 -0.17 -26.20 14.86
N ASN A 239 -0.93 -27.15 14.32
CA ASN A 239 -1.51 -27.02 12.98
C ASN A 239 -0.43 -26.74 11.94
N GLY A 240 0.73 -27.36 12.11
CA GLY A 240 1.81 -27.19 11.15
C GLY A 240 1.90 -28.39 10.23
N SER A 241 3.03 -28.52 9.56
CA SER A 241 3.24 -29.65 8.67
C SER A 241 3.95 -30.78 9.39
N LEU A 242 3.61 -32.00 9.04
CA LEU A 242 4.25 -33.17 9.63
C LEU A 242 5.37 -33.67 8.76
N ALA A 243 6.34 -34.33 9.38
CA ALA A 243 7.42 -34.96 8.65
C ALA A 243 6.86 -36.07 7.79
N GLU A 244 7.48 -36.29 6.64
CA GLU A 244 6.99 -37.27 5.69
C GLU A 244 7.64 -38.64 5.86
N GLU A 245 8.87 -38.65 6.36
CA GLU A 245 9.61 -39.90 6.52
C GLU A 245 9.76 -40.28 7.98
N GLU A 246 10.26 -39.35 8.78
CA GLU A 246 10.53 -39.61 10.18
C GLU A 246 10.62 -38.32 10.98
N ILE A 247 10.77 -38.43 12.29
CA ILE A 247 11.02 -37.26 13.12
C ILE A 247 12.38 -36.67 12.79
N VAL A 248 12.41 -35.37 12.52
CA VAL A 248 13.66 -34.72 12.16
C VAL A 248 14.01 -33.59 13.10
N ILE A 249 15.23 -33.62 13.60
CA ILE A 249 15.73 -32.58 14.48
C ILE A 249 16.79 -31.76 13.78
N ARG A 250 16.55 -30.46 13.68
CA ARG A 250 17.46 -29.59 12.95
C ARG A 250 17.76 -28.30 13.72
N SER A 251 18.96 -27.79 13.52
CA SER A 251 19.41 -26.55 14.17
C SER A 251 20.50 -25.89 13.36
N LYS A 252 20.72 -24.62 13.61
CA LYS A 252 21.80 -23.90 12.93
C LYS A 252 23.15 -24.45 13.37
N ASN A 253 23.26 -24.76 14.66
CA ASN A 253 24.49 -25.28 15.22
C ASN A 253 24.25 -25.92 16.59
N LEU A 254 24.32 -27.23 16.66
CA LEU A 254 24.04 -27.94 17.91
C LEU A 254 25.09 -27.62 18.97
N ALA A 255 26.24 -27.12 18.55
CA ALA A 255 27.32 -26.79 19.48
C ALA A 255 27.08 -25.43 20.11
N ASP A 256 26.09 -24.71 19.60
CA ASP A 256 25.79 -23.37 20.10
C ASP A 256 24.53 -23.40 20.96
N ASN A 257 24.73 -23.25 22.26
CA ASN A 257 23.63 -23.40 23.21
C ASN A 257 22.77 -22.15 23.28
N ALA A 258 23.12 -21.15 22.48
CA ALA A 258 22.33 -19.93 22.43
C ALA A 258 21.30 -19.99 21.31
N LYS A 259 21.31 -21.10 20.56
CA LYS A 259 20.39 -21.24 19.43
C LYS A 259 19.26 -22.20 19.74
N ILE A 260 18.17 -22.07 19.00
CA ILE A 260 16.99 -22.90 19.21
C ILE A 260 17.02 -24.14 18.33
N ILE A 261 16.57 -25.26 18.89
CA ILE A 261 16.49 -26.51 18.15
C ILE A 261 15.06 -26.78 17.72
N ILE A 262 14.86 -27.02 16.43
CA ILE A 262 13.53 -27.24 15.89
C ILE A 262 13.31 -28.70 15.57
N VAL A 263 12.28 -29.29 16.16
CA VAL A 263 11.97 -30.68 15.89
C VAL A 263 10.62 -30.83 15.24
N GLN A 264 10.59 -31.56 14.12
CA GLN A 264 9.36 -31.80 13.38
C GLN A 264 8.94 -33.25 13.50
N LEU A 265 7.69 -33.46 13.89
CA LEU A 265 7.18 -34.82 14.12
C LEU A 265 6.53 -35.39 12.89
N ASN A 266 6.57 -36.71 12.75
CA ASN A 266 5.85 -37.40 11.68
C ASN A 266 4.45 -37.74 12.13
N LYS A 267 4.33 -38.24 13.35
CA LYS A 267 3.04 -38.58 13.92
C LYS A 267 2.53 -37.45 14.79
N SER A 268 1.35 -36.95 14.46
CA SER A 268 0.76 -35.85 15.21
C SER A 268 0.25 -36.31 16.56
N VAL A 269 0.14 -35.38 17.49
CA VAL A 269 -0.46 -35.66 18.79
C VAL A 269 -1.63 -34.73 19.05
N GLU A 270 -2.80 -35.32 19.27
CA GLU A 270 -4.01 -34.55 19.48
C GLU A 270 -4.01 -33.84 20.82
N ILE A 271 -4.37 -32.57 20.80
CA ILE A 271 -4.56 -31.79 22.02
C ILE A 271 -5.82 -30.95 21.92
N VAL A 272 -6.67 -31.02 22.94
CA VAL A 272 -7.91 -30.27 22.93
C VAL A 272 -7.99 -29.30 24.07
N CYS A 273 -8.22 -28.03 23.76
CA CYS A 273 -8.29 -27.00 24.78
C CYS A 273 -9.67 -26.35 24.81
N THR A 274 -10.14 -26.01 26.01
CA THR A 274 -11.46 -25.44 26.13
C THR A 274 -11.58 -24.38 27.21
N ARG A 275 -12.54 -23.49 27.02
CA ARG A 275 -12.89 -22.46 28.00
C ARG A 275 -14.38 -22.53 28.34
N PRO A 276 -14.73 -23.35 29.33
CA PRO A 276 -16.07 -23.77 29.67
C PRO A 276 -16.82 -22.71 30.45
N ASN A 277 -16.95 -21.51 29.87
CA ASN A 277 -17.63 -20.43 30.60
C ASN A 277 -18.61 -19.58 29.81
N ASN A 278 -19.60 -19.05 30.53
CA ASN A 278 -20.61 -18.19 29.95
C ASN A 278 -20.12 -16.76 29.80
N ASN A 279 -19.18 -16.49 28.87
CA ASN A 279 -18.59 -15.17 28.68
C ASN A 279 -19.48 -14.25 27.85
N THR A 280 -20.66 -13.97 28.40
CA THR A 280 -21.63 -13.13 27.73
C THR A 280 -21.11 -11.71 27.56
N ARG A 281 -21.22 -11.21 26.34
CA ARG A 281 -20.69 -9.90 26.02
C ARG A 281 -21.68 -8.80 26.33
N ARG A 282 -21.15 -7.63 26.64
CA ARG A 282 -21.97 -6.43 26.83
C ARG A 282 -21.43 -5.28 26.00
N SER A 283 -22.33 -4.51 25.40
CA SER A 283 -21.92 -3.40 24.55
C SER A 283 -21.99 -2.07 25.28
N ILE A 284 -20.83 -1.45 25.46
CA ILE A 284 -20.74 -0.18 26.15
C ILE A 284 -20.34 0.93 25.20
N ARG A 285 -21.15 1.96 25.11
CA ARG A 285 -20.87 3.07 24.22
C ARG A 285 -19.90 4.04 24.86
N ILE A 286 -18.71 4.16 24.27
CA ILE A 286 -17.65 4.97 24.86
C ILE A 286 -17.35 6.20 24.01
N GLY A 287 -18.16 6.40 22.98
CA GLY A 287 -17.95 7.51 22.07
C GLY A 287 -18.91 7.45 20.89
N PRO A 288 -18.85 8.44 20.02
CA PRO A 288 -19.72 8.67 18.89
C PRO A 288 -19.51 7.62 17.82
N GLY A 289 -20.11 6.45 18.02
CA GLY A 289 -19.96 5.34 17.09
C GLY A 289 -18.84 4.43 17.51
N GLN A 290 -18.54 4.42 18.80
CA GLN A 290 -17.47 3.59 19.32
C GLN A 290 -17.97 2.70 20.44
N THR A 291 -18.07 1.41 20.17
CA THR A 291 -18.58 0.46 21.15
C THR A 291 -17.49 -0.41 21.73
N PHE A 292 -17.41 -0.42 23.05
CA PHE A 292 -16.48 -1.27 23.77
C PHE A 292 -17.19 -2.52 24.22
N TYR A 293 -16.55 -3.66 24.05
CA TYR A 293 -17.16 -4.91 24.44
C TYR A 293 -16.60 -5.45 25.75
N ALA A 294 -17.46 -5.50 26.75
CA ALA A 294 -17.10 -5.94 28.08
C ALA A 294 -17.52 -7.37 28.30
N THR A 295 -16.86 -8.04 29.23
CA THR A 295 -17.20 -9.41 29.58
C THR A 295 -18.19 -9.46 30.73
N ASP A 296 -19.10 -10.43 30.67
CA ASP A 296 -20.04 -10.70 31.74
C ASP A 296 -20.14 -12.20 31.96
N ILE A 297 -20.61 -12.60 33.13
CA ILE A 297 -20.76 -14.02 33.44
C ILE A 297 -22.15 -14.34 33.94
N ILE A 298 -22.76 -15.34 33.34
CA ILE A 298 -24.12 -15.73 33.71
C ILE A 298 -24.13 -16.81 34.78
N GLY A 299 -23.30 -17.84 34.59
CA GLY A 299 -23.25 -18.97 35.52
C GLY A 299 -22.06 -18.87 36.45
N ASP A 300 -21.42 -20.00 36.72
CA ASP A 300 -20.26 -20.05 37.59
C ASP A 300 -18.97 -19.99 36.79
N ILE A 301 -17.83 -20.12 37.47
CA ILE A 301 -16.54 -19.97 36.82
C ILE A 301 -15.68 -21.22 36.94
N ARG A 302 -15.17 -21.67 35.80
CA ARG A 302 -14.23 -22.79 35.77
C ARG A 302 -13.02 -22.42 34.94
N GLN A 303 -11.84 -22.79 35.42
CA GLN A 303 -10.61 -22.47 34.72
C GLN A 303 -10.55 -23.19 33.38
N ALA A 304 -9.92 -22.54 32.41
CA ALA A 304 -9.70 -23.17 31.10
C ALA A 304 -8.58 -24.19 31.22
N TYR A 305 -8.58 -25.18 30.34
CA TYR A 305 -7.56 -26.20 30.39
C TYR A 305 -7.40 -26.91 29.06
N CYS A 306 -6.29 -27.63 28.92
CA CYS A 306 -6.07 -28.47 27.75
C CYS A 306 -6.00 -29.93 28.12
N ASN A 307 -6.45 -30.78 27.20
CA ASN A 307 -6.46 -32.22 27.38
C ASN A 307 -5.56 -32.92 26.40
N ILE A 308 -4.51 -33.55 26.88
CA ILE A 308 -3.60 -34.28 26.04
C ILE A 308 -3.32 -35.68 26.57
N SER A 309 -3.57 -36.69 25.74
CA SER A 309 -3.38 -38.07 26.16
C SER A 309 -1.95 -38.32 26.60
N GLY A 310 -1.79 -38.83 27.82
CA GLY A 310 -0.47 -39.09 28.38
C GLY A 310 0.30 -40.09 27.55
N ARG A 311 -0.29 -41.26 27.33
CA ARG A 311 0.35 -42.31 26.55
C ARG A 311 0.88 -41.78 25.23
N ASN A 312 0.06 -41.00 24.55
CA ASN A 312 0.45 -40.42 23.27
C ASN A 312 1.72 -39.59 23.40
N TRP A 313 1.70 -38.65 24.33
CA TRP A 313 2.83 -37.77 24.54
C TRP A 313 4.08 -38.56 24.89
N SER A 314 3.93 -39.48 25.83
CA SER A 314 5.07 -40.27 26.28
C SER A 314 5.79 -40.91 25.11
N GLU A 315 5.02 -41.56 24.24
CA GLU A 315 5.60 -42.20 23.07
C GLU A 315 6.36 -41.19 22.22
N ALA A 316 5.75 -40.04 21.98
CA ALA A 316 6.39 -39.00 21.17
C ALA A 316 7.69 -38.55 21.81
N VAL A 317 7.68 -38.36 23.11
CA VAL A 317 8.87 -37.93 23.83
C VAL A 317 9.98 -38.94 23.69
N ASN A 318 9.66 -40.20 23.91
CA ASN A 318 10.65 -41.26 23.82
C ASN A 318 11.31 -41.27 22.45
N GLN A 319 10.50 -41.09 21.41
CA GLN A 319 11.01 -41.08 20.05
C GLN A 319 11.96 -39.91 19.83
N VAL A 320 11.58 -38.74 20.33
CA VAL A 320 12.42 -37.56 20.18
C VAL A 320 13.74 -37.74 20.92
N LYS A 321 13.67 -38.23 22.15
CA LYS A 321 14.88 -38.45 22.92
C LYS A 321 15.83 -39.37 22.17
N LYS A 322 15.29 -40.41 21.55
CA LYS A 322 16.12 -41.32 20.78
C LYS A 322 16.88 -40.60 19.69
N LYS A 323 16.18 -39.78 18.92
CA LYS A 323 16.83 -39.05 17.83
C LYS A 323 17.87 -38.08 18.36
N LEU A 324 17.58 -37.44 19.49
CA LEU A 324 18.57 -36.56 20.10
C LEU A 324 19.82 -37.33 20.49
N LYS A 325 19.62 -38.50 21.06
CA LYS A 325 20.74 -39.34 21.47
C LYS A 325 21.71 -39.57 20.33
N GLU A 326 21.19 -39.72 19.12
CA GLU A 326 22.03 -39.95 17.95
C GLU A 326 23.06 -38.83 17.79
N HIS A 327 22.67 -37.61 18.16
CA HIS A 327 23.56 -36.47 18.06
C HIS A 327 24.43 -36.33 19.30
N PHE A 328 23.97 -36.94 20.39
CA PHE A 328 24.66 -36.84 21.67
C PHE A 328 24.84 -38.23 22.29
N PRO A 329 25.71 -39.03 21.68
CA PRO A 329 25.74 -40.49 21.68
C PRO A 329 26.01 -41.12 23.05
N HIS A 330 26.60 -40.35 23.96
CA HIS A 330 26.98 -40.92 25.26
C HIS A 330 26.51 -40.06 26.42
N LYS A 331 25.21 -39.79 26.46
CA LYS A 331 24.63 -38.98 27.53
C LYS A 331 23.15 -39.28 27.70
N ASN A 332 22.62 -38.95 28.87
CA ASN A 332 21.20 -39.06 29.13
C ASN A 332 20.46 -37.81 28.66
N ILE A 333 19.14 -37.93 28.49
CA ILE A 333 18.34 -36.81 28.05
C ILE A 333 17.19 -36.54 28.99
N SER A 334 17.08 -35.30 29.45
CA SER A 334 16.02 -34.90 30.36
C SER A 334 15.26 -33.68 29.85
N PHE A 335 13.94 -33.73 29.96
CA PHE A 335 13.09 -32.61 29.58
C PHE A 335 12.55 -31.90 30.80
N GLN A 336 12.85 -30.61 30.90
CA GLN A 336 12.41 -29.83 32.04
C GLN A 336 11.54 -28.67 31.60
N SER A 337 11.02 -27.94 32.57
CA SER A 337 10.20 -26.78 32.29
C SER A 337 11.05 -25.56 31.96
N SER A 338 10.41 -24.51 31.49
CA SER A 338 11.12 -23.27 31.18
C SER A 338 11.88 -22.76 32.38
N SER A 339 13.09 -22.29 32.15
CA SER A 339 13.91 -21.74 33.20
C SER A 339 13.32 -20.45 33.77
N GLY A 340 12.43 -19.83 33.03
CA GLY A 340 11.83 -18.57 33.45
C GLY A 340 11.71 -17.61 32.29
N GLY A 341 11.12 -16.44 32.55
CA GLY A 341 10.91 -15.43 31.52
C GLY A 341 9.48 -14.94 31.54
N ASP A 342 9.11 -14.17 30.52
CA ASP A 342 7.76 -13.64 30.41
C ASP A 342 6.77 -14.77 30.25
N LEU A 343 5.52 -14.52 30.66
CA LEU A 343 4.46 -15.52 30.56
C LEU A 343 4.41 -16.14 29.16
N GLU A 344 4.62 -15.32 28.15
CA GLU A 344 4.54 -15.75 26.77
C GLU A 344 5.54 -16.86 26.45
N ILE A 345 6.55 -17.01 27.28
CA ILE A 345 7.57 -18.02 27.07
C ILE A 345 7.41 -19.19 28.04
N THR A 346 7.18 -18.86 29.30
CA THR A 346 7.08 -19.87 30.32
C THR A 346 5.88 -20.77 30.10
N THR A 347 4.83 -20.22 29.52
CA THR A 347 3.63 -20.98 29.24
C THR A 347 3.39 -21.12 27.74
N HIS A 348 2.48 -22.03 27.38
CA HIS A 348 2.16 -22.27 25.98
C HIS A 348 1.12 -21.28 25.50
N SER A 349 1.52 -20.42 24.58
CA SER A 349 0.63 -19.40 24.07
C SER A 349 0.07 -19.77 22.72
N PHE A 350 -1.22 -19.53 22.56
CA PHE A 350 -1.85 -19.71 21.25
C PHE A 350 -3.21 -19.05 21.18
N ASN A 351 -3.64 -18.77 19.96
CA ASN A 351 -4.97 -18.24 19.69
C ASN A 351 -5.93 -19.38 19.47
N CYS A 352 -6.95 -19.48 20.30
CA CYS A 352 -7.94 -20.54 20.17
C CYS A 352 -9.09 -20.09 19.27
N GLY A 353 -8.76 -19.27 18.29
CA GLY A 353 -9.73 -18.79 17.33
C GLY A 353 -10.62 -17.72 17.96
N GLY A 354 -10.35 -17.43 19.22
CA GLY A 354 -11.14 -16.48 19.97
C GLY A 354 -10.26 -15.67 20.90
N GLU A 355 -10.47 -15.84 22.19
CA GLU A 355 -9.68 -15.13 23.18
C GLU A 355 -8.36 -15.86 23.41
N PHE A 356 -7.27 -15.10 23.41
CA PHE A 356 -5.94 -15.66 23.60
C PHE A 356 -5.76 -16.15 25.02
N PHE A 357 -5.06 -17.26 25.19
CA PHE A 357 -4.73 -17.72 26.54
C PHE A 357 -3.45 -18.51 26.59
N TYR A 358 -2.97 -18.72 27.81
CA TYR A 358 -1.68 -19.35 28.07
C TYR A 358 -1.83 -20.55 28.98
N CYS A 359 -1.18 -21.65 28.64
CA CYS A 359 -1.31 -22.87 29.42
C CYS A 359 0.02 -23.30 30.03
N ASN A 360 -0.07 -23.86 31.23
CA ASN A 360 1.09 -24.36 31.93
C ASN A 360 1.44 -25.78 31.49
N THR A 361 2.56 -25.93 30.82
CA THR A 361 2.92 -27.21 30.22
C THR A 361 4.01 -27.95 30.99
N SER A 362 4.15 -27.63 32.27
CA SER A 362 5.14 -28.31 33.11
C SER A 362 4.84 -29.80 33.21
N GLY A 363 3.60 -30.18 32.92
CA GLY A 363 3.18 -31.57 32.99
C GLY A 363 3.58 -32.35 31.74
N LEU A 364 4.06 -31.65 30.72
CA LEU A 364 4.48 -32.31 29.49
C LEU A 364 5.98 -32.33 29.36
N PHE A 365 6.60 -31.22 29.67
CA PHE A 365 8.04 -31.15 29.59
C PHE A 365 8.65 -31.72 30.85
N ASN A 366 8.54 -33.03 30.96
CA ASN A 366 8.91 -33.77 32.15
C ASN A 366 9.43 -35.15 31.78
N ASP A 367 10.05 -35.82 32.75
CA ASP A 367 10.54 -37.17 32.54
C ASP A 367 9.55 -38.19 33.09
N THR A 368 8.75 -37.77 34.06
CA THR A 368 7.72 -38.63 34.62
C THR A 368 6.38 -38.36 33.98
N ILE A 369 5.90 -39.34 33.22
CA ILE A 369 4.67 -39.17 32.45
C ILE A 369 3.69 -40.31 32.75
N SER A 370 2.43 -39.96 32.98
CA SER A 370 1.39 -40.96 33.20
C SER A 370 0.69 -41.31 31.89
N ASN A 371 0.04 -42.47 31.86
CA ASN A 371 -0.71 -42.89 30.68
C ASN A 371 -2.00 -42.09 30.54
N ALA A 372 -2.60 -41.77 31.67
CA ALA A 372 -3.87 -41.07 31.70
C ALA A 372 -3.76 -39.70 31.07
N THR A 373 -4.87 -39.21 30.53
CA THR A 373 -4.90 -37.89 29.93
C THR A 373 -4.46 -36.83 30.93
N ILE A 374 -3.58 -35.96 30.49
CA ILE A 374 -3.04 -34.92 31.33
C ILE A 374 -3.81 -33.63 31.14
N MET A 375 -4.27 -33.05 32.23
CA MET A 375 -4.98 -31.78 32.19
C MET A 375 -4.03 -30.63 32.50
N LEU A 376 -3.99 -29.65 31.62
CA LEU A 376 -3.12 -28.51 31.80
C LEU A 376 -3.92 -27.24 31.99
N PRO A 377 -3.73 -26.54 33.11
CA PRO A 377 -4.44 -25.34 33.51
C PRO A 377 -4.00 -24.16 32.65
N CYS A 378 -4.91 -23.23 32.41
CA CYS A 378 -4.60 -22.07 31.59
C CYS A 378 -5.21 -20.80 32.15
N ARG A 379 -4.70 -19.66 31.69
CA ARG A 379 -5.24 -18.37 32.09
C ARG A 379 -5.49 -17.50 30.87
N ILE A 380 -6.50 -16.64 30.96
CA ILE A 380 -6.95 -15.85 29.83
C ILE A 380 -6.60 -14.38 29.97
N LYS A 381 -6.10 -13.78 28.90
CA LYS A 381 -5.83 -12.35 28.87
C LYS A 381 -6.75 -11.63 27.90
N GLN A 382 -7.19 -10.44 28.28
CA GLN A 382 -7.96 -9.59 27.38
C GLN A 382 -7.04 -8.62 26.65
N ILE A 383 -5.96 -8.23 27.31
CA ILE A 383 -5.01 -7.30 26.72
C ILE A 383 -3.76 -8.03 26.26
N ILE A 384 -3.52 -8.02 24.96
CA ILE A 384 -2.45 -8.79 24.37
C ILE A 384 -1.40 -7.91 23.69
N ASN A 385 -0.14 -8.19 23.98
CA ASN A 385 0.95 -7.51 23.31
C ASN A 385 1.51 -8.40 22.21
N MET A 386 1.22 -8.05 20.98
CA MET A 386 1.60 -8.89 19.85
C MET A 386 3.12 -8.90 19.64
N TRP A 387 3.63 -10.09 19.33
CA TRP A 387 5.05 -10.27 19.08
C TRP A 387 5.88 -9.68 20.21
N GLN A 388 6.87 -8.90 19.85
CA GLN A 388 7.73 -8.27 20.84
C GLN A 388 7.82 -6.79 20.56
N GLU A 389 6.75 -6.23 20.02
CA GLU A 389 6.71 -4.82 19.66
C GLU A 389 6.26 -3.97 20.82
N VAL A 390 7.17 -3.15 21.32
CA VAL A 390 6.84 -2.30 22.45
C VAL A 390 6.01 -1.11 22.00
N GLY A 391 4.89 -0.90 22.66
CA GLY A 391 3.98 0.18 22.29
C GLY A 391 2.82 -0.36 21.47
N LYS A 392 2.90 -1.62 21.07
CA LYS A 392 1.82 -2.25 20.33
C LYS A 392 0.93 -3.02 21.27
N CYS A 393 -0.37 -2.81 21.16
CA CYS A 393 -1.31 -3.48 22.03
C CYS A 393 -2.70 -3.60 21.44
N ILE A 394 -3.31 -4.76 21.65
CA ILE A 394 -4.67 -4.98 21.20
C ILE A 394 -5.53 -5.50 22.34
N TYR A 395 -6.81 -5.18 22.28
CA TYR A 395 -7.77 -5.68 23.25
C TYR A 395 -8.72 -6.65 22.58
N ALA A 396 -8.86 -7.82 23.17
CA ALA A 396 -9.74 -8.83 22.60
C ALA A 396 -11.10 -8.79 23.29
N PRO A 397 -12.18 -8.74 22.51
CA PRO A 397 -13.55 -8.80 22.95
C PRO A 397 -13.88 -10.22 23.36
N PRO A 398 -14.82 -10.39 24.29
CA PRO A 398 -15.33 -11.64 24.80
C PRO A 398 -16.13 -12.37 23.76
N ILE A 399 -16.07 -13.69 23.79
CA ILE A 399 -16.88 -14.50 22.90
C ILE A 399 -18.01 -15.19 23.67
N LYS A 400 -19.24 -14.85 23.33
CA LYS A 400 -20.40 -15.40 24.02
C LYS A 400 -20.47 -16.92 23.84
N GLY A 401 -20.66 -17.63 24.94
CA GLY A 401 -20.69 -19.09 24.92
C GLY A 401 -19.29 -19.63 25.17
N ASN A 402 -19.17 -20.95 25.24
CA ASN A 402 -17.85 -21.55 25.50
C ASN A 402 -17.11 -21.83 24.21
N ILE A 403 -15.81 -22.06 24.32
CA ILE A 403 -14.97 -22.38 23.17
C ILE A 403 -14.18 -23.66 23.37
N THR A 404 -14.12 -24.48 22.33
CA THR A 404 -13.29 -25.68 22.33
C THR A 404 -12.51 -25.80 21.04
N CYS A 405 -11.20 -25.98 21.16
CA CYS A 405 -10.35 -26.11 19.99
C CYS A 405 -9.65 -27.47 19.95
N LYS A 406 -9.84 -28.17 18.85
CA LYS A 406 -9.14 -29.43 18.63
C LYS A 406 -8.01 -29.22 17.64
N SER A 407 -6.78 -29.45 18.08
CA SER A 407 -5.63 -29.18 17.24
C SER A 407 -4.58 -30.26 17.38
N ASP A 408 -3.67 -30.30 16.43
CA ASP A 408 -2.58 -31.26 16.45
C ASP A 408 -1.25 -30.62 16.72
N ILE A 409 -0.45 -31.27 17.56
CA ILE A 409 0.93 -30.86 17.75
C ILE A 409 1.77 -31.48 16.66
N THR A 410 2.45 -30.64 15.90
CA THR A 410 3.20 -31.11 14.76
C THR A 410 4.70 -31.00 14.97
N GLY A 411 5.09 -30.18 15.94
CA GLY A 411 6.49 -29.98 16.26
C GLY A 411 6.62 -29.07 17.46
N LEU A 412 7.84 -28.83 17.89
CA LEU A 412 8.06 -27.98 19.04
C LEU A 412 9.45 -27.38 19.04
N LEU A 413 9.62 -26.34 19.86
CA LEU A 413 10.89 -25.66 19.97
C LEU A 413 11.57 -25.94 21.30
N LEU A 414 12.80 -26.44 21.23
CA LEU A 414 13.57 -26.76 22.43
C LEU A 414 14.92 -26.08 22.43
N LEU A 415 15.41 -25.76 23.62
CA LEU A 415 16.77 -25.26 23.77
C LEU A 415 17.51 -26.09 24.81
N ARG A 416 18.83 -26.15 24.69
CA ARG A 416 19.62 -26.95 25.60
C ARG A 416 20.34 -26.10 26.65
N ASP A 417 20.38 -26.58 27.88
CA ASP A 417 21.13 -25.91 28.94
C ASP A 417 22.61 -25.85 28.60
N GLY A 418 23.24 -24.74 28.94
CA GLY A 418 24.68 -24.59 28.70
C GLY A 418 25.50 -25.40 29.71
N CYS A 419 26.81 -25.45 29.48
CA CYS A 419 27.73 -26.20 30.33
C CYS A 419 27.50 -27.70 30.22
N ASN A 420 28.15 -28.45 31.11
CA ASN A 420 28.02 -29.91 31.13
C ASN A 420 28.11 -30.45 32.55
N THR A 421 27.28 -31.42 32.85
CA THR A 421 27.27 -32.03 34.18
C THR A 421 28.06 -33.32 34.22
N ALA A 422 28.62 -33.61 35.40
CA ALA A 422 29.30 -34.87 35.62
C ALA A 422 28.33 -36.04 35.52
N ASN A 423 27.03 -35.72 35.58
CA ASN A 423 25.99 -36.73 35.49
C ASN A 423 25.80 -37.21 34.06
N ASN A 424 26.54 -36.60 33.14
CA ASN A 424 26.49 -36.99 31.75
C ASN A 424 25.07 -36.99 31.21
N ALA A 425 24.33 -35.93 31.53
CA ALA A 425 22.96 -35.80 31.05
C ALA A 425 22.74 -34.40 30.53
N GLU A 426 22.02 -34.31 29.41
CA GLU A 426 21.71 -33.01 28.84
C GLU A 426 20.26 -32.67 29.08
N ILE A 427 20.01 -31.41 29.39
CA ILE A 427 18.67 -30.96 29.71
C ILE A 427 18.12 -30.02 28.65
N PHE A 428 16.92 -30.32 28.18
CA PHE A 428 16.27 -29.51 27.18
C PHE A 428 15.01 -28.87 27.74
N ARG A 429 14.74 -27.65 27.28
CA ARG A 429 13.59 -26.90 27.76
C ARG A 429 12.83 -26.27 26.60
N PRO A 430 11.54 -26.01 26.78
CA PRO A 430 10.67 -25.29 25.88
C PRO A 430 11.12 -23.84 25.75
N GLY A 431 10.82 -23.24 24.61
CA GLY A 431 11.19 -21.85 24.35
C GLY A 431 10.50 -21.31 23.10
N GLY A 432 11.03 -20.22 22.57
CA GLY A 432 10.42 -19.57 21.41
C GLY A 432 10.25 -18.08 21.66
N GLY A 433 9.23 -17.51 21.03
CA GLY A 433 8.92 -16.09 21.20
C GLY A 433 9.12 -15.32 19.92
N ASP A 434 10.15 -15.67 19.17
CA ASP A 434 10.40 -15.04 17.88
C ASP A 434 9.69 -15.80 16.79
N MET A 435 8.60 -15.24 16.30
CA MET A 435 7.73 -15.94 15.36
C MET A 435 8.48 -16.36 14.11
N ARG A 436 9.59 -15.70 13.83
CA ARG A 436 10.37 -16.03 12.65
C ARG A 436 10.76 -17.50 12.65
N ASP A 437 10.94 -18.07 13.84
CA ASP A 437 11.31 -19.46 13.95
C ASP A 437 10.13 -20.37 13.66
N ASN A 438 8.92 -19.85 13.81
CA ASN A 438 7.74 -20.61 13.46
C ASN A 438 7.61 -20.68 11.95
N TRP A 439 7.82 -19.55 11.31
CA TRP A 439 7.78 -19.49 9.87
C TRP A 439 8.91 -20.31 9.28
N ARG A 440 10.07 -20.21 9.91
CA ARG A 440 11.25 -20.93 9.46
C ARG A 440 11.02 -22.43 9.47
N SER A 441 10.11 -22.88 10.31
CA SER A 441 9.83 -24.30 10.46
C SER A 441 8.96 -24.84 9.35
N GLU A 442 8.45 -23.95 8.51
CA GLU A 442 7.59 -24.35 7.41
C GLU A 442 8.22 -24.03 6.05
N LEU A 443 8.93 -22.92 5.98
CA LEU A 443 9.50 -22.43 4.72
C LEU A 443 10.89 -22.98 4.45
N TYR A 444 11.35 -23.89 5.29
CA TYR A 444 12.71 -24.41 5.17
C TYR A 444 12.93 -25.22 3.88
N LYS A 445 11.85 -25.63 3.24
CA LYS A 445 11.97 -26.42 2.02
C LYS A 445 12.09 -25.57 0.76
N TYR A 446 11.91 -24.26 0.90
CA TYR A 446 11.88 -23.40 -0.27
C TYR A 446 13.12 -22.53 -0.42
N LYS A 447 13.48 -22.25 -1.67
CA LYS A 447 14.57 -21.33 -1.99
C LYS A 447 14.21 -20.49 -3.22
N VAL A 448 14.57 -19.22 -3.19
CA VAL A 448 14.25 -18.33 -4.31
C VAL A 448 15.47 -17.93 -5.10
N VAL A 449 15.42 -18.15 -6.41
CA VAL A 449 16.52 -17.80 -7.29
C VAL A 449 16.03 -17.04 -8.50
N LYS A 450 16.94 -16.35 -9.17
CA LYS A 450 16.61 -15.65 -10.41
C LYS A 450 17.23 -16.37 -11.59
N ILE A 451 16.48 -16.40 -12.68
CA ILE A 451 16.95 -17.07 -13.89
C ILE A 451 17.75 -16.15 -14.77
N GLU A 452 18.88 -16.63 -15.25
CA GLU A 452 19.73 -15.85 -16.15
C GLU A 452 19.81 -16.50 -17.53
N PRO A 453 18.85 -16.17 -18.42
CA PRO A 453 18.53 -16.87 -19.64
C PRO A 453 19.60 -16.69 -20.70
N LEU A 454 20.46 -15.71 -20.52
CA LEU A 454 21.46 -15.42 -21.52
C LEU A 454 22.77 -16.14 -21.24
N GLY A 455 23.21 -16.94 -22.21
CA GLY A 455 24.45 -17.69 -22.07
C GLY A 455 25.25 -17.67 -23.36
N VAL A 456 26.56 -17.92 -23.24
CA VAL A 456 27.43 -17.93 -24.40
C VAL A 456 28.29 -19.18 -24.43
N ALA A 457 28.46 -19.75 -25.62
CA ALA A 457 29.24 -20.98 -25.78
C ALA A 457 30.00 -20.95 -27.12
N PRO A 458 31.13 -21.70 -27.21
CA PRO A 458 31.93 -21.92 -28.40
C PRO A 458 31.28 -22.89 -29.36
N THR A 459 31.24 -22.52 -30.62
CA THR A 459 30.69 -23.38 -31.67
C THR A 459 31.54 -23.31 -32.94
N ARG A 460 31.35 -24.27 -33.84
CA ARG A 460 32.06 -24.27 -35.12
C ARG A 460 31.20 -23.67 -36.23
N CYS A 461 31.03 -22.35 -36.20
CA CYS A 461 30.22 -21.66 -37.20
C CYS A 461 30.63 -20.20 -37.31
N LYS A 462 30.10 -19.52 -38.33
CA LYS A 462 30.29 -18.10 -38.49
C LYS A 462 29.05 -17.47 -39.12
N ARG A 463 28.58 -16.38 -38.53
CA ARG A 463 27.39 -15.71 -39.05
C ARG A 463 27.57 -15.26 -40.48
N ARG A 464 26.57 -15.54 -41.32
CA ARG A 464 26.62 -15.17 -42.72
C ARG A 464 27.91 -15.65 -43.37
N PHE A 484 8.86 -26.86 -17.31
CA PHE A 484 9.59 -25.59 -17.23
C PHE A 484 10.90 -25.75 -16.48
N LEU A 485 11.99 -25.35 -17.13
CA LEU A 485 13.31 -25.33 -16.53
C LEU A 485 13.79 -26.74 -16.19
N GLY A 486 13.08 -27.76 -16.69
CA GLY A 486 13.48 -29.13 -16.47
C GLY A 486 14.78 -29.44 -17.19
N ALA A 487 15.12 -28.59 -18.15
CA ALA A 487 16.32 -28.75 -18.95
C ALA A 487 17.57 -28.54 -18.12
N ALA A 488 17.41 -28.03 -16.91
CA ALA A 488 18.54 -27.79 -16.03
C ALA A 488 19.36 -29.05 -15.81
N GLY A 489 18.69 -30.20 -15.85
CA GLY A 489 19.35 -31.47 -15.62
C GLY A 489 19.95 -32.04 -16.91
N SER A 490 19.72 -31.35 -18.02
CA SER A 490 20.19 -31.83 -19.32
C SER A 490 21.50 -31.19 -19.71
N THR A 491 22.18 -31.81 -20.64
CA THR A 491 23.44 -31.29 -21.14
C THR A 491 23.21 -30.05 -21.98
N MET A 492 24.25 -29.26 -22.19
CA MET A 492 24.13 -28.01 -22.92
C MET A 492 23.48 -28.18 -24.28
N GLY A 493 23.89 -29.22 -25.00
CA GLY A 493 23.36 -29.48 -26.33
C GLY A 493 21.86 -29.74 -26.29
N ALA A 494 21.46 -30.78 -25.58
CA ALA A 494 20.05 -31.16 -25.52
C ALA A 494 19.20 -30.03 -24.96
N ALA A 495 19.73 -29.31 -23.99
CA ALA A 495 18.99 -28.25 -23.33
C ALA A 495 18.59 -27.15 -24.30
N SER A 496 19.28 -27.06 -25.42
CA SER A 496 19.03 -26.02 -26.38
C SER A 496 17.71 -26.25 -27.12
N MET A 497 17.12 -27.42 -26.94
CA MET A 497 15.87 -27.78 -27.62
C MET A 497 14.64 -27.30 -26.85
N THR A 498 14.88 -26.70 -25.69
CA THR A 498 13.78 -26.25 -24.83
C THR A 498 13.87 -24.76 -24.52
N LEU A 499 14.62 -24.03 -25.34
CA LEU A 499 14.83 -22.61 -25.07
C LEU A 499 13.53 -21.83 -25.09
N THR A 500 12.63 -22.18 -26.00
CA THR A 500 11.33 -21.52 -26.07
C THR A 500 10.48 -21.82 -24.86
N VAL A 501 10.48 -23.08 -24.46
CA VAL A 501 9.67 -23.51 -23.33
C VAL A 501 9.96 -22.68 -22.10
N GLN A 502 11.24 -22.39 -21.89
CA GLN A 502 11.67 -21.60 -20.75
C GLN A 502 11.44 -20.12 -20.98
N ALA A 503 11.94 -19.61 -22.10
CA ALA A 503 11.93 -18.18 -22.37
C ALA A 503 10.53 -17.60 -22.38
N ARG A 504 9.56 -18.36 -22.89
CA ARG A 504 8.19 -17.87 -23.02
C ARG A 504 7.54 -17.63 -21.66
N ASN A 505 8.14 -18.15 -20.60
CA ASN A 505 7.58 -18.02 -19.26
C ASN A 505 8.37 -17.06 -18.38
N LEU A 506 9.23 -16.26 -18.99
CA LEU A 506 10.05 -15.32 -18.22
C LEU A 506 9.56 -13.89 -18.35
N LEU A 507 8.33 -13.72 -18.82
CA LEU A 507 7.77 -12.39 -19.00
C LEU A 507 6.50 -12.15 -18.18
N SER A 508 5.49 -12.97 -18.42
CA SER A 508 4.18 -12.73 -17.81
C SER A 508 3.61 -13.98 -17.15
N GLY A 509 4.49 -14.79 -16.59
CA GLY A 509 4.08 -16.03 -15.94
C GLY A 509 3.07 -15.79 -14.83
N ILE A 510 3.04 -14.56 -14.31
CA ILE A 510 2.12 -14.19 -13.24
C ILE A 510 0.66 -14.22 -13.69
N VAL A 511 0.44 -14.20 -15.00
CA VAL A 511 -0.90 -14.25 -15.56
C VAL A 511 -0.96 -15.20 -16.75
N VAL A 532 -2.21 -4.42 1.65
CA VAL A 532 -0.80 -4.06 1.71
C VAL A 532 -0.02 -4.80 0.64
N TRP A 533 -0.69 -5.70 -0.05
CA TRP A 533 -0.06 -6.51 -1.08
C TRP A 533 -0.02 -5.79 -2.42
N GLY A 534 -0.91 -4.81 -2.58
CA GLY A 534 -1.06 -4.10 -3.85
C GLY A 534 0.26 -3.53 -4.35
N ILE A 535 0.93 -2.75 -3.50
CA ILE A 535 2.16 -2.10 -3.90
C ILE A 535 3.23 -3.11 -4.26
N LYS A 536 3.26 -4.24 -3.58
CA LYS A 536 4.26 -5.26 -3.85
C LYS A 536 4.05 -5.87 -5.22
N GLN A 537 2.80 -6.16 -5.54
CA GLN A 537 2.47 -6.73 -6.84
C GLN A 537 2.85 -5.76 -7.95
N LEU A 538 2.56 -4.47 -7.74
CA LEU A 538 2.85 -3.46 -8.74
C LEU A 538 4.37 -3.34 -8.96
N GLN A 539 5.11 -3.32 -7.87
CA GLN A 539 6.57 -3.22 -7.95
C GLN A 539 7.14 -4.42 -8.68
N ALA A 540 6.62 -5.60 -8.37
CA ALA A 540 7.09 -6.83 -8.98
C ALA A 540 6.87 -6.81 -10.49
N ARG A 541 5.71 -6.33 -10.90
CA ARG A 541 5.39 -6.26 -12.32
C ARG A 541 6.41 -5.41 -13.07
N VAL A 542 6.73 -4.25 -12.52
CA VAL A 542 7.68 -3.36 -13.15
C VAL A 542 9.06 -3.99 -13.26
N LEU A 543 9.51 -4.62 -12.18
CA LEU A 543 10.82 -5.25 -12.18
C LEU A 543 10.93 -6.28 -13.28
N ALA A 544 9.90 -7.12 -13.41
CA ALA A 544 9.91 -8.17 -14.43
C ALA A 544 10.10 -7.57 -15.81
N VAL A 545 9.42 -6.47 -16.07
CA VAL A 545 9.53 -5.80 -17.36
C VAL A 545 10.94 -5.29 -17.58
N GLU A 546 11.50 -4.62 -16.58
CA GLU A 546 12.84 -4.07 -16.71
C GLU A 546 13.84 -5.11 -17.13
N ARG A 547 13.83 -6.25 -16.44
CA ARG A 547 14.78 -7.31 -16.75
C ARG A 547 14.57 -7.84 -18.16
N TYR A 548 13.32 -8.09 -18.51
CA TYR A 548 13.01 -8.61 -19.83
C TYR A 548 13.55 -7.71 -20.92
N LEU A 549 13.23 -6.44 -20.84
CA LEU A 549 13.64 -5.51 -21.88
C LEU A 549 15.14 -5.39 -21.96
N ARG A 550 15.79 -5.36 -20.81
CA ARG A 550 17.24 -5.28 -20.79
C ARG A 550 17.85 -6.36 -21.68
N ASP A 551 17.45 -7.60 -21.45
CA ASP A 551 18.00 -8.71 -22.20
C ASP A 551 17.66 -8.62 -23.68
N GLN A 552 16.43 -8.22 -23.99
CA GLN A 552 16.03 -8.09 -25.37
C GLN A 552 16.83 -7.02 -26.08
N GLN A 553 17.13 -5.95 -25.37
CA GLN A 553 17.91 -4.86 -25.93
C GLN A 553 19.28 -5.36 -26.34
N LEU A 554 19.90 -6.16 -25.48
CA LEU A 554 21.22 -6.69 -25.76
C LEU A 554 21.20 -7.57 -27.00
N LEU A 555 20.21 -8.43 -27.10
CA LEU A 555 20.10 -9.32 -28.24
C LEU A 555 19.93 -8.52 -29.52
N GLY A 556 19.16 -7.45 -29.43
CA GLY A 556 18.96 -6.56 -30.57
C GLY A 556 20.28 -5.94 -30.99
N ILE A 557 20.99 -5.37 -30.04
CA ILE A 557 22.25 -4.69 -30.32
C ILE A 557 23.26 -5.63 -30.97
N TRP A 558 23.31 -6.86 -30.49
CA TRP A 558 24.27 -7.83 -30.99
C TRP A 558 23.86 -8.42 -32.33
N GLY A 559 22.71 -7.98 -32.86
CA GLY A 559 22.23 -8.45 -34.14
C GLY A 559 21.64 -9.85 -34.06
N CYS A 560 21.14 -10.21 -32.88
CA CYS A 560 20.60 -11.55 -32.67
C CYS A 560 19.11 -11.49 -32.32
N SER A 561 18.45 -10.43 -32.74
CA SER A 561 17.05 -10.23 -32.41
C SER A 561 16.18 -11.35 -32.95
N GLY A 562 15.29 -11.87 -32.10
CA GLY A 562 14.30 -12.86 -32.52
C GLY A 562 14.86 -14.27 -32.59
N LYS A 563 16.16 -14.41 -32.35
CA LYS A 563 16.78 -15.72 -32.42
C LYS A 563 16.92 -16.34 -31.05
N LEU A 564 17.00 -17.66 -31.02
CA LEU A 564 17.25 -18.37 -29.78
C LEU A 564 18.69 -18.80 -29.73
N ILE A 565 19.21 -19.23 -30.88
CA ILE A 565 20.62 -19.55 -30.99
C ILE A 565 21.25 -18.73 -32.09
N CYS A 566 22.09 -17.78 -31.70
CA CYS A 566 22.63 -16.82 -32.64
C CYS A 566 24.14 -16.93 -32.80
N CYS A 567 24.57 -17.38 -33.96
CA CYS A 567 25.99 -17.46 -34.27
C CYS A 567 26.47 -16.06 -34.63
N THR A 568 27.62 -15.67 -34.10
CA THR A 568 28.12 -14.31 -34.29
C THR A 568 29.33 -14.26 -35.22
N ASN A 569 29.93 -13.07 -35.32
CA ASN A 569 31.12 -12.86 -36.13
C ASN A 569 32.35 -12.61 -35.27
N VAL A 570 32.27 -13.01 -34.01
CA VAL A 570 33.38 -12.87 -33.09
C VAL A 570 33.99 -14.23 -32.77
N PRO A 571 35.30 -14.42 -33.00
CA PRO A 571 36.04 -15.64 -32.82
C PRO A 571 36.20 -15.97 -31.35
N TRP A 572 36.28 -17.26 -31.04
CA TRP A 572 36.45 -17.71 -29.67
C TRP A 572 37.88 -17.53 -29.21
N ASN A 573 38.06 -17.09 -27.97
CA ASN A 573 39.40 -16.92 -27.40
C ASN A 573 39.90 -18.21 -26.79
N SER A 574 41.21 -18.35 -26.71
CA SER A 574 41.82 -19.53 -26.12
C SER A 574 41.90 -19.41 -24.61
N SER A 575 41.90 -18.18 -24.13
CA SER A 575 42.04 -17.93 -22.69
C SER A 575 40.73 -18.14 -21.96
N TRP A 576 39.63 -18.25 -22.69
CA TRP A 576 38.32 -18.34 -22.08
C TRP A 576 37.99 -19.75 -21.61
N SER A 577 38.54 -20.76 -22.28
CA SER A 577 38.24 -22.14 -21.94
C SER A 577 39.23 -23.11 -22.56
N ASN A 578 39.55 -24.16 -21.81
CA ASN A 578 40.41 -25.21 -22.30
C ASN A 578 39.69 -26.56 -22.27
N ARG A 579 38.38 -26.51 -22.38
CA ARG A 579 37.58 -27.73 -22.35
C ARG A 579 37.36 -28.28 -23.75
N ASN A 580 37.20 -29.59 -23.84
CA ASN A 580 36.91 -30.24 -25.11
C ASN A 580 35.52 -29.85 -25.60
N LEU A 581 35.40 -29.56 -26.88
CA LEU A 581 34.13 -29.16 -27.45
C LEU A 581 33.06 -30.21 -27.18
N SER A 582 33.44 -31.48 -27.28
CA SER A 582 32.51 -32.56 -27.09
C SER A 582 32.02 -32.61 -25.64
N GLU A 583 32.94 -32.44 -24.71
CA GLU A 583 32.57 -32.43 -23.30
C GLU A 583 31.61 -31.29 -23.00
N ILE A 584 31.87 -30.15 -23.61
CA ILE A 584 31.05 -28.97 -23.38
C ILE A 584 29.60 -29.22 -23.75
N TRP A 585 29.36 -29.79 -24.92
CA TRP A 585 28.00 -29.94 -25.41
C TRP A 585 27.35 -31.26 -25.03
N ASP A 586 28.15 -32.31 -24.88
CA ASP A 586 27.62 -33.65 -24.64
C ASP A 586 27.63 -34.07 -23.17
N ASN A 587 28.51 -33.46 -22.37
CA ASN A 587 28.65 -33.86 -20.98
C ASN A 587 28.20 -32.78 -20.01
N MET A 588 28.73 -31.58 -20.18
CA MET A 588 28.45 -30.49 -19.26
C MET A 588 27.03 -29.99 -19.36
N THR A 589 26.52 -29.49 -18.25
CA THR A 589 25.24 -28.81 -18.22
C THR A 589 25.47 -27.31 -18.23
N TRP A 590 24.41 -26.55 -18.48
CA TRP A 590 24.55 -25.09 -18.56
C TRP A 590 24.98 -24.49 -17.23
N LEU A 591 24.52 -25.08 -16.13
CA LEU A 591 24.90 -24.60 -14.81
C LEU A 591 26.41 -24.71 -14.60
N GLN A 592 26.96 -25.85 -14.98
CA GLN A 592 28.39 -26.09 -14.83
C GLN A 592 29.18 -25.17 -15.72
N TRP A 593 28.68 -24.96 -16.92
CA TRP A 593 29.32 -24.08 -17.87
C TRP A 593 29.40 -22.67 -17.34
N ASP A 594 28.28 -22.16 -16.87
CA ASP A 594 28.20 -20.80 -16.37
C ASP A 594 29.28 -20.54 -15.33
N LYS A 595 29.44 -21.46 -14.40
CA LYS A 595 30.38 -21.29 -13.30
C LYS A 595 31.82 -21.17 -13.78
N GLU A 596 32.08 -21.57 -15.03
CA GLU A 596 33.43 -21.54 -15.55
C GLU A 596 33.65 -20.38 -16.54
N ILE A 597 32.66 -20.12 -17.37
CA ILE A 597 32.81 -19.13 -18.43
C ILE A 597 32.45 -17.72 -17.98
N SER A 598 31.74 -17.60 -16.87
CA SER A 598 31.26 -16.30 -16.40
C SER A 598 32.41 -15.30 -16.23
N ASN A 599 33.62 -15.83 -16.11
CA ASN A 599 34.81 -15.03 -15.89
C ASN A 599 34.98 -13.94 -16.93
N TYR A 600 34.44 -14.17 -18.12
CA TYR A 600 34.66 -13.25 -19.23
C TYR A 600 33.36 -12.72 -19.80
N THR A 601 32.32 -12.66 -18.97
CA THR A 601 31.01 -12.22 -19.42
C THR A 601 31.04 -10.86 -20.11
N GLN A 602 31.62 -9.89 -19.43
CA GLN A 602 31.65 -8.53 -19.96
C GLN A 602 32.59 -8.40 -21.14
N ILE A 603 33.67 -9.18 -21.12
CA ILE A 603 34.64 -9.14 -22.19
C ILE A 603 33.98 -9.46 -23.52
N ILE A 604 33.22 -10.54 -23.53
CA ILE A 604 32.54 -10.98 -24.73
C ILE A 604 31.50 -9.97 -25.19
N TYR A 605 30.70 -9.50 -24.25
CA TYR A 605 29.64 -8.55 -24.58
C TYR A 605 30.18 -7.34 -25.30
N GLY A 606 31.30 -6.82 -24.81
CA GLY A 606 31.94 -5.66 -25.43
C GLY A 606 32.25 -5.94 -26.90
N LEU A 607 32.90 -7.07 -27.16
CA LEU A 607 33.27 -7.43 -28.52
C LEU A 607 32.06 -7.56 -29.43
N LEU A 608 30.99 -8.12 -28.89
CA LEU A 608 29.78 -8.33 -29.68
C LEU A 608 29.20 -7.00 -30.16
N GLU A 609 29.20 -6.01 -29.28
CA GLU A 609 28.68 -4.70 -29.64
C GLU A 609 29.51 -4.08 -30.75
N GLU A 610 30.83 -4.21 -30.64
CA GLU A 610 31.74 -3.66 -31.64
C GLU A 610 31.49 -4.30 -33.00
N SER A 611 31.21 -5.60 -32.99
CA SER A 611 30.95 -6.34 -34.22
C SER A 611 29.78 -5.74 -34.99
N GLN A 612 28.67 -5.51 -34.31
CA GLN A 612 27.51 -4.97 -34.98
C GLN A 612 27.77 -3.59 -35.53
N ASN A 613 28.53 -2.78 -34.78
CA ASN A 613 28.88 -1.45 -35.26
C ASN A 613 29.62 -1.54 -36.58
N GLN A 614 30.56 -2.48 -36.65
CA GLN A 614 31.30 -2.72 -37.88
C GLN A 614 30.37 -3.12 -39.00
N GLN A 615 29.43 -4.00 -38.69
CA GLN A 615 28.50 -4.48 -39.69
C GLN A 615 27.62 -3.36 -40.21
N GLU A 616 27.16 -2.49 -39.31
CA GLU A 616 26.26 -1.41 -39.69
C GLU A 616 26.91 -0.44 -40.67
N LYS A 617 28.17 -0.11 -40.43
CA LYS A 617 28.86 0.82 -41.31
C LYS A 617 29.20 0.14 -42.64
N ASN A 618 29.44 -1.16 -42.60
CA ASN A 618 29.69 -1.90 -43.82
C ASN A 618 28.44 -1.95 -44.68
N GLU A 619 27.29 -2.11 -44.05
CA GLU A 619 26.03 -2.13 -44.78
C GLU A 619 25.77 -0.78 -45.43
N GLN A 620 26.05 0.29 -44.70
CA GLN A 620 25.86 1.63 -45.24
C GLN A 620 26.80 1.87 -46.41
N ASP A 621 28.02 1.38 -46.30
CA ASP A 621 28.98 1.50 -47.38
C ASP A 621 28.44 0.85 -48.64
N LEU A 622 27.94 -0.38 -48.49
CA LEU A 622 27.39 -1.11 -49.62
C LEU A 622 26.14 -0.45 -50.19
N LEU A 623 25.28 0.04 -49.31
CA LEU A 623 24.05 0.69 -49.73
C LEU A 623 24.32 1.94 -50.55
N ALA A 624 25.39 2.64 -50.20
CA ALA A 624 25.77 3.88 -50.87
C ALA A 624 26.17 3.63 -52.32
N LEU A 625 26.44 2.37 -52.66
CA LEU A 625 26.89 2.03 -54.01
C LEU A 625 25.71 1.89 -54.96
N GLU B 20 31.31 -32.80 26.02
CA GLU B 20 31.53 -31.40 26.27
C GLU B 20 32.85 -30.92 25.68
N ILE B 21 33.15 -29.65 25.85
CA ILE B 21 34.38 -29.08 25.35
C ILE B 21 35.30 -28.64 26.48
N VAL B 22 36.52 -29.13 26.45
CA VAL B 22 37.52 -28.74 27.42
C VAL B 22 38.72 -28.15 26.72
N LEU B 23 39.04 -26.91 27.05
CA LEU B 23 40.13 -26.22 26.39
C LEU B 23 41.39 -26.24 27.24
N THR B 24 42.50 -26.60 26.61
CA THR B 24 43.80 -26.60 27.28
C THR B 24 44.80 -25.74 26.54
N GLN B 25 45.53 -24.92 27.29
CA GLN B 25 46.51 -24.01 26.70
C GLN B 25 47.89 -24.26 27.27
N SER B 26 48.91 -23.89 26.51
CA SER B 26 50.29 -24.05 26.95
C SER B 26 51.22 -23.16 26.13
N PRO B 27 52.41 -22.87 26.66
CA PRO B 27 52.87 -23.06 28.04
C PRO B 27 52.06 -22.22 29.01
N ALA B 28 51.92 -22.72 30.24
CA ALA B 28 51.17 -22.00 31.27
C ALA B 28 51.71 -20.59 31.44
N THR B 29 53.03 -20.48 31.47
CA THR B 29 53.68 -19.18 31.64
C THR B 29 54.86 -19.05 30.70
N LEU B 30 55.10 -17.83 30.24
CA LEU B 30 56.21 -17.55 29.34
C LEU B 30 56.98 -16.30 29.73
N SER B 31 58.24 -16.47 30.10
CA SER B 31 59.10 -15.34 30.40
C SER B 31 59.75 -14.84 29.13
N LEU B 32 59.23 -13.74 28.60
CA LEU B 32 59.65 -13.24 27.30
C LEU B 32 60.20 -11.83 27.39
N SER B 33 61.00 -11.45 26.41
CA SER B 33 61.54 -10.10 26.36
C SER B 33 60.94 -9.31 25.21
N PRO B 34 60.93 -7.97 25.31
CA PRO B 34 60.51 -7.03 24.30
C PRO B 34 61.20 -7.28 22.98
N GLY B 35 60.45 -7.17 21.89
CA GLY B 35 61.00 -7.32 20.55
C GLY B 35 60.89 -8.77 20.05
N GLU B 36 60.67 -9.69 20.96
CA GLU B 36 60.61 -11.10 20.61
C GLU B 36 59.26 -11.49 20.04
N ARG B 37 59.12 -12.76 19.70
CA ARG B 37 57.85 -13.29 19.19
C ARG B 37 57.52 -14.59 19.89
N ALA B 38 56.24 -14.82 20.16
CA ALA B 38 55.81 -16.03 20.82
C ALA B 38 54.41 -16.41 20.41
N THR B 39 54.06 -17.67 20.60
CA THR B 39 52.74 -18.14 20.27
C THR B 39 52.13 -18.95 21.41
N LEU B 40 50.80 -18.97 21.48
CA LEU B 40 50.10 -19.71 22.54
C LEU B 40 49.13 -20.72 21.96
N SER B 41 49.29 -21.99 22.35
CA SER B 41 48.48 -23.06 21.80
C SER B 41 47.12 -23.13 22.48
N CYS B 42 46.20 -23.86 21.84
CA CYS B 42 44.89 -24.15 22.41
C CYS B 42 44.30 -25.38 21.74
N ARG B 43 43.94 -26.37 22.55
CA ARG B 43 43.39 -27.60 21.99
C ARG B 43 42.03 -27.94 22.57
N ALA B 44 41.24 -28.68 21.80
CA ALA B 44 39.92 -29.12 22.23
C ALA B 44 39.69 -30.57 21.83
N SER B 45 38.80 -31.24 22.55
CA SER B 45 38.49 -32.64 22.28
C SER B 45 37.51 -32.79 21.13
N GLN B 46 36.89 -31.68 20.73
CA GLN B 46 35.89 -31.71 19.67
C GLN B 46 36.17 -30.64 18.63
N SER B 47 35.84 -30.95 17.39
CA SER B 47 35.99 -30.00 16.30
C SER B 47 34.96 -28.90 16.39
N VAL B 48 35.43 -27.65 16.34
CA VAL B 48 34.56 -26.49 16.41
C VAL B 48 34.79 -25.58 15.23
N SER B 49 35.32 -26.15 14.16
CA SER B 49 35.65 -25.41 12.96
C SER B 49 36.64 -24.28 13.29
N SER B 50 36.14 -23.06 13.40
CA SER B 50 37.00 -21.90 13.68
C SER B 50 36.35 -20.92 14.64
N TYR B 51 35.31 -21.36 15.34
CA TYR B 51 34.57 -20.47 16.24
C TYR B 51 35.32 -20.27 17.54
N LEU B 52 36.46 -19.59 17.46
CA LEU B 52 37.30 -19.33 18.62
C LEU B 52 37.42 -17.86 18.91
N ALA B 53 37.84 -17.54 20.13
CA ALA B 53 38.16 -16.19 20.50
C ALA B 53 39.29 -16.17 21.52
N TRP B 54 40.05 -15.09 21.50
CA TRP B 54 41.13 -14.90 22.47
C TRP B 54 40.95 -13.61 23.21
N TYR B 55 41.16 -13.64 24.53
CA TYR B 55 40.97 -12.47 25.36
C TYR B 55 42.22 -12.11 26.15
N GLN B 56 42.45 -10.82 26.29
CA GLN B 56 43.54 -10.30 27.13
C GLN B 56 43.01 -9.94 28.50
N GLN B 57 43.73 -10.34 29.53
CA GLN B 57 43.31 -10.06 30.90
C GLN B 57 44.43 -9.48 31.74
N LYS B 58 44.23 -8.25 32.21
CA LYS B 58 45.20 -7.60 33.08
C LYS B 58 44.64 -7.50 34.50
N PRO B 59 45.51 -7.45 35.51
CA PRO B 59 45.19 -7.29 36.91
C PRO B 59 44.23 -6.13 37.15
N GLY B 60 43.09 -6.44 37.76
CA GLY B 60 42.10 -5.43 38.13
C GLY B 60 41.30 -4.91 36.94
N GLN B 61 41.59 -5.41 35.75
CA GLN B 61 40.93 -4.92 34.55
C GLN B 61 39.87 -5.89 34.04
N ALA B 62 38.97 -5.40 33.21
CA ALA B 62 38.02 -6.27 32.55
C ALA B 62 38.73 -7.01 31.41
N PRO B 63 38.27 -8.21 31.05
CA PRO B 63 38.66 -8.96 29.88
C PRO B 63 38.44 -8.14 28.62
N ARG B 64 39.35 -8.28 27.66
CA ARG B 64 39.20 -7.60 26.38
C ARG B 64 39.38 -8.55 25.21
N LEU B 65 38.47 -8.48 24.26
CA LEU B 65 38.56 -9.31 23.08
C LEU B 65 39.76 -8.94 22.24
N LEU B 66 40.59 -9.93 21.93
CA LEU B 66 41.77 -9.71 21.13
C LEU B 66 41.57 -10.23 19.71
N ILE B 67 41.25 -11.52 19.61
CA ILE B 67 41.05 -12.19 18.32
C ILE B 67 39.75 -12.97 18.33
N TYR B 68 39.06 -12.97 17.19
CA TYR B 68 37.86 -13.78 17.05
C TYR B 68 37.86 -14.49 15.71
N ASP B 69 37.14 -15.61 15.63
CA ASP B 69 37.11 -16.45 14.44
C ASP B 69 38.50 -17.03 14.15
N ALA B 70 39.38 -16.91 15.13
CA ALA B 70 40.75 -17.36 15.00
C ALA B 70 41.42 -16.77 13.76
N SER B 71 41.04 -15.56 13.39
CA SER B 71 41.64 -14.91 12.23
C SER B 71 41.45 -13.40 12.23
N ASN B 72 40.38 -12.95 12.88
CA ASN B 72 40.01 -11.55 12.81
C ASN B 72 40.41 -10.78 14.06
N ARG B 73 41.02 -9.62 13.85
CA ARG B 73 41.41 -8.76 14.96
C ARG B 73 40.24 -7.95 15.49
N ALA B 74 40.19 -7.79 16.80
CA ALA B 74 39.17 -6.96 17.44
C ALA B 74 39.50 -5.49 17.24
N THR B 75 38.51 -4.63 17.45
CA THR B 75 38.70 -3.20 17.29
C THR B 75 39.76 -2.67 18.23
N GLY B 76 40.67 -1.88 17.67
CA GLY B 76 41.72 -1.24 18.46
C GLY B 76 42.92 -2.16 18.67
N ILE B 77 42.90 -3.33 18.03
CA ILE B 77 44.00 -4.28 18.17
C ILE B 77 45.00 -4.16 17.00
N PRO B 78 46.27 -3.83 17.30
CA PRO B 78 47.38 -3.69 16.36
C PRO B 78 47.57 -4.95 15.51
N ALA B 79 48.00 -4.73 14.27
CA ALA B 79 48.21 -5.81 13.31
C ALA B 79 49.09 -6.92 13.86
N ARG B 80 50.04 -6.56 14.73
CA ARG B 80 51.00 -7.53 15.25
C ARG B 80 50.34 -8.65 16.06
N PHE B 81 49.04 -8.49 16.33
CA PHE B 81 48.28 -9.52 17.02
C PHE B 81 47.50 -10.36 16.02
N SER B 82 47.83 -11.64 15.95
CA SER B 82 47.13 -12.54 15.05
C SER B 82 47.06 -13.95 15.62
N GLY B 83 46.72 -14.90 14.76
CA GLY B 83 46.55 -16.29 15.18
C GLY B 83 45.85 -17.09 14.10
N SER B 84 45.83 -18.40 14.28
CA SER B 84 45.22 -19.29 13.31
C SER B 84 44.95 -20.65 13.90
N GLY B 85 44.28 -21.51 13.15
CA GLY B 85 44.04 -22.88 13.59
C GLY B 85 42.84 -23.48 12.89
N SER B 86 42.59 -24.75 13.17
CA SER B 86 41.46 -25.45 12.56
C SER B 86 41.08 -26.70 13.33
N GLY B 87 39.77 -26.94 13.46
CA GLY B 87 39.27 -28.17 14.05
C GLY B 87 39.53 -28.23 15.54
N THR B 88 40.63 -28.86 15.92
CA THR B 88 40.92 -29.12 17.31
C THR B 88 42.27 -28.58 17.76
N ASP B 89 42.98 -27.91 16.86
CA ASP B 89 44.31 -27.39 17.16
C ASP B 89 44.46 -25.93 16.71
N PHE B 90 44.52 -25.02 17.68
CA PHE B 90 44.60 -23.61 17.40
C PHE B 90 45.75 -22.94 18.14
N THR B 91 46.25 -21.83 17.59
CA THR B 91 47.34 -21.10 18.23
C THR B 91 47.23 -19.59 18.01
N LEU B 92 47.49 -18.83 19.07
CA LEU B 92 47.55 -17.37 19.01
C LEU B 92 48.97 -16.93 18.73
N THR B 93 49.13 -15.97 17.82
CA THR B 93 50.47 -15.47 17.49
C THR B 93 50.62 -13.99 17.73
N ILE B 94 51.63 -13.61 18.51
CA ILE B 94 51.90 -12.21 18.77
C ILE B 94 53.35 -11.87 18.44
N SER B 95 53.54 -10.93 17.52
CA SER B 95 54.88 -10.51 17.12
C SER B 95 55.28 -9.20 17.79
N SER B 96 56.57 -8.87 17.71
CA SER B 96 57.06 -7.61 18.28
C SER B 96 56.54 -7.41 19.69
N LEU B 97 56.79 -8.39 20.54
CA LEU B 97 56.25 -8.38 21.89
C LEU B 97 56.66 -7.13 22.66
N GLU B 98 55.72 -6.59 23.41
CA GLU B 98 55.95 -5.43 24.25
C GLU B 98 55.74 -5.81 25.71
N PRO B 99 56.28 -5.04 26.65
CA PRO B 99 56.01 -5.08 28.07
C PRO B 99 54.51 -5.05 28.35
N GLU B 100 53.78 -4.38 27.47
CA GLU B 100 52.34 -4.23 27.61
C GLU B 100 51.61 -5.55 27.35
N ASP B 101 52.34 -6.53 26.84
CA ASP B 101 51.76 -7.82 26.52
C ASP B 101 51.88 -8.78 27.68
N PHE B 102 52.52 -8.33 28.75
CA PHE B 102 52.73 -9.20 29.90
C PHE B 102 51.46 -9.33 30.71
N ALA B 103 50.50 -10.04 30.15
CA ALA B 103 49.19 -10.23 30.73
C ALA B 103 48.73 -11.66 30.55
N VAL B 104 47.52 -11.97 30.99
CA VAL B 104 46.98 -13.30 30.84
C VAL B 104 46.09 -13.38 29.62
N TYR B 105 46.27 -14.41 28.82
CA TYR B 105 45.47 -14.56 27.62
C TYR B 105 44.65 -15.84 27.66
N TYR B 106 43.37 -15.72 27.38
CA TYR B 106 42.46 -16.86 27.46
C TYR B 106 41.96 -17.30 26.09
N CYS B 107 41.77 -18.61 25.96
CA CYS B 107 41.15 -19.21 24.79
C CYS B 107 39.69 -19.54 25.11
N GLN B 108 38.77 -19.11 24.25
CA GLN B 108 37.35 -19.32 24.51
C GLN B 108 36.60 -19.91 23.33
N GLN B 109 35.69 -20.83 23.62
CA GLN B 109 34.80 -21.42 22.64
C GLN B 109 33.39 -21.53 23.21
N TYR B 110 32.48 -20.74 22.67
CA TYR B 110 31.13 -20.69 23.20
C TYR B 110 31.20 -20.25 24.67
N GLU B 111 30.54 -21.01 25.54
CA GLU B 111 30.56 -20.69 26.96
C GLU B 111 31.77 -21.30 27.67
N PHE B 112 32.57 -22.04 26.92
CA PHE B 112 33.70 -22.75 27.51
C PHE B 112 34.96 -21.89 27.53
N PHE B 113 35.49 -21.67 28.73
CA PHE B 113 36.71 -20.90 28.90
C PHE B 113 37.87 -21.81 29.22
N GLY B 114 39.03 -21.50 28.67
CA GLY B 114 40.24 -22.23 28.97
C GLY B 114 40.88 -21.71 30.24
N GLN B 115 42.11 -22.13 30.49
CA GLN B 115 42.83 -21.71 31.69
C GLN B 115 43.66 -20.47 31.41
N GLY B 116 44.09 -20.34 30.17
CA GLY B 116 44.86 -19.18 29.74
C GLY B 116 46.31 -19.30 30.13
N THR B 117 47.12 -18.40 29.61
CA THR B 117 48.55 -18.36 29.91
C THR B 117 48.99 -16.95 30.24
N LYS B 118 50.12 -16.82 30.91
CA LYS B 118 50.63 -15.50 31.26
C LYS B 118 51.97 -15.20 30.61
N LEU B 119 52.10 -13.99 30.08
CA LEU B 119 53.35 -13.55 29.46
C LEU B 119 54.10 -12.60 30.37
N VAL C 2 29.47 2.59 23.59
CA VAL C 2 28.59 1.83 24.45
C VAL C 2 29.27 1.54 25.77
N GLN C 3 28.49 1.24 26.78
CA GLN C 3 29.04 0.92 28.08
C GLN C 3 28.10 0.11 28.92
N LEU C 4 28.66 -0.61 29.88
CA LEU C 4 27.87 -1.37 30.84
C LEU C 4 28.26 -0.95 32.25
N VAL C 5 27.29 -0.51 33.02
CA VAL C 5 27.56 -0.01 34.36
C VAL C 5 26.93 -0.90 35.41
N GLN C 6 27.77 -1.55 36.20
CA GLN C 6 27.30 -2.46 37.22
C GLN C 6 27.27 -1.79 38.59
N SER C 7 26.50 -2.37 39.50
CA SER C 7 26.45 -1.90 40.88
C SER C 7 27.79 -2.09 41.56
N GLY C 8 27.92 -1.55 42.77
CA GLY C 8 29.16 -1.65 43.52
C GLY C 8 29.28 -2.99 44.22
N ALA C 9 30.42 -3.20 44.87
CA ALA C 9 30.70 -4.46 45.57
C ALA C 9 29.71 -4.67 46.70
N GLU C 10 29.53 -5.93 47.07
CA GLU C 10 28.57 -6.29 48.12
C GLU C 10 29.08 -7.42 49.00
N VAL C 11 28.67 -7.41 50.26
CA VAL C 11 29.04 -8.45 51.21
C VAL C 11 27.81 -9.03 51.89
N LYS C 12 27.62 -10.34 51.76
CA LYS C 12 26.48 -11.01 52.38
C LYS C 12 26.94 -12.13 53.29
N LYS C 13 26.03 -12.63 54.12
CA LYS C 13 26.33 -13.79 54.93
C LYS C 13 25.92 -15.06 54.18
N PRO C 14 26.64 -16.15 54.37
CA PRO C 14 26.36 -17.47 53.83
C PRO C 14 24.90 -17.84 54.04
N GLY C 15 24.29 -18.39 53.01
CA GLY C 15 22.88 -18.77 53.05
C GLY C 15 21.99 -17.67 52.50
N ALA C 16 22.50 -16.44 52.48
CA ALA C 16 21.74 -15.28 52.02
C ALA C 16 21.71 -15.22 50.51
N SER C 17 21.26 -14.08 49.99
CA SER C 17 21.16 -13.88 48.55
C SER C 17 21.69 -12.51 48.16
N VAL C 18 22.17 -12.40 46.93
CA VAL C 18 22.68 -11.14 46.43
C VAL C 18 22.02 -10.75 45.12
N LYS C 19 21.80 -9.46 44.93
CA LYS C 19 21.23 -8.95 43.70
C LYS C 19 22.19 -7.99 43.03
N VAL C 20 22.51 -8.26 41.77
CA VAL C 20 23.44 -7.42 41.02
C VAL C 20 22.79 -6.85 39.77
N SER C 21 22.87 -5.53 39.62
CA SER C 21 22.29 -4.86 38.47
C SER C 21 23.35 -4.52 37.43
N CYS C 22 22.89 -4.29 36.20
CA CYS C 22 23.76 -3.85 35.12
C CYS C 22 23.02 -2.97 34.13
N LYS C 23 23.37 -1.69 34.10
CA LYS C 23 22.72 -0.75 33.21
C LYS C 23 23.46 -0.63 31.89
N ALA C 24 22.73 -0.71 30.80
CA ALA C 24 23.33 -0.62 29.48
C ALA C 24 22.97 0.68 28.82
N SER C 25 23.88 1.22 28.02
CA SER C 25 23.62 2.44 27.28
C SER C 25 24.42 2.49 26.00
N GLY C 26 23.99 3.36 25.08
CA GLY C 26 24.70 3.58 23.82
C GLY C 26 24.16 2.71 22.69
N TYR C 27 23.24 1.81 23.02
CA TYR C 27 22.67 0.92 22.01
C TYR C 27 21.27 0.47 22.44
N THR C 28 20.54 -0.13 21.51
CA THR C 28 19.23 -0.66 21.82
C THR C 28 19.32 -1.80 22.82
N PHE C 29 18.74 -1.60 23.99
CA PHE C 29 18.82 -2.55 25.07
C PHE C 29 18.44 -3.96 24.63
N THR C 30 17.38 -4.05 23.85
CA THR C 30 16.85 -5.34 23.43
C THR C 30 17.54 -5.88 22.18
N GLY C 31 18.57 -5.19 21.73
CA GLY C 31 19.28 -5.59 20.51
C GLY C 31 20.07 -6.88 20.69
N TYR C 32 20.61 -7.10 21.88
CA TYR C 32 21.51 -8.23 22.10
C TYR C 32 21.24 -8.94 23.41
N TYR C 33 21.74 -10.17 23.51
CA TYR C 33 21.66 -10.94 24.74
C TYR C 33 22.65 -10.40 25.75
N MET C 34 22.27 -10.42 27.02
CA MET C 34 23.19 -10.06 28.09
C MET C 34 23.73 -11.30 28.74
N HIS C 35 25.04 -11.36 28.91
CA HIS C 35 25.68 -12.50 29.51
C HIS C 35 26.26 -12.19 30.86
N TRP C 36 26.26 -13.18 31.74
CA TRP C 36 26.90 -13.06 33.03
C TRP C 36 27.99 -14.09 33.18
N VAL C 37 29.14 -13.64 33.64
CA VAL C 37 30.29 -14.50 33.86
C VAL C 37 31.05 -14.01 35.07
N ARG C 38 31.54 -14.93 35.90
CA ARG C 38 32.25 -14.52 37.09
C ARG C 38 33.71 -14.92 37.06
N GLN C 39 34.56 -14.02 37.50
CA GLN C 39 36.00 -14.28 37.55
C GLN C 39 36.41 -14.70 38.94
N ALA C 40 36.89 -15.91 39.06
CA ALA C 40 37.34 -16.43 40.34
C ALA C 40 38.65 -15.74 40.74
N PRO C 41 38.84 -15.49 42.05
CA PRO C 41 39.91 -14.71 42.63
C PRO C 41 41.26 -15.43 42.54
N GLY C 42 41.77 -15.53 41.31
CA GLY C 42 43.06 -16.16 41.07
C GLY C 42 42.92 -17.37 40.16
N GLN C 43 41.79 -17.48 39.49
CA GLN C 43 41.54 -18.58 38.57
C GLN C 43 40.80 -18.10 37.33
N GLY C 44 40.50 -19.01 36.41
CA GLY C 44 39.86 -18.66 35.16
C GLY C 44 38.43 -18.17 35.37
N LEU C 45 37.74 -17.91 34.26
CA LEU C 45 36.40 -17.35 34.32
C LEU C 45 35.35 -18.43 34.15
N GLU C 46 34.22 -18.24 34.82
CA GLU C 46 33.14 -19.21 34.77
C GLU C 46 31.83 -18.57 34.33
N TRP C 47 31.32 -19.03 33.19
CA TRP C 47 30.09 -18.51 32.61
C TRP C 47 28.87 -18.90 33.45
N MET C 48 28.00 -17.93 33.71
CA MET C 48 26.82 -18.16 34.54
C MET C 48 25.59 -18.46 33.70
N GLY C 49 25.36 -17.63 32.69
CA GLY C 49 24.14 -17.72 31.89
C GLY C 49 23.89 -16.44 31.13
N TRP C 50 22.77 -16.38 30.43
CA TRP C 50 22.38 -15.17 29.71
C TRP C 50 20.89 -14.96 29.72
N ILE C 51 20.50 -13.72 29.40
CA ILE C 51 19.09 -13.36 29.30
C ILE C 51 18.80 -12.61 28.01
N ASN C 52 17.64 -12.87 27.42
CA ASN C 52 17.19 -12.18 26.22
C ASN C 52 16.08 -11.18 26.55
N PRO C 53 16.40 -9.89 26.64
CA PRO C 53 15.54 -8.80 27.07
C PRO C 53 14.24 -8.72 26.28
N ASN C 54 14.24 -9.31 25.09
CA ASN C 54 13.06 -9.26 24.24
C ASN C 54 11.90 -10.05 24.82
N SER C 55 12.22 -11.08 25.60
CA SER C 55 11.18 -11.94 26.16
C SER C 55 11.52 -12.41 27.56
N GLY C 56 12.70 -12.03 28.03
CA GLY C 56 13.14 -12.41 29.37
C GLY C 56 13.61 -13.86 29.41
N GLY C 57 13.80 -14.46 28.23
CA GLY C 57 14.23 -15.84 28.15
C GLY C 57 15.61 -16.00 28.72
N THR C 58 15.86 -17.11 29.39
CA THR C 58 17.15 -17.34 30.03
C THR C 58 17.74 -18.70 29.73
N ASN C 59 19.03 -18.81 29.94
CA ASN C 59 19.74 -20.08 29.88
C ASN C 59 20.84 -20.11 30.92
N TYR C 60 20.68 -20.96 31.93
CA TYR C 60 21.61 -21.00 33.04
C TYR C 60 22.57 -22.17 32.90
N CYS C 61 23.79 -21.98 33.37
CA CYS C 61 24.74 -23.07 33.45
C CYS C 61 24.21 -24.12 34.41
N GLN C 62 24.22 -25.37 33.97
CA GLN C 62 23.60 -26.45 34.74
C GLN C 62 23.99 -26.44 36.21
N LYS C 63 25.26 -26.23 36.50
CA LYS C 63 25.75 -26.36 37.87
C LYS C 63 25.16 -25.33 38.84
N PHE C 64 24.53 -24.28 38.30
CA PHE C 64 23.94 -23.26 39.15
C PHE C 64 22.43 -23.29 39.10
N GLN C 65 21.89 -24.28 38.41
CA GLN C 65 20.45 -24.39 38.27
C GLN C 65 19.79 -24.47 39.63
N GLY C 66 18.82 -23.60 39.86
CA GLY C 66 18.08 -23.59 41.12
C GLY C 66 18.68 -22.61 42.12
N ARG C 67 19.86 -22.09 41.82
CA ARG C 67 20.51 -21.14 42.70
C ARG C 67 20.45 -19.73 42.13
N VAL C 68 20.63 -19.63 40.81
CA VAL C 68 20.68 -18.33 40.15
C VAL C 68 19.44 -18.06 39.34
N THR C 69 19.04 -16.79 39.32
CA THR C 69 17.93 -16.35 38.49
C THR C 69 18.25 -15.02 37.85
N MET C 70 17.67 -14.77 36.69
CA MET C 70 17.91 -13.52 35.98
C MET C 70 16.62 -12.89 35.49
N THR C 71 16.61 -11.57 35.47
CA THR C 71 15.47 -10.83 34.95
C THR C 71 15.94 -9.52 34.34
N ARG C 72 14.99 -8.66 34.00
CA ARG C 72 15.33 -7.41 33.33
C ARG C 72 14.22 -6.40 33.42
N ASP C 73 14.56 -5.13 33.19
CA ASP C 73 13.57 -4.08 33.08
C ASP C 73 13.93 -3.14 31.94
N THR C 74 13.22 -3.30 30.82
CA THR C 74 13.55 -2.59 29.61
C THR C 74 13.34 -1.08 29.74
N SER C 75 12.46 -0.67 30.65
CA SER C 75 12.12 0.75 30.78
C SER C 75 13.31 1.56 31.27
N ILE C 76 14.28 0.89 31.87
CA ILE C 76 15.46 1.54 32.37
C ILE C 76 16.72 0.88 31.83
N SER C 77 16.55 0.11 30.76
CA SER C 77 17.65 -0.57 30.11
C SER C 77 18.60 -1.20 31.13
N THR C 78 18.03 -1.91 32.10
CA THR C 78 18.86 -2.52 33.14
C THR C 78 18.56 -4.00 33.32
N ALA C 79 19.62 -4.79 33.40
CA ALA C 79 19.49 -6.22 33.63
C ALA C 79 19.73 -6.53 35.09
N TYR C 80 19.17 -7.64 35.57
CA TYR C 80 19.37 -8.04 36.96
C TYR C 80 19.70 -9.51 37.08
N MET C 81 20.62 -9.83 37.98
CA MET C 81 20.94 -11.20 38.30
C MET C 81 20.91 -11.40 39.81
N GLU C 82 20.38 -12.53 40.23
CA GLU C 82 20.31 -12.83 41.66
C GLU C 82 20.77 -14.24 41.97
N LEU C 83 21.57 -14.37 43.02
CA LEU C 83 22.06 -15.68 43.44
C LEU C 83 21.69 -15.95 44.89
N SER C 84 20.97 -17.05 45.10
CA SER C 84 20.52 -17.42 46.44
C SER C 84 21.41 -18.49 47.05
N ARG C 85 21.20 -18.76 48.33
CA ARG C 85 21.95 -19.79 49.02
C ARG C 85 23.44 -19.61 48.80
N LEU C 86 23.91 -18.41 49.08
CA LEU C 86 25.31 -18.06 48.87
C LEU C 86 26.25 -18.92 49.68
N ARG C 87 27.40 -19.23 49.10
CA ARG C 87 28.44 -19.99 49.78
C ARG C 87 29.77 -19.22 49.72
N SER C 88 30.71 -19.64 50.53
CA SER C 88 32.02 -19.00 50.56
C SER C 88 32.74 -19.10 49.21
N ASP C 89 32.46 -20.17 48.49
CA ASP C 89 33.11 -20.41 47.21
C ASP C 89 32.52 -19.56 46.09
N ASP C 90 31.49 -18.81 46.40
CA ASP C 90 30.86 -17.94 45.41
C ASP C 90 31.54 -16.60 45.33
N THR C 91 32.57 -16.39 46.13
CA THR C 91 33.29 -15.13 46.06
C THR C 91 33.97 -14.98 44.71
N ALA C 92 33.62 -13.94 44.00
CA ALA C 92 34.14 -13.70 42.66
C ALA C 92 33.71 -12.34 42.16
N VAL C 93 34.29 -11.91 41.05
CA VAL C 93 33.83 -10.70 40.40
C VAL C 93 32.87 -11.04 39.28
N TYR C 94 31.63 -10.62 39.43
CA TYR C 94 30.60 -10.93 38.46
C TYR C 94 30.53 -9.86 37.38
N TYR C 95 30.78 -10.26 36.15
CA TYR C 95 30.85 -9.34 35.05
C TYR C 95 29.60 -9.33 34.21
N CYS C 96 29.24 -8.15 33.75
CA CYS C 96 28.16 -7.96 32.81
C CYS C 96 28.77 -7.77 31.42
N ALA C 97 28.34 -8.60 30.47
CA ALA C 97 28.99 -8.56 29.15
C ALA C 97 27.98 -8.66 28.01
N ARG C 98 28.38 -8.15 26.85
CA ARG C 98 27.58 -8.23 25.64
C ARG C 98 28.44 -8.66 24.45
N GLY C 99 27.86 -9.46 23.56
CA GLY C 99 28.57 -9.95 22.39
C GLY C 99 28.64 -8.87 21.30
N LYS C 100 29.50 -9.11 20.31
CA LYS C 100 29.66 -8.18 19.19
C LYS C 100 28.52 -8.27 18.20
N ASN C 101 28.23 -9.48 17.75
CA ASN C 101 27.22 -9.67 16.71
C ASN C 101 26.04 -10.46 17.23
N SER C 102 24.86 -10.13 16.72
CA SER C 102 23.64 -10.81 17.10
C SER C 102 23.64 -12.27 16.63
N ASP C 103 24.45 -12.56 15.61
CA ASP C 103 24.56 -13.92 15.08
C ASP C 103 25.39 -14.79 15.99
N TYR C 104 26.67 -14.46 16.10
CA TYR C 104 27.54 -15.15 17.03
C TYR C 104 27.78 -14.25 18.23
N ASN C 105 27.02 -14.47 19.28
CA ASN C 105 26.98 -13.57 20.42
C ASN C 105 27.91 -13.99 21.54
N TRP C 106 28.83 -14.90 21.24
CA TRP C 106 29.78 -15.35 22.24
C TRP C 106 31.04 -14.51 22.20
N ASP C 107 31.11 -13.60 21.24
CA ASP C 107 32.27 -12.71 21.12
C ASP C 107 32.10 -11.51 22.04
N PHE C 108 32.44 -11.71 23.30
CA PHE C 108 32.21 -10.69 24.32
C PHE C 108 33.13 -9.50 24.14
N GLN C 109 32.77 -8.60 23.24
CA GLN C 109 33.55 -7.42 22.97
C GLN C 109 33.36 -6.35 24.04
N HIS C 110 32.17 -6.29 24.61
CA HIS C 110 31.84 -5.22 25.54
C HIS C 110 31.64 -5.75 26.96
N TRP C 111 32.32 -5.13 27.91
CA TRP C 111 32.28 -5.56 29.31
C TRP C 111 31.98 -4.41 30.26
N GLY C 112 31.36 -4.75 31.39
CA GLY C 112 31.19 -3.80 32.48
C GLY C 112 32.44 -3.80 33.36
N GLN C 113 32.39 -3.09 34.46
CA GLN C 113 33.55 -2.98 35.33
C GLN C 113 33.70 -4.21 36.23
N GLY C 114 32.63 -5.00 36.36
CA GLY C 114 32.65 -6.16 37.22
C GLY C 114 32.22 -5.82 38.64
N THR C 115 31.45 -6.69 39.27
CA THR C 115 31.01 -6.46 40.64
C THR C 115 31.55 -7.53 41.58
N LEU C 116 32.30 -7.09 42.58
CA LEU C 116 32.89 -8.02 43.53
C LEU C 116 31.90 -8.38 44.62
N VAL C 117 31.62 -9.67 44.74
CA VAL C 117 30.70 -10.15 45.76
C VAL C 117 31.36 -11.22 46.61
N THR C 118 31.26 -11.07 47.92
CA THR C 118 31.82 -12.06 48.84
C THR C 118 30.87 -12.36 49.98
N VAL C 119 31.38 -13.11 50.96
CA VAL C 119 30.54 -13.54 52.07
C VAL C 119 30.89 -12.80 53.36
N ASN D 3 -2.40 -26.13 -51.19
CA ASN D 3 -3.39 -26.13 -50.12
C ASN D 3 -3.22 -24.93 -49.21
N LEU D 4 -4.02 -24.88 -48.15
CA LEU D 4 -4.01 -23.74 -47.23
C LEU D 4 -3.00 -23.90 -46.11
N TRP D 5 -2.43 -22.77 -45.70
CA TRP D 5 -1.46 -22.72 -44.62
C TRP D 5 -1.85 -21.69 -43.58
N VAL D 6 -1.27 -21.81 -42.39
CA VAL D 6 -1.52 -20.86 -41.32
C VAL D 6 -0.80 -19.54 -41.55
N THR D 7 -1.55 -18.44 -41.49
CA THR D 7 -0.95 -17.12 -41.58
C THR D 7 -1.38 -16.25 -40.40
N VAL D 8 -0.42 -15.57 -39.81
CA VAL D 8 -0.66 -14.76 -38.63
C VAL D 8 -0.84 -13.29 -38.97
N TYR D 9 -1.89 -12.69 -38.45
CA TYR D 9 -2.18 -11.28 -38.68
C TYR D 9 -2.16 -10.51 -37.37
N TYR D 10 -1.45 -9.38 -37.36
CA TYR D 10 -1.37 -8.57 -36.16
C TYR D 10 -1.93 -7.17 -36.37
N GLY D 11 -2.93 -6.82 -35.58
CA GLY D 11 -3.58 -5.52 -35.69
C GLY D 11 -4.99 -5.65 -36.25
N VAL D 12 -5.59 -6.83 -36.08
CA VAL D 12 -6.94 -7.07 -36.58
C VAL D 12 -7.98 -6.45 -35.64
N PRO D 13 -9.03 -5.84 -36.19
CA PRO D 13 -10.08 -5.09 -35.52
C PRO D 13 -11.11 -5.97 -34.82
N VAL D 14 -10.70 -6.67 -33.77
CA VAL D 14 -11.64 -7.45 -32.96
C VAL D 14 -11.50 -7.12 -31.49
N TRP D 15 -12.54 -7.42 -30.71
CA TRP D 15 -12.53 -7.10 -29.30
C TRP D 15 -13.48 -7.98 -28.50
N LYS D 16 -13.33 -7.94 -27.19
CA LYS D 16 -14.21 -8.66 -26.27
C LYS D 16 -14.49 -7.82 -25.03
N GLU D 17 -15.61 -8.08 -24.38
CA GLU D 17 -15.95 -7.38 -23.14
C GLU D 17 -14.83 -7.52 -22.13
N ALA D 18 -14.53 -6.44 -21.43
CA ALA D 18 -13.45 -6.47 -20.46
C ALA D 18 -13.75 -5.61 -19.25
N LYS D 19 -13.16 -5.98 -18.13
CA LYS D 19 -13.32 -5.24 -16.89
C LYS D 19 -12.03 -4.53 -16.52
N THR D 20 -11.94 -3.25 -16.83
CA THR D 20 -10.73 -2.50 -16.56
C THR D 20 -11.01 -1.22 -15.80
N THR D 21 -9.96 -0.42 -15.62
CA THR D 21 -10.07 0.84 -14.90
C THR D 21 -9.86 2.01 -15.83
N LEU D 22 -10.81 2.94 -15.81
CA LEU D 22 -10.71 4.14 -16.61
C LEU D 22 -10.15 5.27 -15.78
N PHE D 23 -9.57 6.26 -16.43
CA PHE D 23 -9.00 7.38 -15.68
C PHE D 23 -9.73 8.69 -15.98
N CYS D 24 -9.60 9.63 -15.05
CA CYS D 24 -10.33 10.88 -15.10
C CYS D 24 -9.60 11.97 -15.88
N ALA D 25 -10.32 12.57 -16.81
CA ALA D 25 -9.86 13.78 -17.47
C ALA D 25 -10.76 14.94 -17.07
N SER D 26 -10.17 16.00 -16.57
CA SER D 26 -10.93 17.13 -16.05
C SER D 26 -12.12 17.43 -16.95
N HIS D 36 -9.25 23.67 -7.27
CA HIS D 36 -9.42 22.93 -6.04
C HIS D 36 -10.85 22.47 -5.85
N ASN D 37 -11.48 22.05 -6.94
CA ASN D 37 -12.83 21.52 -6.90
C ASN D 37 -12.88 20.18 -6.17
N VAL D 38 -14.01 19.89 -5.55
CA VAL D 38 -14.17 18.65 -4.80
C VAL D 38 -14.06 17.42 -5.70
N TRP D 39 -14.49 17.55 -6.95
CA TRP D 39 -14.47 16.42 -7.87
C TRP D 39 -13.39 16.57 -8.93
N ALA D 40 -13.29 17.74 -9.52
CA ALA D 40 -12.30 17.98 -10.55
C ALA D 40 -10.97 18.29 -9.89
N THR D 41 -10.39 17.26 -9.30
CA THR D 41 -9.19 17.40 -8.50
C THR D 41 -7.95 17.58 -9.37
N HIS D 42 -6.84 17.92 -8.72
CA HIS D 42 -5.58 18.19 -9.42
C HIS D 42 -5.01 16.93 -10.05
N ALA D 43 -5.49 15.77 -9.62
CA ALA D 43 -4.95 14.50 -10.05
C ALA D 43 -5.52 14.05 -11.40
N CYS D 44 -6.47 14.81 -11.94
CA CYS D 44 -7.03 14.47 -13.24
C CYS D 44 -6.20 15.04 -14.37
N VAL D 45 -6.30 14.43 -15.54
CA VAL D 45 -5.56 14.90 -16.70
C VAL D 45 -6.41 15.89 -17.50
N PRO D 46 -5.79 16.69 -18.38
CA PRO D 46 -6.42 17.53 -19.37
C PRO D 46 -7.25 16.69 -20.33
N THR D 47 -8.36 17.25 -20.78
CA THR D 47 -9.27 16.55 -21.67
C THR D 47 -8.79 16.62 -23.11
N ASP D 48 -9.34 15.74 -23.95
CA ASP D 48 -9.07 15.78 -25.37
C ASP D 48 -10.20 16.49 -26.11
N PRO D 49 -9.94 17.69 -26.64
CA PRO D 49 -10.89 18.61 -27.20
C PRO D 49 -11.51 18.09 -28.49
N ASN D 50 -10.92 17.04 -29.05
CA ASN D 50 -11.39 16.49 -30.31
C ASN D 50 -11.50 14.96 -30.27
N PRO D 51 -12.59 14.44 -29.69
CA PRO D 51 -12.99 13.06 -29.73
C PRO D 51 -13.12 12.59 -31.18
N GLN D 52 -12.79 11.33 -31.42
CA GLN D 52 -12.83 10.80 -32.77
C GLN D 52 -13.87 9.72 -32.91
N GLU D 53 -15.10 10.12 -33.11
CA GLU D 53 -16.21 9.18 -33.20
C GLU D 53 -16.16 8.42 -34.52
N VAL D 54 -15.38 7.34 -34.53
CA VAL D 54 -15.24 6.54 -35.73
C VAL D 54 -16.44 5.62 -35.88
N VAL D 55 -17.16 5.78 -36.97
CA VAL D 55 -18.37 5.00 -37.19
C VAL D 55 -18.04 3.62 -37.70
N LEU D 56 -18.53 2.61 -37.00
CA LEU D 56 -18.28 1.23 -37.37
C LEU D 56 -19.45 0.68 -38.17
N GLU D 57 -19.56 1.10 -39.41
CA GLU D 57 -20.68 0.67 -40.23
C GLU D 57 -20.70 -0.85 -40.35
N ASN D 58 -21.89 -1.42 -40.43
CA ASN D 58 -22.07 -2.86 -40.54
C ASN D 58 -21.68 -3.60 -39.26
N VAL D 59 -21.43 -2.85 -38.20
CA VAL D 59 -21.15 -3.46 -36.91
C VAL D 59 -22.31 -3.23 -35.96
N THR D 60 -22.89 -4.30 -35.46
CA THR D 60 -24.01 -4.18 -34.52
C THR D 60 -23.66 -4.78 -33.17
N GLU D 61 -23.27 -3.91 -32.25
CA GLU D 61 -22.88 -4.32 -30.91
C GLU D 61 -24.09 -4.33 -29.99
N ASN D 62 -24.04 -5.14 -28.94
CA ASN D 62 -25.14 -5.18 -27.98
C ASN D 62 -24.73 -4.58 -26.64
N PHE D 63 -25.53 -3.65 -26.16
CA PHE D 63 -25.24 -2.92 -24.93
C PHE D 63 -26.20 -3.32 -23.81
N ASN D 64 -25.75 -3.17 -22.57
CA ASN D 64 -26.58 -3.45 -21.40
C ASN D 64 -26.20 -2.53 -20.24
N MET D 65 -26.97 -1.47 -20.07
CA MET D 65 -26.68 -0.45 -19.08
C MET D 65 -26.84 -0.97 -17.66
N TRP D 66 -27.49 -2.10 -17.50
CA TRP D 66 -27.80 -2.63 -16.18
C TRP D 66 -26.71 -3.55 -15.67
N LYS D 67 -25.69 -3.76 -16.49
CA LYS D 67 -24.57 -4.60 -16.11
C LYS D 67 -23.26 -3.95 -16.50
N ASN D 68 -23.29 -2.63 -16.65
CA ASN D 68 -22.12 -1.87 -17.06
C ASN D 68 -21.27 -1.49 -15.85
N ASP D 69 -20.11 -2.13 -15.75
CA ASP D 69 -19.23 -1.93 -14.61
C ASP D 69 -18.80 -0.47 -14.45
N MET D 70 -18.92 0.30 -15.51
CA MET D 70 -18.54 1.71 -15.47
C MET D 70 -19.31 2.44 -14.38
N VAL D 71 -20.53 1.99 -14.14
CA VAL D 71 -21.37 2.64 -13.16
C VAL D 71 -20.84 2.44 -11.76
N ASP D 72 -20.52 1.19 -11.42
CA ASP D 72 -19.96 0.90 -10.11
C ASP D 72 -18.63 1.60 -9.91
N GLN D 73 -17.84 1.65 -10.98
CA GLN D 73 -16.56 2.31 -10.91
C GLN D 73 -16.74 3.79 -10.63
N MET D 74 -17.71 4.40 -11.30
CA MET D 74 -18.04 5.80 -11.07
C MET D 74 -18.41 6.02 -9.61
N GLN D 75 -19.27 5.18 -9.07
CA GLN D 75 -19.70 5.32 -7.70
C GLN D 75 -18.52 5.35 -6.75
N GLU D 76 -17.61 4.39 -6.92
CA GLU D 76 -16.43 4.33 -6.07
C GLU D 76 -15.59 5.59 -6.22
N ASP D 77 -15.41 6.03 -7.45
CA ASP D 77 -14.62 7.22 -7.72
C ASP D 77 -15.15 8.41 -6.95
N VAL D 78 -16.44 8.65 -7.08
CA VAL D 78 -17.05 9.82 -6.47
C VAL D 78 -16.85 9.82 -4.97
N ILE D 79 -17.09 8.68 -4.34
CA ILE D 79 -16.93 8.56 -2.90
C ILE D 79 -15.48 8.72 -2.49
N SER D 80 -14.59 7.99 -3.16
CA SER D 80 -13.18 8.03 -2.81
C SER D 80 -12.65 9.44 -2.81
N ILE D 81 -13.02 10.21 -3.83
CA ILE D 81 -12.59 11.59 -3.90
C ILE D 81 -13.17 12.39 -2.76
N TRP D 82 -14.46 12.27 -2.56
CA TRP D 82 -15.16 12.99 -1.52
C TRP D 82 -14.46 12.81 -0.17
N ASP D 83 -14.23 11.56 0.21
CA ASP D 83 -13.60 11.26 1.49
C ASP D 83 -12.23 11.88 1.59
N GLN D 84 -11.43 11.75 0.54
CA GLN D 84 -10.09 12.29 0.54
C GLN D 84 -10.11 13.81 0.66
N SER D 85 -11.03 14.43 -0.05
CA SER D 85 -11.13 15.88 -0.08
C SER D 85 -11.41 16.46 1.30
N LEU D 86 -12.20 15.75 2.09
CA LEU D 86 -12.56 16.23 3.41
C LEU D 86 -11.65 15.69 4.50
N LYS D 87 -10.60 15.00 4.11
CA LYS D 87 -9.71 14.39 5.09
C LYS D 87 -9.07 15.40 6.05
N PRO D 88 -8.56 16.56 5.56
CA PRO D 88 -7.83 17.55 6.31
C PRO D 88 -8.74 18.58 6.95
N CYS D 89 -10.05 18.36 6.85
CA CYS D 89 -11.02 19.32 7.36
C CYS D 89 -11.30 19.10 8.84
N VAL D 90 -11.76 20.15 9.51
CA VAL D 90 -11.98 20.12 10.96
C VAL D 90 -13.03 19.10 11.40
N LYS D 91 -12.67 18.32 12.40
CA LYS D 91 -13.59 17.35 12.99
C LYS D 91 -14.35 17.97 14.14
N LEU D 92 -15.67 18.01 14.02
CA LEU D 92 -16.49 18.66 15.03
C LEU D 92 -16.75 17.76 16.21
N THR D 93 -15.69 17.39 16.92
CA THR D 93 -15.82 16.56 18.10
C THR D 93 -16.39 17.31 19.32
N PRO D 94 -15.85 18.50 19.66
CA PRO D 94 -16.10 19.21 20.89
C PRO D 94 -17.46 19.87 20.84
N LEU D 95 -18.10 19.80 19.68
CA LEU D 95 -19.43 20.35 19.48
C LEU D 95 -20.47 19.57 20.27
N CYS D 96 -20.22 18.29 20.51
CA CYS D 96 -21.16 17.43 21.19
C CYS D 96 -21.26 17.77 22.67
N VAL D 97 -21.89 18.88 22.98
CA VAL D 97 -22.08 19.32 24.35
C VAL D 97 -23.55 19.60 24.61
N THR D 98 -23.90 19.82 25.86
CA THR D 98 -25.27 20.13 26.21
C THR D 98 -25.73 21.41 25.54
N LEU D 99 -26.86 21.35 24.84
CA LEU D 99 -27.39 22.51 24.15
C LEU D 99 -28.61 23.08 24.83
N ASN D 100 -28.50 24.32 25.28
CA ASN D 100 -29.63 25.01 25.88
C ASN D 100 -30.30 25.91 24.87
N CYS D 101 -31.47 25.51 24.38
CA CYS D 101 -32.05 26.17 23.22
C CYS D 101 -33.39 26.82 23.55
N THR D 102 -33.71 27.85 22.78
CA THR D 102 -35.00 28.50 22.82
C THR D 102 -35.55 28.65 21.41
N ASN D 103 -36.54 29.52 21.25
CA ASN D 103 -37.15 29.72 19.95
C ASN D 103 -36.23 30.55 19.06
N VAL D 104 -36.75 30.99 17.93
CA VAL D 104 -35.95 31.75 16.97
C VAL D 104 -35.09 32.77 17.71
N THR D 122 -46.56 29.02 11.95
CA THR D 122 -45.38 29.36 12.74
C THR D 122 -44.16 28.59 12.26
N LEU D 123 -43.28 29.29 11.55
CA LEU D 123 -42.08 28.68 10.98
C LEU D 123 -40.98 28.57 12.03
N GLY D 124 -41.23 27.79 13.07
CA GLY D 124 -40.26 27.60 14.15
C GLY D 124 -39.25 26.51 13.80
N GLU D 125 -38.62 26.64 12.65
CA GLU D 125 -37.69 25.63 12.15
C GLU D 125 -36.26 25.93 12.58
N ILE D 126 -36.06 27.07 13.23
CA ILE D 126 -34.75 27.48 13.67
C ILE D 126 -34.74 27.79 15.15
N LYS D 127 -33.77 27.25 15.87
CA LYS D 127 -33.66 27.47 17.30
C LYS D 127 -32.35 28.13 17.67
N ASN D 128 -32.42 29.07 18.59
CA ASN D 128 -31.23 29.73 19.11
C ASN D 128 -30.66 28.97 20.29
N CYS D 129 -29.48 28.39 20.12
CA CYS D 129 -28.90 27.54 21.15
C CYS D 129 -27.63 28.10 21.74
N SER D 130 -27.51 27.98 23.06
CA SER D 130 -26.29 28.36 23.76
C SER D 130 -25.61 27.12 24.34
N PHE D 131 -24.30 27.19 24.51
CA PHE D 131 -23.56 26.05 25.01
C PHE D 131 -22.22 26.44 25.61
N ASP D 132 -21.59 25.50 26.29
CA ASP D 132 -20.26 25.70 26.85
C ASP D 132 -19.18 25.26 25.88
N ILE D 133 -18.30 26.18 25.54
CA ILE D 133 -17.23 25.89 24.59
C ILE D 133 -15.87 25.92 25.28
N THR D 134 -15.02 24.95 24.96
CA THR D 134 -13.66 24.94 25.47
C THR D 134 -12.77 25.82 24.63
N THR D 135 -12.06 26.72 25.29
CA THR D 135 -11.22 27.69 24.60
C THR D 135 -9.86 27.09 24.26
N GLU D 136 -9.02 27.89 23.60
CA GLU D 136 -7.69 27.43 23.21
C GLU D 136 -6.95 26.83 24.39
N ILE D 137 -7.13 27.43 25.55
CA ILE D 137 -6.54 26.93 26.77
C ILE D 137 -7.45 25.89 27.39
N ARG D 138 -6.95 24.68 27.53
CA ARG D 138 -7.75 23.54 27.99
C ARG D 138 -8.40 23.80 29.34
N ASP D 139 -7.81 24.68 30.12
CA ASP D 139 -8.28 24.96 31.47
C ASP D 139 -9.41 25.98 31.48
N LYS D 140 -9.73 26.55 30.33
CA LYS D 140 -10.70 27.64 30.29
C LYS D 140 -11.86 27.34 29.35
N THR D 141 -13.05 27.74 29.79
CA THR D 141 -14.26 27.59 29.00
C THR D 141 -15.04 28.88 28.99
N ARG D 142 -16.00 28.99 28.09
CA ARG D 142 -16.85 30.17 28.03
C ARG D 142 -18.18 29.87 27.38
N LYS D 143 -19.08 30.85 27.36
CA LYS D 143 -20.38 30.68 26.73
C LYS D 143 -20.33 31.06 25.27
N GLU D 144 -21.08 30.34 24.47
CA GLU D 144 -21.18 30.63 23.05
C GLU D 144 -22.55 30.23 22.52
N TYR D 145 -22.95 30.81 21.40
CA TYR D 145 -24.26 30.51 20.83
C TYR D 145 -24.21 30.39 19.32
N ALA D 146 -25.19 29.70 18.76
CA ALA D 146 -25.30 29.53 17.31
C ALA D 146 -26.73 29.18 16.93
N LEU D 147 -27.07 29.43 15.68
CA LEU D 147 -28.39 29.05 15.19
C LEU D 147 -28.33 27.73 14.45
N PHE D 148 -29.21 26.82 14.85
CA PHE D 148 -29.30 25.51 14.23
C PHE D 148 -30.71 25.24 13.76
N TYR D 149 -30.85 24.39 12.76
CA TYR D 149 -32.16 24.00 12.27
C TYR D 149 -32.70 22.84 13.09
N ARG D 150 -34.01 22.84 13.31
CA ARG D 150 -34.64 21.81 14.12
C ARG D 150 -34.27 20.41 13.64
N LEU D 151 -34.11 20.26 12.33
CA LEU D 151 -33.83 18.96 11.74
C LEU D 151 -32.49 18.38 12.21
N ASP D 152 -31.61 19.24 12.68
CA ASP D 152 -30.27 18.81 13.08
C ASP D 152 -30.16 18.68 14.59
N ILE D 153 -31.29 18.86 15.28
CA ILE D 153 -31.30 18.90 16.74
C ILE D 153 -32.14 17.76 17.31
N VAL D 154 -31.62 17.13 18.36
CA VAL D 154 -32.37 16.07 19.04
C VAL D 154 -32.58 16.43 20.51
N PRO D 155 -33.83 16.43 20.98
CA PRO D 155 -34.24 16.61 22.36
C PRO D 155 -33.49 15.66 23.27
N LEU D 156 -33.03 16.16 24.40
CA LEU D 156 -32.27 15.34 25.33
C LEU D 156 -32.94 15.28 26.68
N SER D 165 -36.45 20.69 29.91
CA SER D 165 -37.32 20.35 28.79
C SER D 165 -36.92 21.14 27.56
N ASN D 166 -35.83 21.87 27.67
CA ASN D 166 -35.34 22.69 26.58
C ASN D 166 -33.87 22.40 26.29
N THR D 167 -33.44 21.19 26.63
CA THR D 167 -32.07 20.77 26.41
C THR D 167 -31.99 19.81 25.25
N TYR D 168 -31.02 20.02 24.36
CA TYR D 168 -30.88 19.22 23.17
C TYR D 168 -29.45 18.75 22.95
N ARG D 169 -29.26 17.93 21.93
CA ARG D 169 -27.95 17.51 21.47
C ARG D 169 -27.91 17.47 19.96
N LEU D 170 -26.72 17.48 19.39
CA LEU D 170 -26.61 17.33 17.94
C LEU D 170 -26.92 15.91 17.53
N ILE D 171 -27.66 15.76 16.44
CA ILE D 171 -28.14 14.47 16.00
C ILE D 171 -27.04 13.42 15.79
N ASN D 172 -25.86 13.87 15.38
CA ASN D 172 -24.78 12.96 15.03
C ASN D 172 -24.00 12.42 16.21
N CYS D 173 -24.18 13.01 17.38
CA CYS D 173 -23.31 12.70 18.52
C CYS D 173 -23.39 11.24 18.97
N ASN D 174 -24.42 10.54 18.53
CA ASN D 174 -24.56 9.14 18.91
C ASN D 174 -24.29 8.21 17.74
N THR D 175 -23.79 8.76 16.64
CA THR D 175 -23.48 7.98 15.46
C THR D 175 -22.03 8.12 15.03
N SER D 176 -21.61 9.37 14.83
CA SER D 176 -20.24 9.65 14.40
C SER D 176 -19.91 11.13 14.53
N THR D 177 -18.68 11.48 14.20
CA THR D 177 -18.25 12.86 14.24
C THR D 177 -18.32 13.47 12.85
N CYS D 178 -19.15 14.49 12.71
CA CYS D 178 -19.31 15.14 11.43
C CYS D 178 -18.12 16.03 11.13
N THR D 179 -17.67 16.00 9.89
CA THR D 179 -16.57 16.84 9.47
C THR D 179 -17.07 18.08 8.77
N GLN D 180 -16.59 19.24 9.22
CA GLN D 180 -17.01 20.50 8.63
C GLN D 180 -16.33 20.70 7.30
N ALA D 181 -17.12 20.85 6.25
CA ALA D 181 -16.55 21.06 4.93
C ALA D 181 -15.60 22.23 4.99
N CYS D 182 -14.40 22.02 4.47
CA CYS D 182 -13.41 23.07 4.49
C CYS D 182 -13.99 24.32 3.86
N PRO D 183 -13.72 25.49 4.44
CA PRO D 183 -14.27 26.79 4.10
C PRO D 183 -13.92 27.22 2.69
N LYS D 184 -12.91 26.57 2.11
CA LYS D 184 -12.48 26.92 0.76
C LYS D 184 -12.52 25.72 -0.16
N VAL D 185 -13.73 25.27 -0.48
CA VAL D 185 -13.94 24.19 -1.42
C VAL D 185 -15.04 24.56 -2.41
N THR D 186 -15.16 23.80 -3.48
CA THR D 186 -16.23 24.03 -4.45
C THR D 186 -16.99 22.74 -4.74
N PHE D 187 -18.31 22.81 -4.64
CA PHE D 187 -19.16 21.64 -4.84
C PHE D 187 -19.89 21.69 -6.18
N ASP D 188 -19.45 22.58 -7.04
CA ASP D 188 -20.01 22.69 -8.39
C ASP D 188 -19.71 21.42 -9.19
N PRO D 189 -20.73 20.75 -9.73
CA PRO D 189 -20.66 19.50 -10.43
C PRO D 189 -19.96 19.64 -11.79
N ILE D 190 -18.67 19.90 -11.73
CA ILE D 190 -17.85 20.01 -12.94
C ILE D 190 -17.76 18.67 -13.65
N PRO D 191 -18.12 18.61 -14.93
CA PRO D 191 -18.23 17.43 -15.74
C PRO D 191 -16.89 16.71 -15.84
N ILE D 192 -16.94 15.39 -15.72
CA ILE D 192 -15.74 14.56 -15.79
C ILE D 192 -15.77 13.64 -17.01
N HIS D 193 -14.66 13.57 -17.72
CA HIS D 193 -14.56 12.73 -18.90
C HIS D 193 -13.77 11.46 -18.57
N TYR D 194 -14.33 10.31 -18.90
CA TYR D 194 -13.65 9.04 -18.66
C TYR D 194 -12.91 8.57 -19.89
N CYS D 195 -11.65 8.22 -19.71
CA CYS D 195 -10.83 7.79 -20.84
C CYS D 195 -10.26 6.39 -20.61
N ALA D 196 -10.15 5.63 -21.69
CA ALA D 196 -9.60 4.27 -21.63
C ALA D 196 -8.08 4.31 -21.78
N PRO D 197 -7.38 3.34 -21.17
CA PRO D 197 -5.98 3.06 -21.32
C PRO D 197 -5.69 2.36 -22.64
N ALA D 198 -4.45 2.40 -23.09
CA ALA D 198 -4.07 1.76 -24.34
C ALA D 198 -4.44 0.29 -24.31
N GLY D 199 -4.92 -0.22 -25.43
CA GLY D 199 -5.33 -1.61 -25.54
C GLY D 199 -6.82 -1.76 -25.36
N TYR D 200 -7.47 -0.71 -24.86
CA TYR D 200 -8.89 -0.71 -24.65
C TYR D 200 -9.57 0.37 -25.46
N ALA D 201 -10.88 0.24 -25.66
CA ALA D 201 -11.63 1.23 -26.41
C ALA D 201 -13.03 1.37 -25.85
N ILE D 202 -13.61 2.55 -26.04
CA ILE D 202 -14.96 2.80 -25.57
C ILE D 202 -15.93 2.90 -26.74
N LEU D 203 -16.95 2.06 -26.71
CA LEU D 203 -17.94 2.08 -27.78
C LEU D 203 -19.14 2.90 -27.38
N LYS D 204 -19.72 3.61 -28.34
CA LYS D 204 -20.92 4.41 -28.10
C LYS D 204 -22.09 3.92 -28.90
N CYS D 205 -23.24 3.83 -28.25
CA CYS D 205 -24.48 3.57 -28.95
C CYS D 205 -25.15 4.88 -29.35
N ASN D 206 -25.18 5.17 -30.64
CA ASN D 206 -25.64 6.47 -31.12
C ASN D 206 -27.08 6.40 -31.59
N ASN D 207 -27.74 5.31 -31.28
CA ASN D 207 -29.15 5.16 -31.60
C ASN D 207 -30.00 5.96 -30.60
N LYS D 208 -30.54 7.07 -31.08
CA LYS D 208 -31.21 8.04 -30.21
C LYS D 208 -32.41 7.47 -29.47
N THR D 209 -32.92 6.36 -29.95
CA THR D 209 -34.09 5.75 -29.33
C THR D 209 -33.77 4.43 -28.68
N PHE D 210 -32.48 4.18 -28.44
CA PHE D 210 -32.05 2.95 -27.78
C PHE D 210 -32.56 2.86 -26.35
N ASN D 211 -33.10 1.70 -26.01
CA ASN D 211 -33.71 1.48 -24.70
C ASN D 211 -32.68 1.21 -23.61
N GLY D 212 -31.42 1.19 -23.98
CA GLY D 212 -30.35 0.92 -23.02
C GLY D 212 -30.08 -0.57 -22.87
N LYS D 213 -30.79 -1.40 -23.64
CA LYS D 213 -30.61 -2.84 -23.59
C LYS D 213 -30.91 -3.50 -24.92
N GLY D 214 -29.86 -4.02 -25.56
CA GLY D 214 -30.01 -4.69 -26.85
C GLY D 214 -29.00 -4.17 -27.88
N PRO D 215 -29.14 -4.62 -29.13
CA PRO D 215 -28.31 -4.30 -30.29
C PRO D 215 -28.33 -2.80 -30.61
N CYS D 216 -27.20 -2.29 -31.05
CA CYS D 216 -27.08 -0.90 -31.47
C CYS D 216 -26.50 -0.80 -32.87
N ASN D 217 -27.36 -0.81 -33.87
CA ASN D 217 -26.94 -0.80 -35.26
C ASN D 217 -26.10 0.45 -35.56
N ASN D 218 -26.35 1.49 -34.79
CA ASN D 218 -25.62 2.76 -34.94
C ASN D 218 -24.54 2.89 -33.86
N VAL D 219 -23.34 2.40 -34.17
CA VAL D 219 -22.28 2.33 -33.16
C VAL D 219 -20.99 2.98 -33.63
N SER D 220 -20.32 3.69 -32.71
CA SER D 220 -19.04 4.33 -33.02
C SER D 220 -18.05 4.11 -31.88
N THR D 221 -16.77 4.35 -32.16
CA THR D 221 -15.73 4.18 -31.15
C THR D 221 -15.06 5.49 -30.79
N VAL D 222 -14.87 5.71 -29.49
CA VAL D 222 -14.19 6.90 -29.01
C VAL D 222 -13.07 6.56 -28.04
N GLN D 223 -12.22 7.53 -27.79
CA GLN D 223 -11.14 7.37 -26.83
C GLN D 223 -11.60 7.75 -25.43
N CYS D 224 -12.51 8.71 -25.36
CA CYS D 224 -13.01 9.19 -24.09
C CYS D 224 -14.51 9.47 -24.15
N THR D 225 -15.14 9.48 -22.98
CA THR D 225 -16.53 9.86 -22.86
C THR D 225 -16.65 11.36 -22.86
N HIS D 226 -17.86 11.86 -22.98
CA HIS D 226 -18.07 13.29 -22.86
C HIS D 226 -18.01 13.68 -21.40
N GLY D 227 -18.13 14.96 -21.12
CA GLY D 227 -18.08 15.40 -19.74
C GLY D 227 -19.41 15.15 -19.04
N ILE D 228 -19.39 14.27 -18.05
CA ILE D 228 -20.58 13.95 -17.29
C ILE D 228 -20.52 14.59 -15.92
N LYS D 229 -21.56 15.35 -15.59
CA LYS D 229 -21.60 16.05 -14.33
C LYS D 229 -22.00 15.12 -13.19
N PRO D 230 -21.25 15.12 -12.09
CA PRO D 230 -21.45 14.34 -10.89
C PRO D 230 -22.55 14.95 -10.05
N VAL D 231 -23.76 14.95 -10.59
CA VAL D 231 -24.88 15.56 -9.91
C VAL D 231 -25.52 14.60 -8.91
N VAL D 232 -25.49 14.97 -7.65
CA VAL D 232 -26.10 14.17 -6.60
C VAL D 232 -27.52 14.63 -6.34
N SER D 233 -28.49 13.79 -6.66
CA SER D 233 -29.89 14.16 -6.52
C SER D 233 -30.80 12.96 -6.47
N THR D 234 -32.03 13.18 -6.04
CA THR D 234 -33.06 12.15 -6.03
C THR D 234 -34.27 12.58 -6.82
N GLN D 235 -35.22 11.67 -7.02
CA GLN D 235 -36.45 12.03 -7.70
C GLN D 235 -36.19 12.63 -9.07
N LEU D 236 -36.10 13.95 -9.11
CA LEU D 236 -35.89 14.68 -10.36
C LEU D 236 -34.40 14.87 -10.65
N LEU D 237 -33.99 14.44 -11.84
CA LEU D 237 -32.60 14.54 -12.24
C LEU D 237 -32.31 15.87 -12.90
N LEU D 238 -31.44 16.66 -12.26
CA LEU D 238 -31.14 18.00 -12.72
C LEU D 238 -29.83 18.06 -13.47
N ASN D 239 -29.73 19.01 -14.40
CA ASN D 239 -28.49 19.29 -15.10
C ASN D 239 -27.91 18.05 -15.74
N GLY D 240 -28.77 17.20 -16.27
CA GLY D 240 -28.32 15.99 -16.94
C GLY D 240 -28.38 16.17 -18.45
N SER D 241 -28.34 15.06 -19.17
CA SER D 241 -28.41 15.10 -20.62
C SER D 241 -29.85 14.93 -21.08
N LEU D 242 -30.19 15.60 -22.17
CA LEU D 242 -31.53 15.48 -22.74
C LEU D 242 -31.56 14.46 -23.86
N ALA D 243 -32.72 13.88 -24.07
CA ALA D 243 -32.91 12.96 -25.19
C ALA D 243 -32.75 13.73 -26.49
N GLU D 244 -32.22 13.05 -27.50
CA GLU D 244 -31.94 13.70 -28.77
C GLU D 244 -33.09 13.56 -29.77
N GLU D 245 -33.86 12.50 -29.64
CA GLU D 245 -34.96 12.24 -30.57
C GLU D 245 -36.32 12.45 -29.91
N GLU D 246 -36.53 11.79 -28.77
CA GLU D 246 -37.81 11.84 -28.08
C GLU D 246 -37.65 11.43 -26.63
N ILE D 247 -38.73 11.54 -25.88
CA ILE D 247 -38.75 11.04 -24.50
C ILE D 247 -38.60 9.52 -24.50
N VAL D 248 -37.64 9.02 -23.73
CA VAL D 248 -37.39 7.59 -23.68
C VAL D 248 -37.54 7.04 -22.28
N ILE D 249 -38.33 5.98 -22.16
CA ILE D 249 -38.52 5.31 -20.89
C ILE D 249 -37.86 3.94 -20.92
N ARG D 250 -36.94 3.71 -19.99
CA ARG D 250 -36.19 2.47 -19.97
C ARG D 250 -36.10 1.88 -18.57
N SER D 251 -36.04 0.55 -18.50
CA SER D 251 -35.93 -0.16 -17.25
C SER D 251 -35.31 -1.53 -17.46
N LYS D 252 -34.81 -2.13 -16.39
CA LYS D 252 -34.25 -3.46 -16.48
C LYS D 252 -35.33 -4.47 -16.80
N ASN D 253 -36.50 -4.28 -16.21
CA ASN D 253 -37.64 -5.17 -16.41
C ASN D 253 -38.92 -4.52 -15.93
N LEU D 254 -39.78 -4.15 -16.86
CA LEU D 254 -41.03 -3.47 -16.52
C LEU D 254 -41.97 -4.40 -15.75
N ALA D 255 -41.75 -5.70 -15.84
CA ALA D 255 -42.58 -6.66 -15.15
C ALA D 255 -42.18 -6.80 -13.69
N ASP D 256 -41.04 -6.20 -13.34
CA ASP D 256 -40.52 -6.28 -11.99
C ASP D 256 -40.77 -4.98 -11.25
N ASN D 257 -41.70 -5.01 -10.31
CA ASN D 257 -42.12 -3.79 -9.63
C ASN D 257 -41.16 -3.40 -8.52
N ALA D 258 -40.09 -4.17 -8.37
CA ALA D 258 -39.07 -3.85 -7.38
C ALA D 258 -37.95 -3.03 -8.01
N LYS D 259 -38.05 -2.79 -9.31
CA LYS D 259 -37.00 -2.06 -10.02
C LYS D 259 -37.43 -0.64 -10.35
N ILE D 260 -36.45 0.23 -10.57
CA ILE D 260 -36.70 1.63 -10.86
C ILE D 260 -36.80 1.88 -12.36
N ILE D 261 -37.72 2.75 -12.74
CA ILE D 261 -37.89 3.13 -14.13
C ILE D 261 -37.27 4.49 -14.39
N ILE D 262 -36.38 4.55 -15.38
CA ILE D 262 -35.69 5.79 -15.69
C ILE D 262 -36.24 6.43 -16.95
N VAL D 263 -36.69 7.68 -16.83
CA VAL D 263 -37.21 8.39 -17.99
C VAL D 263 -36.36 9.60 -18.32
N GLN D 264 -35.96 9.70 -19.57
CA GLN D 264 -35.16 10.81 -20.05
C GLN D 264 -35.97 11.70 -20.97
N LEU D 265 -35.97 13.00 -20.69
CA LEU D 265 -36.78 13.95 -21.44
C LEU D 265 -35.99 14.57 -22.58
N ASN D 266 -36.68 14.95 -23.65
CA ASN D 266 -36.06 15.68 -24.74
C ASN D 266 -36.14 17.18 -24.48
N LYS D 267 -37.29 17.63 -24.02
CA LYS D 267 -37.50 19.03 -23.69
C LYS D 267 -37.30 19.26 -22.21
N SER D 268 -36.38 20.14 -21.88
CA SER D 268 -36.08 20.43 -20.48
C SER D 268 -37.18 21.27 -19.85
N VAL D 269 -37.29 21.20 -18.53
CA VAL D 269 -38.21 22.05 -17.79
C VAL D 269 -37.47 22.87 -16.76
N GLU D 270 -37.60 24.18 -16.86
CA GLU D 270 -36.91 25.09 -15.97
C GLU D 270 -37.47 25.05 -14.56
N ILE D 271 -36.59 24.97 -13.58
CA ILE D 271 -36.96 25.06 -12.18
C ILE D 271 -35.98 25.95 -11.43
N VAL D 272 -36.49 26.91 -10.68
CA VAL D 272 -35.64 27.82 -9.94
C VAL D 272 -35.89 27.74 -8.45
N CYS D 273 -34.82 27.49 -7.69
CA CYS D 273 -34.94 27.37 -6.25
C CYS D 273 -34.13 28.45 -5.53
N THR D 274 -34.65 28.94 -4.42
CA THR D 274 -33.98 30.01 -3.71
C THR D 274 -34.11 29.93 -2.21
N ARG D 275 -33.12 30.50 -1.52
CA ARG D 275 -33.12 30.62 -0.08
C ARG D 275 -32.94 32.10 0.34
N PRO D 276 -34.02 32.84 0.44
CA PRO D 276 -34.08 34.28 0.57
C PRO D 276 -33.79 34.74 1.98
N ASN D 277 -32.62 34.37 2.49
CA ASN D 277 -32.30 34.76 3.88
C ASN D 277 -30.89 35.28 4.15
N ASN D 278 -30.78 36.13 5.16
CA ASN D 278 -29.52 36.71 5.57
C ASN D 278 -28.72 35.75 6.43
N ASN D 279 -28.18 34.64 5.88
CA ASN D 279 -27.46 33.63 6.64
C ASN D 279 -26.02 34.04 6.90
N THR D 280 -25.86 35.12 7.65
CA THR D 280 -24.55 35.64 7.98
C THR D 280 -23.77 34.67 8.83
N ARG D 281 -22.53 34.43 8.42
CA ARG D 281 -21.70 33.44 9.08
C ARG D 281 -20.95 34.05 10.25
N ARG D 282 -20.66 33.21 11.24
CA ARG D 282 -19.82 33.61 12.38
C ARG D 282 -18.71 32.59 12.59
N SER D 283 -17.52 33.10 12.91
CA SER D 283 -16.37 32.22 13.09
C SER D 283 -16.10 31.95 14.56
N ILE D 284 -16.25 30.70 14.96
CA ILE D 284 -16.03 30.29 16.33
C ILE D 284 -14.81 29.41 16.46
N ARG D 285 -13.87 29.82 17.29
CA ARG D 285 -12.65 29.05 17.47
C ARG D 285 -12.88 27.93 18.46
N ILE D 286 -12.75 26.69 17.98
CA ILE D 286 -13.05 25.52 18.79
C ILE D 286 -11.81 24.71 19.09
N GLY D 287 -10.65 25.24 18.68
CA GLY D 287 -9.40 24.54 18.86
C GLY D 287 -8.25 25.28 18.20
N PRO D 288 -7.04 24.77 18.35
CA PRO D 288 -5.79 25.33 17.90
C PRO D 288 -5.69 25.32 16.39
N GLY D 289 -6.33 26.30 15.76
CA GLY D 289 -6.35 26.39 14.31
C GLY D 289 -7.56 25.71 13.74
N GLN D 290 -8.62 25.63 14.53
CA GLN D 290 -9.85 24.99 14.09
C GLN D 290 -11.03 25.92 14.26
N THR D 291 -11.57 26.40 13.14
CA THR D 291 -12.68 27.32 13.17
C THR D 291 -13.98 26.67 12.75
N PHE D 292 -14.98 26.81 13.59
CA PHE D 292 -16.32 26.33 13.30
C PHE D 292 -17.17 27.48 12.78
N TYR D 293 -17.92 27.23 11.73
CA TYR D 293 -18.74 28.28 11.17
C TYR D 293 -20.20 28.13 11.54
N ALA D 294 -20.69 29.09 12.31
CA ALA D 294 -22.05 29.09 12.80
C ALA D 294 -22.93 30.00 11.95
N THR D 295 -24.22 29.74 11.97
CA THR D 295 -25.17 30.56 11.25
C THR D 295 -25.73 31.68 12.13
N ASP D 296 -25.97 32.84 11.51
CA ASP D 296 -26.61 33.95 12.17
C ASP D 296 -27.62 34.58 11.23
N ILE D 297 -28.57 35.32 11.78
CA ILE D 297 -29.58 35.98 10.96
C ILE D 297 -29.69 37.45 11.27
N ILE D 298 -29.62 38.27 10.23
CA ILE D 298 -29.69 39.71 10.40
C ILE D 298 -31.12 40.25 10.30
N GLY D 299 -31.86 39.78 9.31
CA GLY D 299 -33.22 40.25 9.08
C GLY D 299 -34.24 39.23 9.58
N ASP D 300 -35.32 39.06 8.81
CA ASP D 300 -36.37 38.13 9.18
C ASP D 300 -36.16 36.79 8.49
N ILE D 301 -37.11 35.87 8.67
CA ILE D 301 -36.97 34.53 8.14
C ILE D 301 -38.07 34.15 7.17
N ARG D 302 -37.67 33.66 6.00
CA ARG D 302 -38.61 33.15 5.00
C ARG D 302 -38.19 31.76 4.54
N GLN D 303 -39.15 30.87 4.41
CA GLN D 303 -38.85 29.52 3.99
C GLN D 303 -38.30 29.49 2.57
N ALA D 304 -37.40 28.55 2.31
CA ALA D 304 -36.89 28.35 0.95
C ALA D 304 -37.94 27.67 0.12
N TYR D 305 -37.87 27.86 -1.19
CA TYR D 305 -38.86 27.26 -2.09
C TYR D 305 -38.35 27.14 -3.50
N CYS D 306 -39.03 26.33 -4.30
CA CYS D 306 -38.73 26.23 -5.72
C CYS D 306 -39.89 26.70 -6.57
N ASN D 307 -39.57 27.27 -7.73
CA ASN D 307 -40.54 27.78 -8.66
C ASN D 307 -40.53 27.03 -9.98
N ILE D 308 -41.60 26.33 -10.27
CA ILE D 308 -41.71 25.59 -11.51
C ILE D 308 -43.02 25.88 -12.24
N SER D 309 -42.92 26.33 -13.48
CA SER D 309 -44.11 26.66 -14.25
C SER D 309 -45.06 25.48 -14.37
N GLY D 310 -46.31 25.68 -13.97
CA GLY D 310 -47.31 24.63 -13.99
C GLY D 310 -47.54 24.11 -15.40
N ARG D 311 -47.88 25.01 -16.31
CA ARG D 311 -48.14 24.65 -17.70
C ARG D 311 -47.01 23.78 -18.26
N ASN D 312 -45.77 24.19 -18.00
CA ASN D 312 -44.62 23.45 -18.49
C ASN D 312 -44.65 22.01 -17.99
N TRP D 313 -44.77 21.85 -16.68
CA TRP D 313 -44.77 20.53 -16.07
C TRP D 313 -45.91 19.69 -16.61
N SER D 314 -47.11 20.27 -16.65
CA SER D 314 -48.27 19.54 -17.13
C SER D 314 -48.02 18.92 -18.47
N GLU D 315 -47.50 19.71 -19.41
CA GLU D 315 -47.21 19.21 -20.73
C GLU D 315 -46.25 18.04 -20.67
N ALA D 316 -45.18 18.19 -19.88
CA ALA D 316 -44.18 17.14 -19.76
C ALA D 316 -44.81 15.86 -19.21
N VAL D 317 -45.66 16.01 -18.20
CA VAL D 317 -46.32 14.86 -17.60
C VAL D 317 -47.19 14.14 -18.61
N ASN D 318 -47.99 14.89 -19.35
CA ASN D 318 -48.87 14.31 -20.34
C ASN D 318 -48.08 13.48 -21.34
N GLN D 319 -46.95 14.03 -21.77
CA GLN D 319 -46.11 13.35 -22.74
C GLN D 319 -45.56 12.04 -22.18
N VAL D 320 -45.12 12.08 -20.93
CA VAL D 320 -44.58 10.88 -20.29
C VAL D 320 -45.65 9.83 -20.14
N LYS D 321 -46.83 10.23 -19.68
CA LYS D 321 -47.93 9.29 -19.52
C LYS D 321 -48.23 8.60 -20.84
N LYS D 322 -48.21 9.35 -21.93
CA LYS D 322 -48.47 8.78 -23.23
C LYS D 322 -47.48 7.66 -23.54
N LYS D 323 -46.20 7.93 -23.33
CA LYS D 323 -45.17 6.92 -23.61
C LYS D 323 -45.33 5.71 -22.72
N LEU D 324 -45.69 5.93 -21.47
CA LEU D 324 -45.94 4.81 -20.56
C LEU D 324 -47.08 3.96 -21.07
N LYS D 325 -48.15 4.61 -21.53
CA LYS D 325 -49.31 3.91 -22.04
C LYS D 325 -48.92 2.91 -23.11
N GLU D 326 -47.95 3.27 -23.94
CA GLU D 326 -47.50 2.38 -25.02
C GLU D 326 -47.05 1.03 -24.46
N HIS D 327 -46.48 1.05 -23.26
CA HIS D 327 -46.02 -0.17 -22.62
C HIS D 327 -47.14 -0.84 -21.84
N PHE D 328 -48.16 -0.05 -21.49
CA PHE D 328 -49.27 -0.54 -20.68
C PHE D 328 -50.61 -0.15 -21.33
N PRO D 329 -50.92 -0.79 -22.47
CA PRO D 329 -51.78 -0.33 -23.54
C PRO D 329 -53.25 -0.17 -23.14
N HIS D 330 -53.67 -0.85 -22.07
CA HIS D 330 -55.08 -0.82 -21.69
C HIS D 330 -55.27 -0.49 -20.22
N LYS D 331 -54.72 0.64 -19.79
CA LYS D 331 -54.84 1.07 -18.40
C LYS D 331 -54.66 2.57 -18.28
N ASN D 332 -55.14 3.13 -17.18
CA ASN D 332 -54.94 4.54 -16.87
C ASN D 332 -53.61 4.74 -16.14
N ILE D 333 -53.14 5.98 -16.14
CA ILE D 333 -51.88 6.29 -15.47
C ILE D 333 -52.04 7.41 -14.48
N SER D 334 -51.61 7.17 -13.25
CA SER D 334 -51.70 8.17 -12.19
C SER D 334 -50.35 8.40 -11.51
N PHE D 335 -50.03 9.65 -11.26
CA PHE D 335 -48.80 10.01 -10.56
C PHE D 335 -49.11 10.47 -9.15
N GLN D 336 -48.52 9.79 -8.19
CA GLN D 336 -48.75 10.11 -6.79
C GLN D 336 -47.46 10.46 -6.08
N SER D 337 -47.57 10.85 -4.83
CA SER D 337 -46.41 11.19 -4.03
C SER D 337 -45.73 9.94 -3.48
N SER D 338 -44.55 10.12 -2.92
CA SER D 338 -43.82 9.01 -2.32
C SER D 338 -44.66 8.31 -1.27
N SER D 339 -44.59 6.99 -1.27
CA SER D 339 -45.32 6.19 -0.30
C SER D 339 -44.81 6.41 1.12
N GLY D 340 -43.59 6.92 1.23
CA GLY D 340 -42.96 7.12 2.51
C GLY D 340 -41.48 6.74 2.48
N GLY D 341 -40.80 6.95 3.60
CA GLY D 341 -39.38 6.65 3.71
C GLY D 341 -38.64 7.83 4.30
N ASP D 342 -37.30 7.75 4.25
CA ASP D 342 -36.47 8.83 4.78
C ASP D 342 -36.69 10.11 4.00
N LEU D 343 -36.44 11.24 4.64
CA LEU D 343 -36.60 12.55 4.01
C LEU D 343 -35.93 12.59 2.65
N GLU D 344 -34.77 11.97 2.55
CA GLU D 344 -33.98 11.98 1.33
C GLU D 344 -34.72 11.37 0.14
N ILE D 345 -35.76 10.61 0.43
CA ILE D 345 -36.53 9.96 -0.62
C ILE D 345 -37.87 10.64 -0.81
N THR D 346 -38.54 10.93 0.30
CA THR D 346 -39.86 11.51 0.25
C THR D 346 -39.84 12.90 -0.38
N THR D 347 -38.73 13.61 -0.19
CA THR D 347 -38.58 14.93 -0.75
C THR D 347 -37.49 14.99 -1.79
N HIS D 348 -37.46 16.07 -2.56
CA HIS D 348 -36.46 16.26 -3.60
C HIS D 348 -35.18 16.82 -3.05
N SER D 349 -34.13 16.02 -3.07
CA SER D 349 -32.85 16.42 -2.52
C SER D 349 -31.90 16.88 -3.59
N PHE D 350 -31.21 17.97 -3.32
CA PHE D 350 -30.15 18.43 -4.21
C PHE D 350 -29.26 19.47 -3.57
N ASN D 351 -28.05 19.59 -4.10
CA ASN D 351 -27.11 20.61 -3.68
C ASN D 351 -27.29 21.86 -4.52
N CYS D 352 -27.64 22.96 -3.88
CA CYS D 352 -27.85 24.21 -4.59
C CYS D 352 -26.54 25.00 -4.67
N GLY D 353 -25.44 24.27 -4.76
CA GLY D 353 -24.13 24.88 -4.89
C GLY D 353 -23.68 25.45 -3.56
N GLY D 354 -24.52 25.29 -2.56
CA GLY D 354 -24.26 25.84 -1.23
C GLY D 354 -24.74 24.87 -0.16
N GLU D 355 -25.73 25.32 0.60
CA GLU D 355 -26.30 24.50 1.64
C GLU D 355 -27.34 23.54 1.06
N PHE D 356 -27.24 22.28 1.44
CA PHE D 356 -28.15 21.25 0.95
C PHE D 356 -29.54 21.46 1.49
N PHE D 357 -30.55 21.19 0.68
CA PHE D 357 -31.92 21.25 1.18
C PHE D 357 -32.86 20.31 0.43
N TYR D 358 -34.04 20.12 1.01
CA TYR D 358 -35.02 19.17 0.51
C TYR D 358 -36.35 19.85 0.25
N CYS D 359 -36.96 19.54 -0.89
CA CYS D 359 -38.22 20.18 -1.25
C CYS D 359 -39.36 19.19 -1.37
N ASN D 360 -40.55 19.62 -0.98
CA ASN D 360 -41.74 18.82 -1.06
C ASN D 360 -42.37 18.90 -2.44
N THR D 361 -42.33 17.80 -3.19
CA THR D 361 -42.76 17.80 -4.57
C THR D 361 -44.12 17.15 -4.77
N SER D 362 -44.92 17.10 -3.73
CA SER D 362 -46.26 16.53 -3.83
C SER D 362 -47.13 17.32 -4.81
N GLY D 363 -46.72 18.55 -5.08
CA GLY D 363 -47.45 19.42 -5.99
C GLY D 363 -47.14 19.12 -7.45
N LEU D 364 -46.12 18.29 -7.69
CA LEU D 364 -45.75 17.93 -9.05
C LEU D 364 -46.15 16.53 -9.39
N PHE D 365 -45.92 15.62 -8.46
CA PHE D 365 -46.30 14.23 -8.69
C PHE D 365 -47.76 14.05 -8.37
N ASN D 366 -48.58 14.61 -9.25
CA ASN D 366 -50.01 14.68 -9.06
C ASN D 366 -50.74 14.60 -10.41
N ASP D 367 -52.04 14.39 -10.35
CA ASP D 367 -52.84 14.34 -11.56
C ASP D 367 -53.53 15.69 -11.80
N THR D 368 -53.74 16.44 -10.73
CA THR D 368 -54.33 17.77 -10.82
C THR D 368 -53.25 18.83 -10.84
N ILE D 369 -53.10 19.49 -11.99
CA ILE D 369 -52.05 20.47 -12.18
C ILE D 369 -52.61 21.80 -12.67
N SER D 370 -52.17 22.88 -12.06
CA SER D 370 -52.57 24.22 -12.49
C SER D 370 -51.58 24.80 -13.49
N ASN D 371 -52.04 25.78 -14.27
CA ASN D 371 -51.16 26.44 -15.24
C ASN D 371 -50.16 27.35 -14.54
N ALA D 372 -50.61 27.99 -13.47
CA ALA D 372 -49.81 28.94 -12.73
C ALA D 372 -48.57 28.29 -12.16
N THR D 373 -47.52 29.08 -11.98
CA THR D 373 -46.29 28.59 -11.40
C THR D 373 -46.54 27.97 -10.03
N ILE D 374 -46.00 26.79 -9.83
CA ILE D 374 -46.17 26.07 -8.57
C ILE D 374 -45.02 26.34 -7.64
N MET D 375 -45.33 26.74 -6.41
CA MET D 375 -44.32 26.97 -5.41
C MET D 375 -44.19 25.75 -4.51
N LEU D 376 -42.97 25.25 -4.37
CA LEU D 376 -42.71 24.09 -3.55
C LEU D 376 -41.84 24.45 -2.35
N PRO D 377 -42.32 24.21 -1.13
CA PRO D 377 -41.66 24.53 0.13
C PRO D 377 -40.49 23.60 0.35
N CYS D 378 -39.46 24.11 1.02
CA CYS D 378 -38.27 23.31 1.28
C CYS D 378 -37.73 23.55 2.69
N ARG D 379 -36.89 22.63 3.15
CA ARG D 379 -36.23 22.76 4.44
C ARG D 379 -34.74 22.52 4.32
N ILE D 380 -33.97 23.19 5.16
CA ILE D 380 -32.52 23.17 5.07
C ILE D 380 -31.87 22.39 6.20
N LYS D 381 -30.89 21.56 5.84
CA LYS D 381 -30.11 20.84 6.84
C LYS D 381 -28.67 21.31 6.87
N GLN D 382 -28.10 21.38 8.06
CA GLN D 382 -26.68 21.68 8.22
C GLN D 382 -25.88 20.39 8.31
N ILE D 383 -26.49 19.36 8.86
CA ILE D 383 -25.81 18.08 9.01
C ILE D 383 -26.32 17.08 7.98
N ILE D 384 -25.43 16.67 7.09
CA ILE D 384 -25.80 15.83 5.96
C ILE D 384 -25.13 14.48 6.00
N ASN D 385 -25.92 13.42 5.79
CA ASN D 385 -25.38 12.08 5.68
C ASN D 385 -25.28 11.70 4.22
N MET D 386 -24.07 11.67 3.70
CA MET D 386 -23.85 11.41 2.29
C MET D 386 -24.21 9.99 1.90
N TRP D 387 -24.85 9.85 0.75
CA TRP D 387 -25.24 8.55 0.21
C TRP D 387 -25.99 7.76 1.26
N GLN D 388 -25.58 6.52 1.46
CA GLN D 388 -26.22 5.65 2.43
C GLN D 388 -25.18 5.04 3.33
N GLU D 389 -24.10 5.77 3.54
CA GLU D 389 -22.99 5.28 4.34
C GLU D 389 -23.18 5.59 5.81
N VAL D 390 -23.38 4.56 6.61
CA VAL D 390 -23.60 4.74 8.03
C VAL D 390 -22.29 5.05 8.73
N GLY D 391 -22.28 6.13 9.50
CA GLY D 391 -21.08 6.57 10.18
C GLY D 391 -20.41 7.71 9.44
N LYS D 392 -20.88 7.98 8.23
CA LYS D 392 -20.36 9.09 7.44
C LYS D 392 -21.22 10.31 7.64
N CYS D 393 -20.59 11.44 7.92
CA CYS D 393 -21.32 12.67 8.16
C CYS D 393 -20.50 13.91 7.89
N ILE D 394 -21.13 14.89 7.27
CA ILE D 394 -20.49 16.17 7.03
C ILE D 394 -21.35 17.31 7.53
N TYR D 395 -20.70 18.39 7.94
CA TYR D 395 -21.40 19.59 8.35
C TYR D 395 -21.17 20.70 7.34
N ALA D 396 -22.25 21.32 6.89
CA ALA D 396 -22.13 22.37 5.91
C ALA D 396 -22.17 23.73 6.61
N PRO D 397 -21.22 24.61 6.30
CA PRO D 397 -21.12 25.97 6.76
C PRO D 397 -22.16 26.82 6.03
N PRO D 398 -22.63 27.88 6.67
CA PRO D 398 -23.58 28.83 6.16
C PRO D 398 -22.97 29.68 5.07
N ILE D 399 -23.80 30.07 4.11
CA ILE D 399 -23.37 30.95 3.05
C ILE D 399 -23.97 32.34 3.23
N LYS D 400 -23.11 33.33 3.45
CA LYS D 400 -23.56 34.69 3.67
C LYS D 400 -24.30 35.23 2.46
N GLY D 401 -25.48 35.82 2.69
CA GLY D 401 -26.32 36.32 1.61
C GLY D 401 -27.28 35.23 1.15
N ASN D 402 -28.15 35.56 0.20
CA ASN D 402 -29.13 34.59 -0.27
C ASN D 402 -28.58 33.79 -1.44
N ILE D 403 -29.23 32.67 -1.74
CA ILE D 403 -28.84 31.82 -2.87
C ILE D 403 -30.00 31.55 -3.80
N THR D 404 -29.74 31.61 -5.10
CA THR D 404 -30.72 31.24 -6.10
C THR D 404 -30.09 30.36 -7.18
N CYS D 405 -30.71 29.22 -7.44
CA CYS D 405 -30.22 28.28 -8.44
C CYS D 405 -31.21 28.08 -9.57
N LYS D 406 -30.76 28.32 -10.78
CA LYS D 406 -31.56 28.05 -11.96
C LYS D 406 -31.08 26.78 -12.63
N SER D 407 -31.95 25.78 -12.70
CA SER D 407 -31.55 24.49 -13.24
C SER D 407 -32.63 23.88 -14.10
N ASP D 408 -32.25 22.91 -14.90
CA ASP D 408 -33.19 22.23 -15.77
C ASP D 408 -33.45 20.81 -15.33
N ILE D 409 -34.71 20.41 -15.37
CA ILE D 409 -35.06 19.02 -15.17
C ILE D 409 -34.91 18.27 -16.47
N THR D 410 -34.07 17.25 -16.45
CA THR D 410 -33.75 16.53 -17.68
C THR D 410 -34.33 15.13 -17.68
N GLY D 411 -34.69 14.64 -16.51
CA GLY D 411 -35.28 13.32 -16.37
C GLY D 411 -35.66 13.07 -14.93
N LEU D 412 -36.24 11.92 -14.66
CA LEU D 412 -36.65 11.61 -13.30
C LEU D 412 -36.75 10.11 -13.08
N LEU D 413 -36.80 9.73 -11.81
CA LEU D 413 -36.89 8.32 -11.43
C LEU D 413 -38.27 7.99 -10.87
N LEU D 414 -38.91 7.00 -11.48
CA LEU D 414 -40.23 6.57 -11.04
C LEU D 414 -40.28 5.09 -10.75
N LEU D 415 -41.12 4.70 -9.81
CA LEU D 415 -41.39 3.29 -9.56
C LEU D 415 -42.88 3.03 -9.60
N ARG D 416 -43.26 1.81 -9.92
CA ARG D 416 -44.68 1.46 -10.03
C ARG D 416 -45.17 0.67 -8.84
N ASP D 417 -46.38 0.98 -8.38
CA ASP D 417 -47.01 0.21 -7.30
C ASP D 417 -47.21 -1.23 -7.71
N GLY D 418 -47.01 -2.14 -6.77
CA GLY D 418 -47.22 -3.57 -7.04
C GLY D 418 -48.71 -3.92 -7.10
N CYS D 419 -49.00 -5.14 -7.50
CA CYS D 419 -50.37 -5.63 -7.64
C CYS D 419 -51.10 -4.93 -8.77
N ASN D 420 -52.42 -5.16 -8.85
CA ASN D 420 -53.25 -4.56 -9.88
C ASN D 420 -54.64 -4.25 -9.36
N THR D 421 -55.17 -3.10 -9.74
CA THR D 421 -56.51 -2.69 -9.32
C THR D 421 -57.56 -3.00 -10.36
N ALA D 422 -58.78 -3.25 -9.89
CA ALA D 422 -59.92 -3.44 -10.77
C ALA D 422 -60.21 -2.16 -11.54
N ASN D 423 -59.64 -1.06 -11.08
CA ASN D 423 -59.83 0.24 -11.71
C ASN D 423 -59.00 0.37 -12.98
N ASN D 424 -58.19 -0.66 -13.25
CA ASN D 424 -57.38 -0.69 -14.45
C ASN D 424 -56.53 0.55 -14.57
N ALA D 425 -55.89 0.94 -13.48
CA ALA D 425 -55.02 2.10 -13.48
C ALA D 425 -53.72 1.77 -12.76
N GLU D 426 -52.62 2.23 -13.31
CA GLU D 426 -51.32 2.01 -12.69
C GLU D 426 -50.82 3.29 -12.05
N ILE D 427 -50.22 3.15 -10.88
CA ILE D 427 -49.75 4.30 -10.13
C ILE D 427 -48.25 4.33 -10.05
N PHE D 428 -47.68 5.48 -10.39
CA PHE D 428 -46.24 5.68 -10.35
C PHE D 428 -45.86 6.72 -9.31
N ARG D 429 -44.72 6.51 -8.68
CA ARG D 429 -44.25 7.39 -7.63
C ARG D 429 -42.79 7.72 -7.82
N PRO D 430 -42.34 8.87 -7.30
CA PRO D 430 -40.96 9.30 -7.22
C PRO D 430 -40.15 8.38 -6.32
N GLY D 431 -38.86 8.30 -6.58
CA GLY D 431 -37.98 7.44 -5.80
C GLY D 431 -36.51 7.73 -6.10
N GLY D 432 -35.64 6.79 -5.73
CA GLY D 432 -34.21 6.97 -5.93
C GLY D 432 -33.45 6.68 -4.65
N GLY D 433 -32.32 7.34 -4.47
CA GLY D 433 -31.50 7.19 -3.27
C GLY D 433 -30.16 6.55 -3.57
N ASP D 434 -30.16 5.60 -4.49
CA ASP D 434 -28.92 4.96 -4.91
C ASP D 434 -28.33 5.72 -6.09
N MET D 435 -27.29 6.48 -5.82
CA MET D 435 -26.72 7.38 -6.82
C MET D 435 -26.29 6.63 -8.07
N ARG D 436 -26.06 5.33 -7.94
CA ARG D 436 -25.64 4.55 -9.08
C ARG D 436 -26.64 4.67 -10.22
N ASP D 437 -27.91 4.87 -9.89
CA ASP D 437 -28.93 5.00 -10.90
C ASP D 437 -28.87 6.35 -11.57
N ASN D 438 -28.28 7.33 -10.90
CA ASN D 438 -28.08 8.63 -11.51
C ASN D 438 -26.97 8.55 -12.54
N TRP D 439 -25.90 7.88 -12.16
CA TRP D 439 -24.77 7.70 -13.07
C TRP D 439 -25.20 6.82 -14.23
N ARG D 440 -25.99 5.80 -13.93
CA ARG D 440 -26.47 4.87 -14.94
C ARG D 440 -27.28 5.59 -16.00
N SER D 441 -27.88 6.72 -15.62
CA SER D 441 -28.73 7.46 -16.53
C SER D 441 -27.94 8.28 -17.52
N GLU D 442 -26.63 8.34 -17.34
CA GLU D 442 -25.77 9.11 -18.23
C GLU D 442 -24.79 8.22 -18.99
N LEU D 443 -24.31 7.17 -18.32
CA LEU D 443 -23.29 6.30 -18.88
C LEU D 443 -23.87 5.14 -19.69
N TYR D 444 -25.17 5.13 -19.88
CA TYR D 444 -25.84 4.03 -20.55
C TYR D 444 -25.45 3.90 -22.02
N LYS D 445 -24.85 4.94 -22.58
CA LYS D 445 -24.46 4.90 -23.99
C LYS D 445 -23.07 4.33 -24.20
N TYR D 446 -22.35 4.08 -23.12
CA TYR D 446 -20.96 3.65 -23.26
C TYR D 446 -20.74 2.19 -22.91
N LYS D 447 -19.77 1.57 -23.58
CA LYS D 447 -19.35 0.21 -23.28
C LYS D 447 -17.84 0.08 -23.43
N VAL D 448 -17.21 -0.67 -22.52
CA VAL D 448 -15.76 -0.83 -22.56
C VAL D 448 -15.34 -2.22 -22.97
N VAL D 449 -14.50 -2.30 -24.00
CA VAL D 449 -14.00 -3.57 -24.50
C VAL D 449 -12.49 -3.54 -24.65
N LYS D 450 -11.89 -4.72 -24.73
CA LYS D 450 -10.47 -4.83 -24.97
C LYS D 450 -10.21 -5.34 -26.38
N ILE D 451 -9.18 -4.81 -27.01
CA ILE D 451 -8.84 -5.18 -28.37
C ILE D 451 -7.91 -6.38 -28.39
N GLU D 452 -8.21 -7.34 -29.24
CA GLU D 452 -7.37 -8.53 -29.39
C GLU D 452 -6.75 -8.58 -30.80
N PRO D 453 -5.60 -7.94 -30.98
CA PRO D 453 -4.99 -7.59 -32.24
C PRO D 453 -4.46 -8.80 -32.99
N LEU D 454 -4.30 -9.90 -32.28
CA LEU D 454 -3.71 -11.08 -32.88
C LEU D 454 -4.77 -12.02 -33.43
N GLY D 455 -4.69 -12.30 -34.73
CA GLY D 455 -5.64 -13.19 -35.39
C GLY D 455 -4.94 -14.14 -36.34
N VAL D 456 -5.59 -15.25 -36.65
CA VAL D 456 -5.02 -16.25 -37.56
C VAL D 456 -6.03 -16.64 -38.63
N ALA D 457 -5.54 -16.78 -39.87
CA ALA D 457 -6.41 -17.13 -41.00
C ALA D 457 -5.66 -18.04 -41.98
N PRO D 458 -6.40 -18.85 -42.76
CA PRO D 458 -5.92 -19.70 -43.83
C PRO D 458 -5.57 -18.93 -45.09
N THR D 459 -4.40 -19.20 -45.64
CA THR D 459 -3.95 -18.56 -46.87
C THR D 459 -3.26 -19.55 -47.78
N ARG D 460 -3.10 -19.19 -49.06
CA ARG D 460 -2.39 -20.04 -50.01
C ARG D 460 -0.93 -19.61 -50.17
N CYS D 461 -0.12 -19.89 -49.15
CA CYS D 461 1.28 -19.51 -49.17
C CYS D 461 2.10 -20.39 -48.23
N LYS D 462 3.42 -20.27 -48.33
CA LYS D 462 4.32 -20.95 -47.42
C LYS D 462 5.57 -20.10 -47.18
N ARG D 463 5.93 -19.93 -45.91
CA ARG D 463 7.09 -19.11 -45.57
C ARG D 463 8.35 -19.64 -46.22
N ARG D 464 9.13 -18.75 -46.82
CA ARG D 464 10.37 -19.13 -47.47
C ARG D 464 10.15 -20.27 -48.46
N PHE D 484 -9.45 5.07 -36.56
CA PHE D 484 -9.00 4.00 -35.69
C PHE D 484 -10.07 2.93 -35.51
N LEU D 485 -9.70 1.69 -35.82
CA LEU D 485 -10.58 0.54 -35.62
C LEU D 485 -11.83 0.61 -36.50
N GLY D 486 -11.82 1.52 -37.47
CA GLY D 486 -12.92 1.66 -38.41
C GLY D 486 -13.00 0.43 -39.31
N ALA D 487 -11.90 -0.31 -39.36
CA ALA D 487 -11.80 -1.49 -40.20
C ALA D 487 -12.70 -2.60 -39.68
N ALA D 488 -13.24 -2.43 -38.50
CA ALA D 488 -14.11 -3.45 -37.90
C ALA D 488 -15.28 -3.75 -38.83
N GLY D 489 -15.72 -2.76 -39.59
CA GLY D 489 -16.86 -2.91 -40.48
C GLY D 489 -16.44 -3.47 -41.83
N SER D 490 -15.14 -3.66 -42.03
CA SER D 490 -14.62 -4.13 -43.31
C SER D 490 -14.37 -5.62 -43.30
N THR D 491 -14.28 -6.20 -44.49
CA THR D 491 -14.02 -7.62 -44.62
C THR D 491 -12.59 -7.93 -44.22
N MET D 492 -12.32 -9.20 -43.95
CA MET D 492 -11.00 -9.61 -43.48
C MET D 492 -9.89 -9.14 -44.41
N GLY D 493 -10.10 -9.29 -45.71
CA GLY D 493 -9.10 -8.90 -46.70
C GLY D 493 -8.78 -7.42 -46.63
N ALA D 494 -9.79 -6.60 -46.87
CA ALA D 494 -9.61 -5.15 -46.88
C ALA D 494 -9.06 -4.64 -45.55
N ALA D 495 -9.53 -5.23 -44.46
CA ALA D 495 -9.15 -4.79 -43.13
C ALA D 495 -7.66 -4.94 -42.89
N SER D 496 -7.00 -5.77 -43.68
CA SER D 496 -5.59 -6.02 -43.51
C SER D 496 -4.74 -4.84 -43.96
N MET D 497 -5.39 -3.86 -44.61
CA MET D 497 -4.69 -2.69 -45.13
C MET D 497 -4.58 -1.59 -44.07
N THR D 498 -5.15 -1.82 -42.90
CA THR D 498 -5.15 -0.83 -41.83
C THR D 498 -4.52 -1.36 -40.56
N LEU D 499 -3.74 -2.42 -40.66
CA LEU D 499 -3.17 -3.05 -39.48
C LEU D 499 -2.26 -2.09 -38.70
N THR D 500 -1.50 -1.28 -39.43
CA THR D 500 -0.64 -0.30 -38.79
C THR D 500 -1.44 0.77 -38.08
N VAL D 501 -2.48 1.25 -38.74
CA VAL D 501 -3.30 2.31 -38.19
C VAL D 501 -3.81 1.95 -36.81
N GLN D 502 -4.22 0.70 -36.66
CA GLN D 502 -4.73 0.20 -35.40
C GLN D 502 -3.61 -0.11 -34.41
N ALA D 503 -2.65 -0.91 -34.86
CA ALA D 503 -1.59 -1.41 -33.99
C ALA D 503 -0.79 -0.29 -33.34
N ARG D 504 -0.55 0.77 -34.09
CA ARG D 504 0.28 1.88 -33.60
C ARG D 504 -0.36 2.60 -32.42
N ASN D 505 -1.64 2.37 -32.20
CA ASN D 505 -2.37 3.06 -31.14
C ASN D 505 -2.71 2.13 -29.97
N LEU D 506 -2.07 0.97 -29.92
CA LEU D 506 -2.35 0.01 -28.86
C LEU D 506 -1.25 -0.02 -27.81
N LEU D 507 -0.40 1.00 -27.80
CA LEU D 507 0.71 1.05 -26.85
C LEU D 507 0.66 2.27 -25.94
N SER D 508 0.68 3.46 -26.54
CA SER D 508 0.80 4.69 -25.77
C SER D 508 -0.24 5.72 -26.16
N GLY D 509 -1.42 5.26 -26.52
CA GLY D 509 -2.50 6.15 -26.95
C GLY D 509 -2.84 7.18 -25.87
N ILE D 510 -2.49 6.88 -24.62
CA ILE D 510 -2.76 7.76 -23.49
C ILE D 510 -1.97 9.07 -23.59
N VAL D 511 -0.92 9.07 -24.41
CA VAL D 511 -0.09 10.25 -24.61
C VAL D 511 0.24 10.45 -26.08
N VAL D 532 -6.55 10.78 -5.83
CA VAL D 532 -6.83 9.36 -5.73
C VAL D 532 -6.76 8.71 -7.11
N TRP D 533 -6.54 9.54 -8.13
CA TRP D 533 -6.47 9.07 -9.50
C TRP D 533 -5.07 8.59 -9.85
N GLY D 534 -4.09 9.08 -9.10
CA GLY D 534 -2.68 8.79 -9.38
C GLY D 534 -2.41 7.29 -9.50
N ILE D 535 -2.80 6.55 -8.48
CA ILE D 535 -2.52 5.12 -8.46
C ILE D 535 -3.19 4.39 -9.61
N LYS D 536 -4.38 4.85 -9.99
CA LYS D 536 -5.10 4.22 -11.08
C LYS D 536 -4.39 4.41 -12.39
N GLN D 537 -3.91 5.63 -12.63
CA GLN D 537 -3.18 5.91 -13.84
C GLN D 537 -1.92 5.09 -13.93
N LEU D 538 -1.22 4.96 -12.80
CA LEU D 538 0.02 4.20 -12.76
C LEU D 538 -0.24 2.72 -13.04
N GLN D 539 -1.28 2.17 -12.43
CA GLN D 539 -1.63 0.78 -12.64
C GLN D 539 -1.99 0.54 -14.09
N ALA D 540 -2.75 1.46 -14.68
CA ALA D 540 -3.18 1.33 -16.06
C ALA D 540 -1.99 1.30 -17.00
N ARG D 541 -1.01 2.16 -16.73
CA ARG D 541 0.18 2.24 -17.56
C ARG D 541 0.90 0.89 -17.60
N VAL D 542 1.07 0.29 -16.43
CA VAL D 542 1.75 -0.99 -16.34
C VAL D 542 1.00 -2.09 -17.09
N LEU D 543 -0.31 -2.13 -16.91
CA LEU D 543 -1.11 -3.14 -17.59
C LEU D 543 -0.94 -3.06 -19.09
N ALA D 544 -1.01 -1.85 -19.63
CA ALA D 544 -0.88 -1.66 -21.07
C ALA D 544 0.43 -2.24 -21.57
N VAL D 545 1.50 -2.01 -20.82
CA VAL D 545 2.81 -2.53 -21.19
C VAL D 545 2.82 -4.05 -21.19
N GLU D 546 2.28 -4.64 -20.13
CA GLU D 546 2.27 -6.09 -20.02
C GLU D 546 1.63 -6.74 -21.22
N ARG D 547 0.46 -6.25 -21.60
CA ARG D 547 -0.26 -6.82 -22.73
C ARG D 547 0.53 -6.68 -24.01
N TYR D 548 1.06 -5.48 -24.23
CA TYR D 548 1.82 -5.20 -25.44
C TYR D 548 2.99 -6.17 -25.59
N LEU D 549 3.79 -6.28 -24.54
CA LEU D 549 4.98 -7.12 -24.60
C LEU D 549 4.61 -8.58 -24.80
N ARG D 550 3.55 -9.02 -24.13
CA ARG D 550 3.12 -10.40 -24.29
C ARG D 550 2.93 -10.74 -25.75
N ASP D 551 2.17 -9.92 -26.46
CA ASP D 551 1.89 -10.18 -27.85
C ASP D 551 3.14 -10.11 -28.70
N GLN D 552 4.01 -9.14 -28.42
CA GLN D 552 5.24 -9.02 -29.18
C GLN D 552 6.13 -10.22 -28.99
N GLN D 553 6.14 -10.75 -27.77
CA GLN D 553 6.93 -11.92 -27.47
C GLN D 553 6.49 -13.10 -28.32
N LEU D 554 5.18 -13.29 -28.43
CA LEU D 554 4.65 -14.38 -29.22
C LEU D 554 5.05 -14.27 -30.68
N LEU D 555 4.94 -13.06 -31.22
CA LEU D 555 5.29 -12.83 -32.61
C LEU D 555 6.76 -13.13 -32.84
N GLY D 556 7.58 -12.75 -31.87
CA GLY D 556 9.00 -13.03 -31.93
C GLY D 556 9.26 -14.53 -31.97
N ILE D 557 8.66 -15.24 -31.03
CA ILE D 557 8.84 -16.68 -30.91
C ILE D 557 8.44 -17.40 -32.19
N TRP D 558 7.35 -16.97 -32.79
CA TRP D 558 6.83 -17.63 -33.98
C TRP D 558 7.61 -17.24 -35.24
N GLY D 559 8.62 -16.40 -35.08
CA GLY D 559 9.46 -15.98 -36.19
C GLY D 559 8.76 -14.96 -37.07
N CYS D 560 7.85 -14.20 -36.49
CA CYS D 560 7.08 -13.21 -37.25
C CYS D 560 7.33 -11.80 -36.74
N SER D 561 8.49 -11.60 -36.13
CA SER D 561 8.82 -10.31 -35.55
C SER D 561 8.84 -9.20 -36.60
N GLY D 562 8.20 -8.09 -36.28
CA GLY D 562 8.25 -6.89 -37.13
C GLY D 562 7.28 -6.96 -38.30
N LYS D 563 6.60 -8.08 -38.44
CA LYS D 563 5.68 -8.25 -39.56
C LYS D 563 4.26 -7.96 -39.13
N LEU D 564 3.42 -7.59 -40.10
CA LEU D 564 2.01 -7.41 -39.84
C LEU D 564 1.25 -8.60 -40.35
N ILE D 565 1.68 -9.12 -41.50
CA ILE D 565 1.10 -10.33 -42.03
C ILE D 565 2.19 -11.37 -42.25
N CYS D 566 2.19 -12.40 -41.42
CA CYS D 566 3.28 -13.36 -41.43
C CYS D 566 2.83 -14.75 -41.84
N CYS D 567 3.28 -15.18 -43.01
CA CYS D 567 2.99 -16.52 -43.49
C CYS D 567 3.92 -17.49 -42.78
N THR D 568 3.39 -18.61 -42.32
CA THR D 568 4.17 -19.55 -41.53
C THR D 568 4.49 -20.84 -42.28
N ASN D 569 5.07 -21.80 -41.56
CA ASN D 569 5.40 -23.10 -42.14
C ASN D 569 4.52 -24.21 -41.58
N VAL D 570 3.37 -23.81 -41.03
CA VAL D 570 2.41 -24.76 -40.49
C VAL D 570 1.17 -24.82 -41.39
N PRO D 571 0.80 -26.01 -41.88
CA PRO D 571 -0.29 -26.28 -42.78
C PRO D 571 -1.63 -26.09 -42.08
N TRP D 572 -2.63 -25.69 -42.83
CA TRP D 572 -3.97 -25.50 -42.28
C TRP D 572 -4.68 -26.83 -42.07
N ASN D 573 -5.38 -26.96 -40.95
CA ASN D 573 -6.15 -28.17 -40.66
C ASN D 573 -7.52 -28.12 -41.29
N SER D 574 -8.09 -29.29 -41.55
CA SER D 574 -9.43 -29.38 -42.12
C SER D 574 -10.49 -29.27 -41.06
N SER D 575 -10.13 -29.59 -39.82
CA SER D 575 -11.07 -29.59 -38.72
C SER D 575 -11.32 -28.20 -38.18
N TRP D 576 -10.49 -27.25 -38.57
CA TRP D 576 -10.55 -25.90 -38.04
C TRP D 576 -11.62 -25.06 -38.71
N SER D 577 -11.90 -25.34 -39.98
CA SER D 577 -12.87 -24.55 -40.73
C SER D 577 -13.32 -25.24 -42.00
N ASN D 578 -14.60 -25.08 -42.33
CA ASN D 578 -15.14 -25.61 -43.57
C ASN D 578 -15.72 -24.49 -44.41
N ARG D 579 -15.18 -23.29 -44.27
CA ARG D 579 -15.66 -22.14 -45.00
C ARG D 579 -14.89 -21.97 -46.29
N ASN D 580 -15.53 -21.39 -47.30
CA ASN D 580 -14.87 -21.10 -48.57
C ASN D 580 -13.85 -20.00 -48.39
N LEU D 581 -12.68 -20.19 -48.99
CA LEU D 581 -11.61 -19.21 -48.88
C LEU D 581 -12.08 -17.83 -49.31
N SER D 582 -12.88 -17.78 -50.37
CA SER D 582 -13.36 -16.52 -50.89
C SER D 582 -14.28 -15.84 -49.89
N GLU D 583 -15.18 -16.61 -49.30
CA GLU D 583 -16.10 -16.06 -48.31
C GLU D 583 -15.32 -15.50 -47.13
N ILE D 584 -14.28 -16.21 -46.73
CA ILE D 584 -13.48 -15.80 -45.58
C ILE D 584 -12.90 -14.42 -45.77
N TRP D 585 -12.30 -14.19 -46.93
CA TRP D 585 -11.58 -12.95 -47.16
C TRP D 585 -12.42 -11.84 -47.78
N ASP D 586 -13.42 -12.21 -48.57
CA ASP D 586 -14.20 -11.23 -49.32
C ASP D 586 -15.54 -10.90 -48.66
N ASN D 587 -16.05 -11.81 -47.81
CA ASN D 587 -17.36 -11.60 -47.22
C ASN D 587 -17.29 -11.38 -45.72
N MET D 588 -16.63 -12.30 -45.03
CA MET D 588 -16.58 -12.27 -43.57
C MET D 588 -15.73 -11.14 -43.05
N THR D 589 -16.10 -10.65 -41.88
CA THR D 589 -15.29 -9.67 -41.16
C THR D 589 -14.47 -10.38 -40.09
N TRP D 590 -13.50 -9.69 -39.54
CA TRP D 590 -12.63 -10.31 -38.53
C TRP D 590 -13.40 -10.72 -37.29
N LEU D 591 -14.41 -9.93 -36.92
CA LEU D 591 -15.22 -10.25 -35.75
C LEU D 591 -15.92 -11.58 -35.94
N GLN D 592 -16.50 -11.78 -37.12
CA GLN D 592 -17.23 -13.00 -37.40
C GLN D 592 -16.29 -14.18 -37.44
N TRP D 593 -15.10 -13.96 -38.00
CA TRP D 593 -14.10 -14.99 -38.08
C TRP D 593 -13.69 -15.46 -36.70
N ASP D 594 -13.35 -14.50 -35.84
CA ASP D 594 -12.90 -14.81 -34.49
C ASP D 594 -13.87 -15.76 -33.79
N LYS D 595 -15.15 -15.44 -33.88
CA LYS D 595 -16.17 -16.22 -33.18
C LYS D 595 -16.21 -17.68 -33.63
N GLU D 596 -15.62 -17.97 -34.78
CA GLU D 596 -15.65 -19.33 -35.32
C GLU D 596 -14.32 -20.05 -35.16
N ILE D 597 -13.22 -19.34 -35.37
CA ILE D 597 -11.91 -19.97 -35.36
C ILE D 597 -11.28 -20.02 -33.96
N SER D 598 -11.80 -19.24 -33.03
CA SER D 598 -11.23 -19.16 -31.69
C SER D 598 -11.14 -20.53 -31.03
N ASN D 599 -11.93 -21.46 -31.52
CA ASN D 599 -12.02 -22.80 -30.97
C ASN D 599 -10.66 -23.49 -30.89
N TYR D 600 -9.74 -23.07 -31.76
CA TYR D 600 -8.45 -23.76 -31.84
C TYR D 600 -7.28 -22.80 -31.62
N THR D 601 -7.52 -21.73 -30.87
CA THR D 601 -6.51 -20.72 -30.65
C THR D 601 -5.22 -21.31 -30.10
N GLN D 602 -5.32 -22.08 -29.03
CA GLN D 602 -4.13 -22.62 -28.38
C GLN D 602 -3.50 -23.72 -29.21
N ILE D 603 -4.33 -24.45 -29.94
CA ILE D 603 -3.84 -25.54 -30.77
C ILE D 603 -2.83 -25.01 -31.78
N ILE D 604 -3.21 -23.95 -32.46
CA ILE D 604 -2.35 -23.35 -33.46
C ILE D 604 -1.08 -22.79 -32.86
N TYR D 605 -1.23 -22.05 -31.76
CA TYR D 605 -0.08 -21.42 -31.13
C TYR D 605 0.98 -22.45 -30.79
N GLY D 606 0.56 -23.59 -30.26
CA GLY D 606 1.50 -24.65 -29.92
C GLY D 606 2.31 -25.07 -31.14
N LEU D 607 1.63 -25.33 -32.24
CA LEU D 607 2.29 -25.77 -33.46
C LEU D 607 3.28 -24.73 -33.96
N LEU D 608 2.91 -23.46 -33.85
CA LEU D 608 3.76 -22.40 -34.34
C LEU D 608 5.09 -22.35 -33.59
N GLU D 609 5.03 -22.56 -32.29
CA GLU D 609 6.24 -22.56 -31.48
C GLU D 609 7.16 -23.71 -31.88
N GLU D 610 6.56 -24.88 -32.10
CA GLU D 610 7.33 -26.05 -32.50
C GLU D 610 8.03 -25.82 -33.83
N SER D 611 7.35 -25.13 -34.74
CA SER D 611 7.91 -24.82 -36.05
C SER D 611 9.20 -24.05 -35.94
N GLN D 612 9.20 -22.99 -35.14
CA GLN D 612 10.40 -22.17 -35.00
C GLN D 612 11.53 -22.97 -34.39
N ASN D 613 11.21 -23.82 -33.43
CA ASN D 613 12.23 -24.66 -32.82
C ASN D 613 12.91 -25.51 -33.87
N GLN D 614 12.10 -26.10 -34.75
CA GLN D 614 12.63 -26.89 -35.84
C GLN D 614 13.51 -26.05 -36.75
N GLN D 615 13.08 -24.84 -37.04
CA GLN D 615 13.85 -23.97 -37.91
C GLN D 615 15.17 -23.59 -37.28
N GLU D 616 15.18 -23.31 -35.98
CA GLU D 616 16.39 -22.89 -35.30
C GLU D 616 17.46 -23.96 -35.34
N LYS D 617 17.07 -25.22 -35.12
CA LYS D 617 18.03 -26.31 -35.13
C LYS D 617 18.52 -26.58 -36.55
N ASN D 618 17.63 -26.37 -37.52
CA ASN D 618 18.01 -26.55 -38.91
C ASN D 618 19.03 -25.50 -39.32
N GLU D 619 18.85 -24.27 -38.84
CA GLU D 619 19.79 -23.21 -39.15
C GLU D 619 21.15 -23.50 -38.54
N GLN D 620 21.16 -24.01 -37.31
CA GLN D 620 22.40 -24.36 -36.66
C GLN D 620 23.10 -25.48 -37.39
N ASP D 621 22.33 -26.44 -37.88
CA ASP D 621 22.88 -27.54 -38.65
C ASP D 621 23.60 -27.02 -39.87
N LEU D 622 22.94 -26.11 -40.60
CA LEU D 622 23.51 -25.52 -41.80
C LEU D 622 24.73 -24.66 -41.49
N LEU D 623 24.65 -23.89 -40.41
CA LEU D 623 25.75 -23.02 -40.01
C LEU D 623 27.00 -23.82 -39.68
N ALA D 624 26.81 -24.99 -39.10
CA ALA D 624 27.92 -25.86 -38.69
C ALA D 624 28.70 -26.35 -39.90
N LEU D 625 28.12 -26.25 -41.09
CA LEU D 625 28.77 -26.75 -42.30
C LEU D 625 29.77 -25.75 -42.84
N GLU E 20 -52.27 -7.42 -15.89
CA GLU E 20 -51.69 -8.06 -14.72
C GLU E 20 -51.40 -9.53 -14.98
N ILE E 21 -50.88 -10.20 -13.96
CA ILE E 21 -50.57 -11.61 -14.08
C ILE E 21 -51.46 -12.44 -13.15
N VAL E 22 -52.12 -13.43 -13.72
CA VAL E 22 -52.94 -14.34 -12.95
C VAL E 22 -52.47 -15.76 -13.16
N LEU E 23 -52.08 -16.42 -12.08
CA LEU E 23 -51.55 -17.77 -12.18
C LEU E 23 -52.59 -18.81 -11.83
N THR E 24 -52.71 -19.82 -12.68
CA THR E 24 -53.62 -20.92 -12.45
C THR E 24 -52.90 -22.26 -12.46
N GLN E 25 -53.21 -23.09 -11.47
CA GLN E 25 -52.56 -24.40 -11.35
C GLN E 25 -53.58 -25.51 -11.37
N SER E 26 -53.13 -26.70 -11.76
CA SER E 26 -54.00 -27.87 -11.80
C SER E 26 -53.17 -29.15 -11.83
N PRO E 27 -53.79 -30.27 -11.45
CA PRO E 27 -55.06 -30.44 -10.75
C PRO E 27 -55.03 -29.82 -9.38
N ALA E 28 -56.17 -29.33 -8.91
CA ALA E 28 -56.26 -28.72 -7.58
C ALA E 28 -55.74 -29.67 -6.52
N THR E 29 -56.12 -30.93 -6.62
CA THR E 29 -55.70 -31.93 -5.66
C THR E 29 -55.31 -33.22 -6.36
N LEU E 30 -54.33 -33.92 -5.81
CA LEU E 30 -53.86 -35.18 -6.38
C LEU E 30 -53.67 -36.26 -5.32
N SER E 31 -54.46 -37.33 -5.40
CA SER E 31 -54.29 -38.45 -4.50
C SER E 31 -53.27 -39.40 -5.07
N LEU E 32 -52.06 -39.36 -4.52
CA LEU E 32 -50.95 -40.11 -5.09
C LEU E 32 -50.35 -41.07 -4.07
N SER E 33 -49.67 -42.10 -4.56
CA SER E 33 -49.03 -43.06 -3.69
C SER E 33 -47.50 -42.94 -3.76
N PRO E 34 -46.79 -43.35 -2.71
CA PRO E 34 -45.35 -43.42 -2.62
C PRO E 34 -44.74 -44.18 -3.79
N GLY E 35 -43.63 -43.68 -4.30
CA GLY E 35 -42.91 -44.33 -5.39
C GLY E 35 -43.36 -43.85 -6.75
N GLU E 36 -44.51 -43.19 -6.80
CA GLU E 36 -45.07 -42.71 -8.07
C GLU E 36 -44.43 -41.41 -8.51
N ARG E 37 -44.88 -40.91 -9.66
CA ARG E 37 -44.41 -39.63 -10.18
C ARG E 37 -45.59 -38.79 -10.62
N ALA E 38 -45.49 -37.48 -10.41
CA ALA E 38 -46.56 -36.58 -10.81
C ALA E 38 -46.02 -35.21 -11.12
N THR E 39 -46.78 -34.44 -11.87
CA THR E 39 -46.38 -33.10 -12.24
C THR E 39 -47.51 -32.10 -11.99
N LEU E 40 -47.14 -30.83 -11.76
CA LEU E 40 -48.11 -29.78 -11.49
C LEU E 40 -47.98 -28.63 -12.47
N SER E 41 -49.06 -28.30 -13.16
CA SER E 41 -49.02 -27.27 -14.18
C SER E 41 -49.13 -25.88 -13.58
N CYS E 42 -48.78 -24.88 -14.38
CA CYS E 42 -48.95 -23.48 -14.02
C CYS E 42 -48.99 -22.61 -15.27
N ARG E 43 -50.05 -21.84 -15.43
CA ARG E 43 -50.19 -20.99 -16.61
C ARG E 43 -50.37 -19.53 -16.26
N ALA E 44 -49.97 -18.67 -17.19
CA ALA E 44 -50.12 -17.23 -17.02
C ALA E 44 -50.60 -16.59 -18.31
N SER E 45 -51.24 -15.44 -18.20
CA SER E 45 -51.76 -14.73 -19.36
C SER E 45 -50.69 -13.93 -20.07
N GLN E 46 -49.54 -13.78 -19.42
CA GLN E 46 -48.44 -13.00 -19.98
C GLN E 46 -47.13 -13.77 -19.92
N SER E 47 -46.28 -13.55 -20.92
CA SER E 47 -44.98 -14.16 -20.96
C SER E 47 -44.05 -13.55 -19.92
N VAL E 48 -43.45 -14.41 -19.12
CA VAL E 48 -42.52 -13.97 -18.09
C VAL E 48 -41.18 -14.67 -18.23
N SER E 49 -40.90 -15.12 -19.45
CA SER E 49 -39.68 -15.86 -19.73
C SER E 49 -39.60 -17.11 -18.84
N SER E 50 -38.78 -17.04 -17.79
CA SER E 50 -38.59 -18.17 -16.90
C SER E 50 -38.51 -17.75 -15.44
N TYR E 51 -38.94 -16.53 -15.14
CA TYR E 51 -38.83 -16.01 -13.77
C TYR E 51 -39.93 -16.57 -12.88
N LEU E 52 -39.84 -17.87 -12.62
CA LEU E 52 -40.81 -18.56 -11.79
C LEU E 52 -40.20 -19.12 -10.53
N ALA E 53 -41.06 -19.44 -9.57
CA ALA E 53 -40.63 -20.13 -8.37
C ALA E 53 -41.73 -21.03 -7.87
N TRP E 54 -41.34 -22.11 -7.20
CA TRP E 54 -42.29 -23.03 -6.59
C TRP E 54 -42.02 -23.18 -5.12
N TYR E 55 -43.08 -23.16 -4.32
CA TYR E 55 -42.94 -23.26 -2.87
C TYR E 55 -43.72 -24.41 -2.29
N GLN E 56 -43.13 -25.05 -1.27
CA GLN E 56 -43.80 -26.10 -0.52
C GLN E 56 -44.43 -25.52 0.74
N GLN E 57 -45.66 -25.91 1.01
CA GLN E 57 -46.36 -25.41 2.19
C GLN E 57 -47.01 -26.53 2.99
N LYS E 58 -46.56 -26.67 4.23
CA LYS E 58 -47.14 -27.66 5.14
C LYS E 58 -47.94 -26.96 6.23
N PRO E 59 -48.94 -27.64 6.80
CA PRO E 59 -49.78 -27.18 7.89
C PRO E 59 -48.96 -26.64 9.05
N GLY E 60 -49.21 -25.38 9.40
CA GLY E 60 -48.56 -24.74 10.55
C GLY E 60 -47.11 -24.35 10.27
N GLN E 61 -46.63 -24.63 9.07
CA GLN E 61 -45.23 -24.35 8.74
C GLN E 61 -45.10 -23.12 7.86
N ALA E 62 -43.90 -22.57 7.81
CA ALA E 62 -43.61 -21.49 6.88
C ALA E 62 -43.44 -22.08 5.48
N PRO E 63 -43.73 -21.31 4.43
CA PRO E 63 -43.43 -21.59 3.05
C PRO E 63 -41.95 -21.84 2.85
N ARG E 64 -41.62 -22.79 1.97
CA ARG E 64 -40.23 -23.07 1.66
C ARG E 64 -40.00 -23.09 0.16
N LEU E 65 -38.95 -22.41 -0.27
CA LEU E 65 -38.59 -22.39 -1.68
C LEU E 65 -38.15 -23.77 -2.15
N LEU E 66 -38.78 -24.26 -3.21
CA LEU E 66 -38.45 -25.55 -3.76
C LEU E 66 -37.65 -25.39 -5.05
N ILE E 67 -38.23 -24.69 -6.01
CA ILE E 67 -37.61 -24.47 -7.31
C ILE E 67 -37.64 -23.00 -7.68
N TYR E 68 -36.59 -22.52 -8.32
CA TYR E 68 -36.56 -21.16 -8.83
C TYR E 68 -35.99 -21.13 -10.24
N ASP E 69 -36.37 -20.09 -10.99
CA ASP E 69 -35.97 -19.97 -12.40
C ASP E 69 -36.55 -21.11 -13.22
N ALA E 70 -37.49 -21.83 -12.62
CA ALA E 70 -38.12 -22.98 -13.27
C ALA E 70 -37.07 -23.98 -13.74
N SER E 71 -35.96 -24.07 -13.03
CA SER E 71 -34.92 -25.02 -13.43
C SER E 71 -33.97 -25.34 -12.28
N ASN E 72 -33.82 -24.40 -11.36
CA ASN E 72 -32.82 -24.53 -10.31
C ASN E 72 -33.42 -24.97 -8.99
N ARG E 73 -32.79 -25.96 -8.36
CA ARG E 73 -33.23 -26.45 -7.06
C ARG E 73 -32.76 -25.54 -5.94
N ALA E 74 -33.61 -25.36 -4.94
CA ALA E 74 -33.25 -24.58 -3.76
C ALA E 74 -32.35 -25.41 -2.86
N THR E 75 -31.67 -24.74 -1.93
CA THR E 75 -30.77 -25.41 -1.02
C THR E 75 -31.49 -26.44 -0.18
N GLY E 76 -30.91 -27.64 -0.09
CA GLY E 76 -31.46 -28.70 0.72
C GLY E 76 -32.54 -29.49 0.00
N ILE E 77 -32.77 -29.17 -1.28
CA ILE E 77 -33.78 -29.86 -2.06
C ILE E 77 -33.18 -31.01 -2.90
N PRO E 78 -33.62 -32.25 -2.66
CA PRO E 78 -33.22 -33.47 -3.35
C PRO E 78 -33.39 -33.36 -4.86
N ALA E 79 -32.50 -34.02 -5.59
CA ALA E 79 -32.49 -34.00 -7.05
C ALA E 79 -33.85 -34.37 -7.63
N ARG E 80 -34.58 -35.24 -6.95
CA ARG E 80 -35.85 -35.75 -7.47
C ARG E 80 -36.88 -34.63 -7.65
N PHE E 81 -36.57 -33.44 -7.16
CA PHE E 81 -37.45 -32.29 -7.34
C PHE E 81 -36.95 -31.43 -8.50
N SER E 82 -37.76 -31.31 -9.53
CA SER E 82 -37.39 -30.51 -10.69
C SER E 82 -38.61 -29.89 -11.33
N GLY E 83 -38.44 -29.39 -12.54
CA GLY E 83 -39.51 -28.71 -13.26
C GLY E 83 -38.96 -27.95 -14.46
N SER E 84 -39.86 -27.47 -15.30
CA SER E 84 -39.47 -26.75 -16.51
C SER E 84 -40.63 -25.96 -17.06
N GLY E 85 -40.36 -25.17 -18.09
CA GLY E 85 -41.41 -24.42 -18.76
C GLY E 85 -40.86 -23.21 -19.48
N SER E 86 -41.74 -22.51 -20.19
CA SER E 86 -41.33 -21.32 -20.93
C SER E 86 -42.51 -20.43 -21.30
N GLY E 87 -42.31 -19.12 -21.18
CA GLY E 87 -43.31 -18.16 -21.61
C GLY E 87 -44.53 -18.15 -20.71
N THR E 88 -45.54 -18.91 -21.10
CA THR E 88 -46.83 -18.89 -20.42
C THR E 88 -47.28 -20.27 -19.94
N ASP E 89 -46.44 -21.27 -20.16
CA ASP E 89 -46.80 -22.65 -19.77
C ASP E 89 -45.66 -23.34 -19.02
N PHE E 90 -45.86 -23.55 -17.73
CA PHE E 90 -44.83 -24.14 -16.88
C PHE E 90 -45.36 -25.32 -16.08
N THR E 91 -44.46 -26.23 -15.71
CA THR E 91 -44.86 -27.39 -14.93
C THR E 91 -43.78 -27.83 -13.94
N LEU E 92 -44.20 -28.16 -12.72
CA LEU E 92 -43.31 -28.70 -11.70
C LEU E 92 -43.30 -30.22 -11.77
N THR E 93 -42.12 -30.83 -11.69
CA THR E 93 -42.02 -32.28 -11.76
C THR E 93 -41.36 -32.87 -10.52
N ILE E 94 -42.05 -33.82 -9.90
CA ILE E 94 -41.50 -34.51 -8.73
C ILE E 94 -41.53 -36.02 -8.93
N SER E 95 -40.36 -36.65 -8.87
CA SER E 95 -40.27 -38.09 -9.03
C SER E 95 -40.11 -38.79 -7.69
N SER E 96 -40.29 -40.11 -7.69
CA SER E 96 -40.12 -40.91 -6.48
C SER E 96 -40.86 -40.29 -5.31
N LEU E 97 -42.15 -40.05 -5.52
CA LEU E 97 -42.97 -39.37 -4.54
C LEU E 97 -42.92 -40.05 -3.18
N GLU E 98 -42.86 -39.24 -2.14
CA GLU E 98 -42.87 -39.71 -0.76
C GLU E 98 -44.10 -39.17 -0.05
N PRO E 99 -44.52 -39.80 1.05
CA PRO E 99 -45.51 -39.32 2.00
C PRO E 99 -45.19 -37.90 2.44
N GLU E 100 -43.90 -37.56 2.47
CA GLU E 100 -43.46 -36.24 2.90
C GLU E 100 -43.80 -35.17 1.87
N ASP E 101 -44.24 -35.59 0.70
CA ASP E 101 -44.58 -34.68 -0.37
C ASP E 101 -46.03 -34.30 -0.34
N PHE E 102 -46.77 -34.88 0.60
CA PHE E 102 -48.20 -34.63 0.69
C PHE E 102 -48.46 -33.27 1.32
N ALA E 103 -48.16 -32.22 0.57
CA ALA E 103 -48.28 -30.85 1.04
C ALA E 103 -48.83 -29.99 -0.07
N VAL E 104 -48.94 -28.69 0.19
CA VAL E 104 -49.43 -27.76 -0.81
C VAL E 104 -48.29 -27.09 -1.53
N TYR E 105 -48.37 -27.03 -2.85
CA TYR E 105 -47.32 -26.42 -3.62
C TYR E 105 -47.83 -25.23 -4.42
N TYR E 106 -47.13 -24.11 -4.31
CA TYR E 106 -47.56 -22.87 -4.95
C TYR E 106 -46.66 -22.47 -6.10
N CYS E 107 -47.27 -21.87 -7.13
CA CYS E 107 -46.56 -21.28 -8.24
C CYS E 107 -46.51 -19.76 -8.04
N GLN E 108 -45.31 -19.18 -8.15
CA GLN E 108 -45.17 -17.74 -7.91
C GLN E 108 -44.40 -17.02 -9.00
N GLN E 109 -44.87 -15.83 -9.35
CA GLN E 109 -44.19 -14.95 -10.29
C GLN E 109 -44.21 -13.52 -9.77
N TYR E 110 -43.06 -13.00 -9.41
CA TYR E 110 -42.97 -11.68 -8.80
C TYR E 110 -43.82 -11.67 -7.53
N GLU E 111 -44.69 -10.67 -7.41
CA GLU E 111 -45.57 -10.59 -6.25
C GLU E 111 -46.84 -11.42 -6.41
N PHE E 112 -46.99 -12.03 -7.58
CA PHE E 112 -48.21 -12.76 -7.88
C PHE E 112 -48.13 -14.21 -7.43
N PHE E 113 -49.06 -14.59 -6.57
CA PHE E 113 -49.13 -15.96 -6.08
C PHE E 113 -50.29 -16.70 -6.72
N GLY E 114 -50.07 -17.96 -7.03
CA GLY E 114 -51.13 -18.81 -7.57
C GLY E 114 -51.96 -19.38 -6.44
N GLN E 115 -52.80 -20.37 -6.77
CA GLN E 115 -53.67 -20.98 -5.79
C GLN E 115 -53.01 -22.22 -5.19
N GLY E 116 -52.15 -22.84 -5.98
CA GLY E 116 -51.40 -24.00 -5.54
C GLY E 116 -52.24 -25.26 -5.59
N THR E 117 -51.59 -26.39 -5.40
CA THR E 117 -52.25 -27.69 -5.40
C THR E 117 -51.81 -28.51 -4.21
N LYS E 118 -52.60 -29.51 -3.84
CA LYS E 118 -52.25 -30.37 -2.71
C LYS E 118 -52.02 -31.82 -3.14
N LEU E 119 -50.96 -32.43 -2.62
CA LEU E 119 -50.66 -33.82 -2.90
C LEU E 119 -51.00 -34.71 -1.72
N VAL F 2 -28.97 -17.79 8.84
CA VAL F 2 -29.76 -16.58 8.98
C VAL F 2 -31.13 -16.93 9.52
N GLN F 3 -31.79 -15.95 10.09
CA GLN F 3 -33.13 -16.18 10.63
C GLN F 3 -33.91 -14.89 10.74
N LEU F 4 -35.23 -15.03 10.75
CA LEU F 4 -36.12 -13.91 10.95
C LEU F 4 -37.04 -14.20 12.13
N VAL F 5 -37.03 -13.33 13.11
CA VAL F 5 -37.82 -13.54 14.32
C VAL F 5 -38.92 -12.51 14.46
N GLN F 6 -40.15 -12.96 14.37
CA GLN F 6 -41.29 -12.07 14.44
C GLN F 6 -41.89 -12.05 15.84
N SER F 7 -42.65 -11.01 16.13
CA SER F 7 -43.37 -10.91 17.39
C SER F 7 -44.44 -12.00 17.50
N GLY F 8 -45.04 -12.11 18.67
CA GLY F 8 -46.07 -13.13 18.90
C GLY F 8 -47.42 -12.69 18.36
N ALA F 9 -48.40 -13.59 18.44
CA ALA F 9 -49.74 -13.34 17.94
C ALA F 9 -50.37 -12.17 18.68
N GLU F 10 -51.34 -11.53 18.03
CA GLU F 10 -52.01 -10.37 18.61
C GLU F 10 -53.49 -10.32 18.26
N VAL F 11 -54.28 -9.77 19.18
CA VAL F 11 -55.71 -9.62 18.98
C VAL F 11 -56.16 -8.18 19.20
N LYS F 12 -56.77 -7.59 18.18
CA LYS F 12 -57.25 -6.21 18.26
C LYS F 12 -58.72 -6.13 17.97
N LYS F 13 -59.33 -5.01 18.29
CA LYS F 13 -60.72 -4.77 17.93
C LYS F 13 -60.78 -4.08 16.57
N PRO F 14 -61.81 -4.36 15.77
CA PRO F 14 -62.10 -3.76 14.49
C PRO F 14 -62.00 -2.24 14.58
N GLY F 15 -61.36 -1.63 13.59
CA GLY F 15 -61.15 -0.19 13.56
C GLY F 15 -59.79 0.19 14.15
N ALA F 16 -59.23 -0.70 14.96
CA ALA F 16 -57.96 -0.44 15.62
C ALA F 16 -56.78 -0.65 14.68
N SER F 17 -55.58 -0.69 15.24
CA SER F 17 -54.37 -0.88 14.47
C SER F 17 -53.46 -1.88 15.13
N VAL F 18 -52.64 -2.55 14.33
CA VAL F 18 -51.69 -3.52 14.85
C VAL F 18 -50.28 -3.23 14.37
N LYS F 19 -49.31 -3.48 15.23
CA LYS F 19 -47.91 -3.31 14.88
C LYS F 19 -47.15 -4.62 15.00
N VAL F 20 -46.50 -5.00 13.92
CA VAL F 20 -45.76 -6.26 13.89
C VAL F 20 -44.29 -6.03 13.59
N SER F 21 -43.42 -6.56 14.45
CA SER F 21 -41.98 -6.42 14.29
C SER F 21 -41.37 -7.67 13.68
N CYS F 22 -40.17 -7.50 13.11
CA CYS F 22 -39.40 -8.62 12.58
C CYS F 22 -37.90 -8.37 12.70
N LYS F 23 -37.24 -9.12 13.56
CA LYS F 23 -35.81 -8.97 13.77
C LYS F 23 -35.02 -9.89 12.88
N ALA F 24 -34.02 -9.34 12.21
CA ALA F 24 -33.20 -10.13 11.31
C ALA F 24 -31.81 -10.32 11.89
N SER F 25 -31.21 -11.46 11.61
CA SER F 25 -29.86 -11.74 12.07
C SER F 25 -29.14 -12.70 11.15
N GLY F 26 -27.81 -12.72 11.24
CA GLY F 26 -26.99 -13.64 10.46
C GLY F 26 -26.50 -13.02 9.17
N TYR F 27 -26.96 -11.81 8.87
CA TYR F 27 -26.56 -11.13 7.64
C TYR F 27 -26.68 -9.63 7.80
N THR F 28 -26.11 -8.88 6.86
CA THR F 28 -26.23 -7.43 6.88
C THR F 28 -27.66 -7.00 6.69
N PHE F 29 -28.22 -6.34 7.69
CA PHE F 29 -29.62 -5.94 7.69
C PHE F 29 -29.99 -5.18 6.43
N THR F 30 -29.12 -4.29 6.01
CA THR F 30 -29.40 -3.42 4.87
C THR F 30 -29.02 -4.08 3.55
N GLY F 31 -28.61 -5.33 3.59
CA GLY F 31 -28.18 -6.05 2.39
C GLY F 31 -29.34 -6.33 1.44
N TYR F 32 -30.52 -6.58 1.97
CA TYR F 32 -31.65 -7.01 1.14
C TYR F 32 -32.95 -6.33 1.52
N TYR F 33 -33.91 -6.38 0.60
CA TYR F 33 -35.25 -5.86 0.86
C TYR F 33 -36.01 -6.81 1.77
N MET F 34 -36.81 -6.26 2.66
CA MET F 34 -37.70 -7.07 3.47
C MET F 34 -39.10 -7.08 2.90
N HIS F 35 -39.67 -8.25 2.78
CA HIS F 35 -41.00 -8.39 2.22
C HIS F 35 -42.00 -8.82 3.26
N TRP F 36 -43.24 -8.37 3.10
CA TRP F 36 -44.33 -8.81 3.94
C TRP F 36 -45.41 -9.47 3.11
N VAL F 37 -45.85 -10.62 3.57
CA VAL F 37 -46.91 -11.37 2.91
C VAL F 37 -47.76 -12.06 3.95
N ARG F 38 -49.07 -12.09 3.73
CA ARG F 38 -49.95 -12.71 4.71
C ARG F 38 -50.64 -13.93 4.16
N GLN F 39 -50.70 -14.97 4.98
CA GLN F 39 -51.37 -16.20 4.60
C GLN F 39 -52.77 -16.25 5.15
N ALA F 40 -53.74 -16.28 4.26
CA ALA F 40 -55.13 -16.34 4.65
C ALA F 40 -55.45 -17.72 5.22
N PRO F 41 -56.33 -17.78 6.23
CA PRO F 41 -56.66 -18.95 7.02
C PRO F 41 -57.44 -19.98 6.22
N GLY F 42 -56.77 -20.61 5.26
CA GLY F 42 -57.39 -21.64 4.44
C GLY F 42 -57.38 -21.25 2.96
N GLN F 43 -56.58 -20.26 2.62
CA GLN F 43 -56.47 -19.79 1.25
C GLN F 43 -55.03 -19.45 0.90
N GLY F 44 -54.80 -19.00 -0.33
CA GLY F 44 -53.45 -18.72 -0.80
C GLY F 44 -52.84 -17.52 -0.08
N LEU F 45 -51.65 -17.13 -0.51
CA LEU F 45 -50.93 -16.05 0.15
C LEU F 45 -51.09 -14.73 -0.59
N GLU F 46 -51.11 -13.65 0.16
CA GLU F 46 -51.29 -12.32 -0.41
C GLU F 46 -50.15 -11.38 -0.03
N TRP F 47 -49.43 -10.92 -1.03
CA TRP F 47 -48.28 -10.04 -0.84
C TRP F 47 -48.73 -8.65 -0.39
N MET F 48 -48.07 -8.12 0.63
CA MET F 48 -48.43 -6.82 1.20
C MET F 48 -47.59 -5.69 0.63
N GLY F 49 -46.28 -5.91 0.61
CA GLY F 49 -45.35 -4.86 0.19
C GLY F 49 -43.94 -5.17 0.68
N TRP F 50 -43.01 -4.24 0.43
CA TRP F 50 -41.64 -4.40 0.92
C TRP F 50 -41.03 -3.08 1.31
N ILE F 51 -39.95 -3.15 2.07
CA ILE F 51 -39.20 -1.98 2.48
C ILE F 51 -37.71 -2.17 2.24
N ASN F 52 -37.05 -1.08 1.84
CA ASN F 52 -35.61 -1.07 1.63
C ASN F 52 -34.90 -0.31 2.75
N PRO F 53 -34.30 -1.02 3.72
CA PRO F 53 -33.69 -0.52 4.93
C PRO F 53 -32.64 0.55 4.67
N ASN F 54 -32.12 0.57 3.45
CA ASN F 54 -31.06 1.53 3.12
C ASN F 54 -31.58 2.95 3.10
N SER F 55 -32.87 3.11 2.80
CA SER F 55 -33.44 4.44 2.69
C SER F 55 -34.87 4.49 3.22
N GLY F 56 -35.38 3.33 3.63
CA GLY F 56 -36.74 3.25 4.16
C GLY F 56 -37.77 3.31 3.04
N GLY F 57 -37.32 3.15 1.80
CA GLY F 57 -38.22 3.20 0.65
C GLY F 57 -39.20 2.04 0.71
N THR F 58 -40.42 2.28 0.29
CA THR F 58 -41.44 1.25 0.34
C THR F 58 -42.22 1.11 -0.94
N ASN F 59 -42.87 -0.04 -1.09
CA ASN F 59 -43.81 -0.28 -2.18
C ASN F 59 -44.95 -1.14 -1.68
N TYR F 60 -46.14 -0.56 -1.62
CA TYR F 60 -47.29 -1.25 -1.07
C TYR F 60 -48.19 -1.77 -2.16
N CYS F 61 -48.83 -2.91 -1.91
CA CYS F 61 -49.83 -3.42 -2.81
C CYS F 61 -50.99 -2.44 -2.87
N GLN F 62 -51.41 -2.09 -4.07
CA GLN F 62 -52.41 -1.05 -4.27
C GLN F 62 -53.63 -1.18 -3.36
N LYS F 63 -54.13 -2.40 -3.20
CA LYS F 63 -55.37 -2.62 -2.48
C LYS F 63 -55.29 -2.26 -0.99
N PHE F 64 -54.07 -2.10 -0.47
CA PHE F 64 -53.90 -1.76 0.93
C PHE F 64 -53.38 -0.35 1.11
N GLN F 65 -53.28 0.38 0.01
CA GLN F 65 -52.77 1.73 0.07
C GLN F 65 -53.61 2.59 1.01
N GLY F 66 -52.95 3.22 1.95
CA GLY F 66 -53.62 4.10 2.90
C GLY F 66 -53.97 3.37 4.20
N ARG F 67 -53.83 2.05 4.19
CA ARG F 67 -54.14 1.26 5.37
C ARG F 67 -52.87 0.76 6.04
N VAL F 68 -51.90 0.37 5.22
CA VAL F 68 -50.66 -0.21 5.73
C VAL F 68 -49.49 0.74 5.60
N THR F 69 -48.60 0.69 6.56
CA THR F 69 -47.36 1.45 6.52
C THR F 69 -46.20 0.62 7.03
N MET F 70 -45.01 0.90 6.54
CA MET F 70 -43.83 0.16 6.95
C MET F 70 -42.68 1.09 7.30
N THR F 71 -41.88 0.66 8.26
CA THR F 71 -40.69 1.38 8.63
C THR F 71 -39.61 0.42 9.12
N ARG F 72 -38.55 0.96 9.68
CA ARG F 72 -37.43 0.14 10.11
C ARG F 72 -36.52 0.86 11.08
N ASP F 73 -35.73 0.09 11.80
CA ASP F 73 -34.69 0.65 12.67
C ASP F 73 -33.42 -0.17 12.55
N THR F 74 -32.46 0.38 11.81
CA THR F 74 -31.24 -0.35 11.49
C THR F 74 -30.39 -0.63 12.71
N SER F 75 -30.52 0.18 13.74
CA SER F 75 -29.67 0.05 14.94
C SER F 75 -29.94 -1.25 15.66
N ILE F 76 -31.10 -1.84 15.41
CA ILE F 76 -31.47 -3.09 16.04
C ILE F 76 -31.86 -4.12 15.00
N SER F 77 -31.48 -3.86 13.76
CA SER F 77 -31.77 -4.77 12.65
C SER F 77 -33.20 -5.29 12.72
N THR F 78 -34.16 -4.38 12.92
CA THR F 78 -35.55 -4.78 13.03
C THR F 78 -36.46 -3.99 12.10
N ALA F 79 -37.33 -4.71 11.41
CA ALA F 79 -38.30 -4.08 10.53
C ALA F 79 -39.65 -3.99 11.23
N TYR F 80 -40.46 -3.03 10.82
CA TYR F 80 -41.80 -2.88 11.40
C TYR F 80 -42.86 -2.67 10.35
N MET F 81 -44.01 -3.29 10.57
CA MET F 81 -45.16 -3.09 9.72
C MET F 81 -46.38 -2.77 10.57
N GLU F 82 -47.20 -1.83 10.10
CA GLU F 82 -48.40 -1.46 10.83
C GLU F 82 -49.61 -1.39 9.92
N LEU F 83 -50.73 -1.92 10.40
CA LEU F 83 -51.95 -1.88 9.63
C LEU F 83 -53.07 -1.23 10.44
N SER F 84 -53.65 -0.17 9.89
CA SER F 84 -54.71 0.58 10.56
C SER F 84 -56.07 0.19 10.05
N ARG F 85 -57.12 0.67 10.72
CA ARG F 85 -58.48 0.41 10.30
C ARG F 85 -58.70 -1.06 10.06
N LEU F 86 -58.35 -1.87 11.06
CA LEU F 86 -58.44 -3.32 10.95
C LEU F 86 -59.86 -3.79 10.71
N ARG F 87 -59.98 -4.84 9.91
CA ARG F 87 -61.26 -5.46 9.64
C ARG F 87 -61.21 -6.95 9.95
N SER F 88 -62.38 -7.58 10.03
CA SER F 88 -62.43 -9.01 10.33
C SER F 88 -61.75 -9.84 9.25
N ASP F 89 -61.75 -9.33 8.02
CA ASP F 89 -61.17 -10.05 6.91
C ASP F 89 -59.65 -9.95 6.88
N ASP F 90 -59.09 -9.19 7.81
CA ASP F 90 -57.65 -9.03 7.89
C ASP F 90 -57.00 -10.14 8.72
N THR F 91 -57.81 -11.04 9.24
CA THR F 91 -57.26 -12.14 10.01
C THR F 91 -56.40 -13.02 9.12
N ALA F 92 -55.13 -13.15 9.48
CA ALA F 92 -54.18 -13.92 8.70
C ALA F 92 -52.87 -14.03 9.43
N VAL F 93 -51.98 -14.88 8.92
CA VAL F 93 -50.64 -14.95 9.46
C VAL F 93 -49.70 -14.11 8.62
N TYR F 94 -49.16 -13.07 9.21
CA TYR F 94 -48.29 -12.16 8.51
C TYR F 94 -46.85 -12.60 8.59
N TYR F 95 -46.26 -12.89 7.45
CA TYR F 95 -44.91 -13.42 7.41
C TYR F 95 -43.89 -12.38 7.04
N CYS F 96 -42.73 -12.50 7.67
CA CYS F 96 -41.57 -11.71 7.36
C CYS F 96 -40.64 -12.54 6.48
N ALA F 97 -40.27 -12.02 5.32
CA ALA F 97 -39.49 -12.82 4.38
C ALA F 97 -38.39 -12.02 3.70
N ARG F 98 -37.35 -12.74 3.26
CA ARG F 98 -36.24 -12.14 2.52
C ARG F 98 -35.90 -12.98 1.29
N GLY F 99 -35.53 -12.30 0.20
CA GLY F 99 -35.18 -12.97 -1.04
C GLY F 99 -33.78 -13.56 -0.98
N LYS F 100 -33.47 -14.44 -1.93
CA LYS F 100 -32.16 -15.06 -2.01
C LYS F 100 -31.09 -14.11 -2.55
N ASN F 101 -31.38 -13.50 -3.70
CA ASN F 101 -30.40 -12.66 -4.36
C ASN F 101 -30.85 -11.22 -4.42
N SER F 102 -29.90 -10.30 -4.32
CA SER F 102 -30.19 -8.88 -4.40
C SER F 102 -30.71 -8.48 -5.77
N ASP F 103 -30.39 -9.28 -6.78
CA ASP F 103 -30.83 -9.01 -8.15
C ASP F 103 -32.29 -9.37 -8.32
N TYR F 104 -32.60 -10.65 -8.21
CA TYR F 104 -33.98 -11.09 -8.23
C TYR F 104 -34.41 -11.44 -6.82
N ASN F 105 -35.07 -10.49 -6.17
CA ASN F 105 -35.36 -10.59 -4.75
C ASN F 105 -36.73 -11.15 -4.47
N TRP F 106 -37.35 -11.75 -5.48
CA TRP F 106 -38.67 -12.34 -5.31
C TRP F 106 -38.56 -13.81 -4.91
N ASP F 107 -37.34 -14.32 -4.87
CA ASP F 107 -37.10 -15.70 -4.48
C ASP F 107 -37.02 -15.80 -2.98
N PHE F 108 -38.17 -15.87 -2.33
CA PHE F 108 -38.24 -15.84 -0.88
C PHE F 108 -37.71 -17.12 -0.27
N GLN F 109 -36.41 -17.20 -0.14
CA GLN F 109 -35.76 -18.37 0.42
C GLN F 109 -35.85 -18.38 1.95
N HIS F 110 -35.84 -17.21 2.55
CA HIS F 110 -35.80 -17.12 4.01
C HIS F 110 -37.08 -16.55 4.58
N TRP F 111 -37.65 -17.25 5.56
CA TRP F 111 -38.92 -16.86 6.17
C TRP F 111 -38.85 -16.82 7.68
N GLY F 112 -39.67 -15.96 8.28
CA GLY F 112 -39.86 -15.96 9.73
C GLY F 112 -40.92 -16.98 10.11
N GLN F 113 -41.29 -17.01 11.38
CA GLN F 113 -42.26 -18.00 11.83
C GLN F 113 -43.70 -17.60 11.51
N GLY F 114 -43.90 -16.33 11.18
CA GLY F 114 -45.23 -15.82 10.89
C GLY F 114 -45.94 -15.33 12.14
N THR F 115 -46.65 -14.22 12.04
CA THR F 115 -47.39 -13.69 13.17
C THR F 115 -48.88 -13.69 12.92
N LEU F 116 -49.62 -14.39 13.78
CA LEU F 116 -51.05 -14.49 13.64
C LEU F 116 -51.75 -13.29 14.25
N VAL F 117 -52.50 -12.58 13.42
CA VAL F 117 -53.24 -11.41 13.87
C VAL F 117 -54.72 -11.55 13.55
N THR F 118 -55.57 -11.31 14.54
CA THR F 118 -57.00 -11.36 14.33
C THR F 118 -57.72 -10.22 15.00
N VAL F 119 -59.05 -10.29 15.03
CA VAL F 119 -59.84 -9.21 15.57
C VAL F 119 -60.47 -9.59 16.90
N ASN G 3 19.65 10.29 -56.59
CA ASN G 3 19.19 11.37 -55.73
C ASN G 3 19.17 10.95 -54.27
N LEU G 4 18.68 11.83 -53.41
CA LEU G 4 18.67 11.59 -51.97
C LEU G 4 17.43 10.86 -51.50
N TRP G 5 17.60 10.01 -50.49
CA TRP G 5 16.51 9.25 -49.90
C TRP G 5 16.48 9.43 -48.39
N VAL G 6 15.35 9.10 -47.79
CA VAL G 6 15.20 9.19 -46.35
C VAL G 6 15.91 8.04 -45.64
N THR G 7 16.76 8.38 -44.67
CA THR G 7 17.42 7.38 -43.84
C THR G 7 17.20 7.67 -42.36
N VAL G 8 16.85 6.64 -41.62
CA VAL G 8 16.54 6.77 -40.21
C VAL G 8 17.72 6.39 -39.34
N TYR G 9 18.03 7.26 -38.38
CA TYR G 9 19.13 7.03 -37.44
C TYR G 9 18.61 6.94 -36.02
N TYR G 10 19.03 5.91 -35.30
CA TYR G 10 18.60 5.75 -33.92
C TYR G 10 19.77 5.78 -32.95
N GLY G 11 19.72 6.71 -32.01
CA GLY G 11 20.78 6.86 -31.03
C GLY G 11 21.58 8.14 -31.26
N VAL G 12 20.95 9.12 -31.92
CA VAL G 12 21.63 10.38 -32.23
C VAL G 12 21.64 11.29 -30.99
N PRO G 13 22.75 11.98 -30.74
CA PRO G 13 23.04 12.81 -29.58
C PRO G 13 22.34 14.16 -29.60
N VAL G 14 21.03 14.16 -29.49
CA VAL G 14 20.28 15.42 -29.39
C VAL G 14 19.34 15.40 -28.20
N TRP G 15 18.93 16.58 -27.74
CA TRP G 15 18.07 16.68 -26.58
C TRP G 15 17.28 17.97 -26.55
N LYS G 16 16.28 18.01 -25.68
CA LYS G 16 15.47 19.20 -25.47
C LYS G 16 15.14 19.38 -23.99
N GLU G 17 14.87 20.61 -23.58
CA GLU G 17 14.50 20.87 -22.19
C GLU G 17 13.30 20.02 -21.81
N ALA G 18 13.32 19.49 -20.59
CA ALA G 18 12.23 18.64 -20.15
C ALA G 18 11.95 18.82 -18.67
N LYS G 19 10.71 18.56 -18.29
CA LYS G 19 10.29 18.65 -16.90
C LYS G 19 10.00 17.26 -16.35
N THR G 20 10.96 16.71 -15.61
CA THR G 20 10.81 15.37 -15.07
C THR G 20 11.10 15.32 -13.59
N THR G 21 11.09 14.12 -13.05
CA THR G 21 11.34 13.90 -11.64
C THR G 21 12.65 13.18 -11.40
N LEU G 22 13.49 13.77 -10.57
CA LEU G 22 14.76 13.15 -10.23
C LEU G 22 14.62 12.37 -8.94
N PHE G 23 15.50 11.41 -8.73
CA PHE G 23 15.44 10.62 -7.50
C PHE G 23 16.66 10.84 -6.62
N CYS G 24 16.49 10.53 -5.34
CA CYS G 24 17.50 10.79 -4.33
C CYS G 24 18.48 9.64 -4.16
N ALA G 25 19.76 9.96 -4.22
CA ALA G 25 20.81 9.04 -3.84
C ALA G 25 21.49 9.56 -2.58
N SER G 26 21.55 8.72 -1.55
CA SER G 26 22.09 9.13 -0.27
C SER G 26 23.33 10.01 -0.44
N HIS G 36 18.94 6.71 10.07
CA HIS G 36 17.63 7.30 10.37
C HIS G 36 17.69 8.82 10.37
N ASN G 37 18.46 9.37 9.44
CA ASN G 37 18.56 10.82 9.29
C ASN G 37 17.25 11.41 8.78
N VAL G 38 16.98 12.65 9.17
CA VAL G 38 15.76 13.33 8.77
C VAL G 38 15.67 13.50 7.26
N TRP G 39 16.80 13.67 6.59
CA TRP G 39 16.80 13.89 5.15
C TRP G 39 17.31 12.67 4.39
N ALA G 40 18.42 12.11 4.85
CA ALA G 40 18.99 10.94 4.20
C ALA G 40 18.25 9.71 4.64
N THR G 41 17.02 9.60 4.19
CA THR G 41 16.11 8.55 4.63
C THR G 41 16.46 7.20 4.00
N HIS G 42 15.82 6.15 4.50
CA HIS G 42 16.08 4.80 4.04
C HIS G 42 15.61 4.58 2.61
N ALA G 43 14.77 5.48 2.13
CA ALA G 43 14.15 5.33 0.82
C ALA G 43 15.07 5.81 -0.32
N CYS G 44 16.23 6.36 0.03
CA CYS G 44 17.17 6.81 -0.98
C CYS G 44 18.07 5.67 -1.43
N VAL G 45 18.61 5.79 -2.64
CA VAL G 45 19.49 4.78 -3.19
C VAL G 45 20.94 5.12 -2.85
N PRO G 46 21.86 4.14 -2.93
CA PRO G 46 23.29 4.31 -2.86
C PRO G 46 23.78 5.21 -3.98
N THR G 47 24.81 6.00 -3.69
CA THR G 47 25.34 6.94 -4.66
C THR G 47 26.30 6.27 -5.63
N ASP G 48 26.57 6.93 -6.74
CA ASP G 48 27.56 6.45 -7.70
C ASP G 48 28.89 7.17 -7.49
N PRO G 49 29.90 6.45 -6.99
CA PRO G 49 31.17 6.96 -6.52
C PRO G 49 32.02 7.51 -7.66
N ASN G 50 31.61 7.22 -8.90
CA ASN G 50 32.38 7.66 -10.06
C ASN G 50 31.48 8.27 -11.14
N PRO G 51 31.11 9.54 -10.98
CA PRO G 51 30.45 10.38 -11.96
C PRO G 51 31.28 10.43 -13.22
N GLN G 52 30.62 10.50 -14.37
CA GLN G 52 31.31 10.50 -15.64
C GLN G 52 31.11 11.81 -16.37
N GLU G 53 31.91 12.81 -16.02
CA GLU G 53 31.77 14.13 -16.60
C GLU G 53 32.27 14.15 -18.03
N VAL G 54 31.41 13.77 -18.95
CA VAL G 54 31.77 13.74 -20.35
C VAL G 54 31.72 15.13 -20.93
N VAL G 55 32.86 15.59 -21.43
CA VAL G 55 32.96 16.94 -21.96
C VAL G 55 32.41 17.01 -23.36
N LEU G 56 31.46 17.92 -23.56
CA LEU G 56 30.84 18.07 -24.87
C LEU G 56 31.47 19.22 -25.62
N GLU G 57 32.68 19.01 -26.10
CA GLU G 57 33.39 20.08 -26.79
C GLU G 57 32.59 20.57 -27.99
N ASN G 58 32.70 21.86 -28.27
CA ASN G 58 31.99 22.49 -29.37
C ASN G 58 30.49 22.56 -29.14
N VAL G 59 30.07 22.23 -27.92
CA VAL G 59 28.67 22.37 -27.56
C VAL G 59 28.48 23.51 -26.58
N THR G 60 27.66 24.49 -26.95
CA THR G 60 27.41 25.63 -26.09
C THR G 60 25.95 25.71 -25.69
N GLU G 61 25.65 25.20 -24.49
CA GLU G 61 24.30 25.16 -23.98
C GLU G 61 24.01 26.42 -23.19
N ASN G 62 22.74 26.80 -23.10
CA ASN G 62 22.37 27.98 -22.33
C ASN G 62 21.60 27.61 -21.07
N PHE G 63 22.06 28.12 -19.93
CA PHE G 63 21.49 27.80 -18.63
C PHE G 63 20.74 28.98 -18.04
N ASN G 64 19.76 28.70 -17.19
CA ASN G 64 19.01 29.73 -16.49
C ASN G 64 18.57 29.26 -15.11
N MET G 65 19.33 29.65 -14.09
CA MET G 65 19.10 29.19 -12.73
C MET G 65 17.80 29.71 -12.15
N TRP G 66 17.23 30.72 -12.79
CA TRP G 66 16.05 31.38 -12.25
C TRP G 66 14.76 30.74 -12.76
N LYS G 67 14.92 29.74 -13.63
CA LYS G 67 13.77 29.03 -14.16
C LYS G 67 14.02 27.53 -14.14
N ASN G 68 14.91 27.12 -13.27
CA ASN G 68 15.28 25.71 -13.17
C ASN G 68 14.33 24.97 -12.23
N ASP G 69 13.50 24.11 -12.80
CA ASP G 69 12.49 23.39 -12.04
C ASP G 69 13.10 22.54 -10.94
N MET G 70 14.38 22.23 -11.04
CA MET G 70 15.05 21.42 -10.04
C MET G 70 14.93 22.05 -8.68
N VAL G 71 14.88 23.38 -8.65
CA VAL G 71 14.82 24.10 -7.39
C VAL G 71 13.49 23.88 -6.70
N ASP G 72 12.40 24.03 -7.45
CA ASP G 72 11.08 23.81 -6.89
C ASP G 72 10.92 22.37 -6.45
N GLN G 73 11.47 21.46 -7.24
CA GLN G 73 11.40 20.05 -6.91
C GLN G 73 12.12 19.78 -5.60
N MET G 74 13.29 20.38 -5.45
CA MET G 74 14.06 20.26 -4.22
C MET G 74 13.23 20.74 -3.03
N GLN G 75 12.62 21.90 -3.16
CA GLN G 75 11.84 22.46 -2.09
C GLN G 75 10.77 21.49 -1.63
N GLU G 76 10.02 20.93 -2.58
CA GLU G 76 8.98 19.99 -2.25
C GLU G 76 9.54 18.77 -1.56
N ASP G 77 10.67 18.27 -2.07
CA ASP G 77 11.30 17.10 -1.50
C ASP G 77 11.61 17.31 -0.04
N VAL G 78 12.28 18.41 0.27
CA VAL G 78 12.71 18.68 1.62
C VAL G 78 11.54 18.72 2.58
N ILE G 79 10.48 19.42 2.19
CA ILE G 79 9.30 19.51 3.04
C ILE G 79 8.62 18.18 3.19
N SER G 80 8.39 17.49 2.07
CA SER G 80 7.69 16.21 2.11
C SER G 80 8.35 15.26 3.07
N ILE G 81 9.68 15.20 3.02
CA ILE G 81 10.42 14.33 3.92
C ILE G 81 10.22 14.77 5.36
N TRP G 82 10.43 16.05 5.60
CA TRP G 82 10.31 16.61 6.92
C TRP G 82 8.99 16.22 7.56
N ASP G 83 7.90 16.47 6.86
CA ASP G 83 6.58 16.18 7.39
C ASP G 83 6.41 14.71 7.71
N GLN G 84 6.84 13.86 6.78
CA GLN G 84 6.72 12.42 6.98
C GLN G 84 7.54 11.97 8.17
N SER G 85 8.73 12.51 8.31
CA SER G 85 9.64 12.12 9.36
C SER G 85 9.06 12.39 10.74
N LEU G 86 8.31 13.47 10.87
CA LEU G 86 7.74 13.85 12.15
C LEU G 86 6.32 13.34 12.33
N LYS G 87 5.86 12.53 11.39
CA LYS G 87 4.48 12.05 11.44
C LYS G 87 4.17 11.26 12.73
N PRO G 88 5.04 10.33 13.18
CA PRO G 88 4.83 9.44 14.29
C PRO G 88 5.27 10.05 15.62
N CYS G 89 5.64 11.32 15.59
CA CYS G 89 6.16 11.98 16.79
C CYS G 89 5.03 12.54 17.64
N VAL G 90 5.29 12.71 18.93
CA VAL G 90 4.29 13.15 19.89
C VAL G 90 3.71 14.52 19.59
N LYS G 91 2.38 14.60 19.63
CA LYS G 91 1.68 15.86 19.44
C LYS G 91 1.45 16.54 20.78
N LEU G 92 1.98 17.74 20.94
CA LEU G 92 1.91 18.43 22.20
C LEU G 92 0.58 19.16 22.37
N THR G 93 -0.50 18.39 22.39
CA THR G 93 -1.82 18.96 22.58
C THR G 93 -2.08 19.43 24.02
N PRO G 94 -1.82 18.58 25.04
CA PRO G 94 -2.23 18.77 26.41
C PRO G 94 -1.35 19.81 27.08
N LEU G 95 -0.33 20.26 26.36
CA LEU G 95 0.58 21.28 26.84
C LEU G 95 -0.12 22.62 26.95
N CYS G 96 -1.13 22.84 26.12
CA CYS G 96 -1.84 24.12 26.09
C CYS G 96 -2.69 24.32 27.32
N VAL G 97 -2.07 24.58 28.45
CA VAL G 97 -2.76 24.81 29.70
C VAL G 97 -2.29 26.13 30.31
N THR G 98 -2.97 26.56 31.35
CA THR G 98 -2.59 27.80 32.03
C THR G 98 -1.19 27.70 32.59
N LEU G 99 -0.35 28.67 32.27
CA LEU G 99 1.02 28.67 32.75
C LEU G 99 1.25 29.72 33.81
N ASN G 100 1.62 29.29 34.99
CA ASN G 100 1.95 30.19 36.09
C ASN G 100 3.46 30.37 36.18
N CYS G 101 3.95 31.52 35.75
CA CYS G 101 5.40 31.67 35.56
C CYS G 101 5.97 32.75 36.46
N THR G 102 7.26 32.59 36.77
CA THR G 102 8.05 33.58 37.47
C THR G 102 9.34 33.84 36.74
N ASN G 103 10.30 34.45 37.42
CA ASN G 103 11.58 34.75 36.82
C ASN G 103 12.42 33.49 36.69
N VAL G 104 13.69 33.67 36.35
CA VAL G 104 14.58 32.53 36.16
C VAL G 104 14.36 31.50 37.26
N THR G 122 20.15 42.56 32.49
CA THR G 122 19.38 41.47 33.08
C THR G 122 18.88 40.51 32.01
N LEU G 123 19.53 39.37 31.91
CA LEU G 123 19.19 38.37 30.91
C LEU G 123 18.00 37.52 31.34
N GLY G 124 16.85 38.17 31.50
CA GLY G 124 15.62 37.48 31.92
C GLY G 124 14.90 36.87 30.72
N GLU G 125 15.63 36.05 29.96
CA GLU G 125 15.09 35.44 28.76
C GLU G 125 14.47 34.09 29.03
N ILE G 126 14.61 33.62 30.26
CA ILE G 126 14.09 32.32 30.65
C ILE G 126 13.18 32.44 31.86
N LYS G 127 12.01 31.82 31.77
CA LYS G 127 11.06 31.86 32.87
C LYS G 127 10.75 30.48 33.39
N ASN G 128 10.64 30.37 34.71
CA ASN G 128 10.26 29.12 35.34
C ASN G 128 8.75 29.01 35.47
N CYS G 129 8.15 28.07 34.74
CA CYS G 129 6.70 27.97 34.71
C CYS G 129 6.17 26.69 35.31
N SER G 130 5.10 26.81 36.07
CA SER G 130 4.39 25.66 36.62
C SER G 130 3.02 25.53 35.99
N PHE G 131 2.51 24.31 35.94
CA PHE G 131 1.22 24.06 35.32
C PHE G 131 0.58 22.77 35.80
N ASP G 132 -0.70 22.60 35.45
CA ASP G 132 -1.43 21.38 35.77
C ASP G 132 -1.33 20.38 34.63
N ILE G 133 -0.81 19.20 34.94
CA ILE G 133 -0.64 18.16 33.94
C ILE G 133 -1.57 16.98 34.20
N THR G 134 -2.19 16.46 33.15
CA THR G 134 -3.02 15.28 33.26
C THR G 134 -2.17 14.03 33.22
N THR G 135 -2.36 13.17 34.20
CA THR G 135 -1.55 11.96 34.33
C THR G 135 -2.10 10.85 33.45
N GLU G 136 -1.42 9.70 33.47
CA GLU G 136 -1.83 8.55 32.67
C GLU G 136 -3.30 8.24 32.90
N ILE G 137 -3.75 8.38 34.14
CA ILE G 137 -5.13 8.17 34.47
C ILE G 137 -5.90 9.47 34.26
N ARG G 138 -6.90 9.42 33.38
CA ARG G 138 -7.63 10.60 32.97
C ARG G 138 -8.26 11.33 34.16
N ASP G 139 -8.52 10.61 35.22
CA ASP G 139 -9.19 11.16 36.39
C ASP G 139 -8.22 11.86 37.33
N LYS G 140 -6.94 11.80 37.04
CA LYS G 140 -5.94 12.34 37.95
C LYS G 140 -5.06 13.38 37.31
N THR G 141 -4.76 14.42 38.07
CA THR G 141 -3.86 15.48 37.63
C THR G 141 -2.84 15.77 38.70
N ARG G 142 -1.79 16.51 38.34
CA ARG G 142 -0.76 16.90 39.30
C ARG G 142 -0.02 18.14 38.85
N LYS G 143 0.85 18.65 39.70
CA LYS G 143 1.64 19.82 39.37
C LYS G 143 2.93 19.43 38.68
N GLU G 144 3.35 20.25 37.73
CA GLU G 144 4.60 20.03 37.02
C GLU G 144 5.20 21.36 36.60
N TYR G 145 6.50 21.38 36.35
CA TYR G 145 7.17 22.61 35.96
C TYR G 145 8.19 22.37 34.86
N ALA G 146 8.53 23.44 34.14
CA ALA G 146 9.52 23.39 33.08
C ALA G 146 10.06 24.77 32.79
N LEU G 147 11.26 24.82 32.21
CA LEU G 147 11.82 26.10 31.80
C LEU G 147 11.56 26.38 30.35
N PHE G 148 11.02 27.56 30.08
CA PHE G 148 10.73 27.99 28.72
C PHE G 148 11.39 29.32 28.43
N TYR G 149 11.67 29.58 27.16
CA TYR G 149 12.23 30.86 26.77
C TYR G 149 11.12 31.87 26.54
N ARG G 150 11.38 33.11 26.89
CA ARG G 150 10.38 34.17 26.75
C ARG G 150 9.79 34.21 25.35
N LEU G 151 10.61 33.93 24.36
CA LEU G 151 10.18 34.00 22.96
C LEU G 151 9.06 33.02 22.64
N ASP G 152 8.93 31.98 23.44
CA ASP G 152 7.95 30.93 23.19
C ASP G 152 6.71 31.11 24.06
N ILE G 153 6.69 32.19 24.84
CA ILE G 153 5.63 32.41 25.82
C ILE G 153 4.81 33.65 25.50
N VAL G 154 3.50 33.55 25.63
CA VAL G 154 2.62 34.69 25.43
C VAL G 154 1.82 34.98 26.69
N PRO G 155 1.88 36.22 27.20
CA PRO G 155 1.11 36.74 28.31
C PRO G 155 -0.37 36.51 28.08
N LEU G 156 -1.06 36.07 29.12
CA LEU G 156 -2.48 35.76 29.01
C LEU G 156 -3.30 36.62 29.96
N SER G 165 -1.33 38.57 36.62
CA SER G 165 -0.42 39.33 35.78
C SER G 165 0.83 38.53 35.48
N ASN G 166 0.82 37.28 35.92
CA ASN G 166 1.94 36.38 35.72
C ASN G 166 1.50 35.07 35.10
N THR G 167 0.39 35.12 34.36
CA THR G 167 -0.14 33.95 33.69
C THR G 167 0.12 34.03 32.19
N TYR G 168 0.59 32.92 31.63
CA TYR G 168 0.95 32.87 30.23
C TYR G 168 0.36 31.66 29.52
N ARG G 169 0.57 31.61 28.21
CA ARG G 169 0.22 30.45 27.40
C ARG G 169 1.30 30.21 26.36
N LEU G 170 1.35 29.01 25.80
CA LEU G 170 2.29 28.74 24.72
C LEU G 170 1.85 29.44 23.45
N ILE G 171 2.81 30.01 22.75
CA ILE G 171 2.53 30.82 21.58
C ILE G 171 1.70 30.10 20.50
N ASN G 172 1.89 28.81 20.38
CA ASN G 172 1.26 28.05 19.30
C ASN G 172 -0.20 27.68 19.55
N CYS G 173 -0.65 27.82 20.80
CA CYS G 173 -1.96 27.29 21.18
C CYS G 173 -3.12 27.91 20.43
N ASN G 174 -2.88 29.03 19.76
CA ASN G 174 -3.93 29.69 19.02
C ASN G 174 -3.71 29.57 17.51
N THR G 175 -2.74 28.75 17.12
CA THR G 175 -2.43 28.55 15.72
C THR G 175 -2.51 27.08 15.32
N SER G 176 -1.77 26.26 16.04
CA SER G 176 -1.73 24.83 15.75
C SER G 176 -1.06 24.05 16.87
N THR G 177 -1.01 22.74 16.71
CA THR G 177 -0.36 21.88 17.69
C THR G 177 1.04 21.54 17.24
N CYS G 178 2.02 21.95 18.02
CA CYS G 178 3.41 21.69 17.68
C CYS G 178 3.76 20.24 17.96
N THR G 179 4.50 19.65 17.05
CA THR G 179 4.95 18.28 17.22
C THR G 179 6.36 18.24 17.75
N GLN G 180 6.56 17.48 18.81
CA GLN G 180 7.88 17.36 19.42
C GLN G 180 8.76 16.47 18.59
N ALA G 181 9.87 17.00 18.13
CA ALA G 181 10.78 16.21 17.33
C ALA G 181 11.12 14.94 18.06
N CYS G 182 10.98 13.81 17.40
CA CYS G 182 11.27 12.54 18.03
C CYS G 182 12.67 12.57 18.63
N PRO G 183 12.84 12.01 19.83
CA PRO G 183 14.03 12.05 20.65
C PRO G 183 15.21 11.37 19.97
N LYS G 184 14.93 10.56 18.96
CA LYS G 184 15.99 9.84 18.26
C LYS G 184 15.98 10.14 16.77
N VAL G 185 16.34 11.37 16.42
CA VAL G 185 16.46 11.78 15.04
C VAL G 185 17.76 12.54 14.83
N THR G 186 18.15 12.74 13.59
CA THR G 186 19.34 13.52 13.28
C THR G 186 19.05 14.61 12.26
N PHE G 187 19.45 15.84 12.59
CA PHE G 187 19.19 16.98 11.72
C PHE G 187 20.44 17.45 10.99
N ASP G 188 21.47 16.61 11.00
CA ASP G 188 22.70 16.89 10.30
C ASP G 188 22.44 16.91 8.78
N PRO G 189 22.78 18.01 8.10
CA PRO G 189 22.54 18.26 6.69
C PRO G 189 23.39 17.35 5.81
N ILE G 190 23.08 16.07 5.83
CA ILE G 190 23.76 15.09 4.99
C ILE G 190 23.47 15.35 3.52
N PRO G 191 24.50 15.51 2.68
CA PRO G 191 24.43 15.88 1.30
C PRO G 191 23.64 14.86 0.49
N ILE G 192 22.78 15.36 -0.39
CA ILE G 192 21.97 14.51 -1.24
C ILE G 192 22.33 14.67 -2.71
N HIS G 193 22.45 13.55 -3.40
CA HIS G 193 22.78 13.55 -4.82
C HIS G 193 21.53 13.29 -5.66
N TYR G 194 21.27 14.14 -6.63
CA TYR G 194 20.12 13.97 -7.51
C TYR G 194 20.52 13.25 -8.79
N CYS G 195 19.76 12.22 -9.13
CA CYS G 195 20.06 11.42 -10.32
C CYS G 195 18.88 11.38 -11.28
N ALA G 196 19.21 11.37 -12.57
CA ALA G 196 18.18 11.32 -13.61
C ALA G 196 17.81 9.87 -13.92
N PRO G 197 16.56 9.63 -14.33
CA PRO G 197 16.04 8.39 -14.87
C PRO G 197 16.51 8.17 -16.29
N ALA G 198 16.46 6.93 -16.75
CA ALA G 198 16.88 6.61 -18.10
C ALA G 198 16.10 7.43 -19.11
N GLY G 199 16.80 7.89 -20.14
CA GLY G 199 16.19 8.70 -21.18
C GLY G 199 16.46 10.18 -20.95
N TYR G 200 16.92 10.50 -19.74
CA TYR G 200 17.23 11.88 -19.38
C TYR G 200 18.69 12.02 -19.00
N ALA G 201 19.18 13.24 -19.04
CA ALA G 201 20.56 13.51 -18.69
C ALA G 201 20.71 14.85 -18.00
N ILE G 202 21.72 14.98 -17.16
CA ILE G 202 21.97 16.22 -16.45
C ILE G 202 23.20 16.91 -17.00
N LEU G 203 23.03 18.15 -17.44
CA LEU G 203 24.14 18.90 -17.98
C LEU G 203 24.73 19.82 -16.92
N LYS G 204 26.05 19.98 -16.94
CA LYS G 204 26.74 20.85 -16.01
C LYS G 204 27.43 22.00 -16.71
N CYS G 205 27.27 23.20 -16.17
CA CYS G 205 28.04 24.34 -16.63
C CYS G 205 29.32 24.46 -15.82
N ASN G 206 30.45 24.19 -16.45
CA ASN G 206 31.73 24.13 -15.75
C ASN G 206 32.51 25.42 -15.88
N ASN G 207 31.85 26.45 -16.37
CA ASN G 207 32.46 27.77 -16.47
C ASN G 207 32.48 28.44 -15.10
N LYS G 208 33.66 28.51 -14.51
CA LYS G 208 33.82 28.93 -13.12
C LYS G 208 33.32 30.34 -12.86
N THR G 209 33.18 31.12 -13.92
CA THR G 209 32.76 32.51 -13.77
C THR G 209 31.38 32.75 -14.37
N PHE G 210 30.64 31.66 -14.59
CA PHE G 210 29.29 31.75 -15.13
C PHE G 210 28.35 32.48 -14.17
N ASN G 211 27.58 33.43 -14.71
CA ASN G 211 26.69 34.26 -13.92
C ASN G 211 25.40 33.55 -13.57
N GLY G 212 25.24 32.32 -14.02
CA GLY G 212 24.02 31.55 -13.75
C GLY G 212 22.94 31.83 -14.80
N LYS G 213 23.26 32.66 -15.79
CA LYS G 213 22.30 32.97 -16.85
C LYS G 213 23.00 33.26 -18.17
N GLY G 214 22.82 32.36 -19.14
CA GLY G 214 23.43 32.54 -20.46
C GLY G 214 24.16 31.27 -20.92
N PRO G 215 24.86 31.36 -22.05
CA PRO G 215 25.63 30.32 -22.70
C PRO G 215 26.75 29.79 -21.80
N CYS G 216 27.01 28.50 -21.89
CA CYS G 216 28.11 27.85 -21.17
C CYS G 216 29.00 27.08 -22.11
N ASN G 217 30.02 27.74 -22.65
CA ASN G 217 30.92 27.13 -23.62
C ASN G 217 31.60 25.90 -23.02
N ASN G 218 31.73 25.90 -21.71
CA ASN G 218 32.35 24.77 -21.00
C ASN G 218 31.28 23.88 -20.36
N VAL G 219 30.82 22.89 -21.10
CA VAL G 219 29.69 22.06 -20.65
C VAL G 219 30.00 20.57 -20.69
N SER G 220 29.52 19.85 -19.67
CA SER G 220 29.70 18.41 -19.60
C SER G 220 28.41 17.73 -19.16
N THR G 221 28.34 16.41 -19.37
CA THR G 221 27.15 15.65 -18.99
C THR G 221 27.44 14.65 -17.89
N VAL G 222 26.55 14.59 -16.91
CA VAL G 222 26.68 13.64 -15.83
C VAL G 222 25.39 12.86 -15.62
N GLN G 223 25.49 11.76 -14.86
CA GLN G 223 24.34 10.96 -14.52
C GLN G 223 23.69 11.47 -13.24
N CYS G 224 24.50 12.01 -12.35
CA CYS G 224 24.02 12.51 -11.08
C CYS G 224 24.71 13.80 -10.67
N THR G 225 24.06 14.56 -9.81
CA THR G 225 24.65 15.74 -9.23
C THR G 225 25.58 15.36 -8.11
N HIS G 226 26.36 16.31 -7.63
CA HIS G 226 27.19 16.04 -6.46
C HIS G 226 26.32 16.09 -5.23
N GLY G 227 26.90 15.81 -4.08
CA GLY G 227 26.14 15.82 -2.84
C GLY G 227 25.90 17.25 -2.37
N ILE G 228 24.64 17.67 -2.38
CA ILE G 228 24.29 19.00 -1.91
C ILE G 228 23.63 18.94 -0.55
N LYS G 229 24.18 19.70 0.39
CA LYS G 229 23.69 19.70 1.74
C LYS G 229 22.42 20.55 1.86
N PRO G 230 21.36 20.00 2.48
CA PRO G 230 20.09 20.63 2.72
C PRO G 230 20.19 21.58 3.90
N VAL G 231 20.98 22.63 3.73
CA VAL G 231 21.20 23.57 4.80
C VAL G 231 20.12 24.62 4.85
N VAL G 232 19.40 24.67 5.96
CA VAL G 232 18.35 25.65 6.14
C VAL G 232 18.89 26.87 6.88
N SER G 233 18.95 28.01 6.20
CA SER G 233 19.52 29.20 6.79
C SER G 233 19.08 30.45 6.07
N THR G 234 19.30 31.59 6.71
CA THR G 234 19.01 32.89 6.13
C THR G 234 20.25 33.76 6.11
N GLN G 235 20.16 34.92 5.46
CA GLN G 235 21.28 35.86 5.47
C GLN G 235 22.56 35.20 4.97
N LEU G 236 23.34 34.66 5.90
CA LEU G 236 24.63 34.05 5.58
C LEU G 236 24.47 32.57 5.30
N LEU G 237 24.96 32.13 4.13
CA LEU G 237 24.85 30.75 3.72
C LEU G 237 26.03 29.94 4.23
N LEU G 238 25.74 28.98 5.09
CA LEU G 238 26.78 28.17 5.72
C LEU G 238 26.94 26.81 5.07
N ASN G 239 28.14 26.28 5.14
CA ASN G 239 28.43 24.93 4.69
C ASN G 239 27.97 24.70 3.27
N GLY G 240 28.14 25.70 2.42
CA GLY G 240 27.77 25.59 1.02
C GLY G 240 29.00 25.36 0.17
N SER G 241 28.87 25.57 -1.13
CA SER G 241 29.99 25.42 -2.03
C SER G 241 30.70 26.74 -2.25
N LEU G 242 32.01 26.69 -2.42
CA LEU G 242 32.80 27.88 -2.67
C LEU G 242 33.04 28.08 -4.15
N ALA G 243 33.23 29.32 -4.55
CA ALA G 243 33.57 29.64 -5.92
C ALA G 243 34.93 29.04 -6.24
N GLU G 244 35.10 28.62 -7.49
CA GLU G 244 36.33 27.95 -7.90
C GLU G 244 37.36 28.93 -8.47
N GLU G 245 36.89 30.02 -9.05
CA GLU G 245 37.79 30.99 -9.68
C GLU G 245 37.87 32.28 -8.88
N GLU G 246 36.71 32.86 -8.58
CA GLU G 246 36.65 34.14 -7.90
C GLU G 246 35.29 34.35 -7.25
N ILE G 247 35.15 35.44 -6.51
CA ILE G 247 33.84 35.81 -5.97
C ILE G 247 32.90 36.18 -7.11
N VAL G 248 31.72 35.56 -7.11
CA VAL G 248 30.75 35.82 -8.17
C VAL G 248 29.44 36.35 -7.64
N ILE G 249 28.99 37.45 -8.21
CA ILE G 249 27.71 38.04 -7.85
C ILE G 249 26.71 37.87 -8.97
N ARG G 250 25.60 37.22 -8.67
CA ARG G 250 24.60 36.94 -9.69
C ARG G 250 23.19 37.26 -9.21
N SER G 251 22.34 37.66 -10.16
CA SER G 251 20.96 37.98 -9.86
C SER G 251 20.11 37.82 -11.11
N LYS G 252 18.79 37.71 -10.93
CA LYS G 252 17.89 37.62 -12.05
C LYS G 252 17.88 38.91 -12.85
N ASN G 253 17.94 40.03 -12.13
CA ASN G 253 17.93 41.35 -12.74
C ASN G 253 18.39 42.42 -11.75
N LEU G 254 19.58 42.94 -11.95
CA LEU G 254 20.13 43.94 -11.03
C LEU G 254 19.33 45.24 -11.06
N ALA G 255 18.56 45.44 -12.11
CA ALA G 255 17.75 46.64 -12.24
C ALA G 255 16.46 46.52 -11.44
N ASP G 256 16.18 45.32 -10.94
CA ASP G 256 14.98 45.06 -10.19
C ASP G 256 15.27 44.97 -8.71
N ASN G 257 14.87 46.00 -7.96
CA ASN G 257 15.21 46.09 -6.56
C ASN G 257 14.32 45.23 -5.69
N ALA G 258 13.40 44.50 -6.32
CA ALA G 258 12.53 43.59 -5.60
C ALA G 258 13.11 42.18 -5.59
N LYS G 259 14.25 42.00 -6.26
CA LYS G 259 14.85 40.68 -6.34
C LYS G 259 16.07 40.57 -5.44
N ILE G 260 16.43 39.33 -5.11
CA ILE G 260 17.55 39.06 -4.23
C ILE G 260 18.83 38.84 -5.01
N ILE G 261 19.93 39.36 -4.48
CA ILE G 261 21.24 39.18 -5.09
C ILE G 261 22.04 38.10 -4.36
N ILE G 262 22.51 37.12 -5.10
CA ILE G 262 23.24 36.02 -4.51
C ILE G 262 24.73 36.14 -4.78
N VAL G 263 25.53 36.14 -3.71
CA VAL G 263 26.96 36.22 -3.87
C VAL G 263 27.65 35.00 -3.32
N GLN G 264 28.50 34.40 -4.15
CA GLN G 264 29.25 33.21 -3.76
C GLN G 264 30.72 33.54 -3.59
N LEU G 265 31.27 33.14 -2.45
CA LEU G 265 32.65 33.47 -2.11
C LEU G 265 33.61 32.36 -2.54
N ASN G 266 34.85 32.73 -2.86
CA ASN G 266 35.88 31.73 -3.13
C ASN G 266 36.59 31.35 -1.85
N LYS G 267 36.91 32.35 -1.04
CA LYS G 267 37.55 32.12 0.24
C LYS G 267 36.54 32.08 1.36
N SER G 268 36.50 30.98 2.08
CA SER G 268 35.56 30.82 3.18
C SER G 268 35.94 31.67 4.37
N VAL G 269 34.96 31.98 5.21
CA VAL G 269 35.22 32.67 6.46
C VAL G 269 34.71 31.86 7.64
N GLU G 270 35.60 31.53 8.56
CA GLU G 270 35.24 30.72 9.71
C GLU G 270 34.38 31.46 10.69
N ILE G 271 33.31 30.82 11.14
CA ILE G 271 32.45 31.34 12.18
C ILE G 271 32.09 30.24 13.18
N VAL G 272 32.28 30.52 14.46
CA VAL G 272 32.00 29.53 15.49
C VAL G 272 30.92 30.01 16.45
N CYS G 273 29.88 29.21 16.60
CA CYS G 273 28.78 29.58 17.48
C CYS G 273 28.63 28.57 18.61
N THR G 274 28.27 29.06 19.80
CA THR G 274 28.16 28.18 20.94
C THR G 274 27.04 28.56 21.89
N ARG G 275 26.55 27.56 22.61
CA ARG G 275 25.56 27.73 23.66
C ARG G 275 26.06 27.12 24.98
N PRO G 276 26.78 27.91 25.77
CA PRO G 276 27.56 27.51 26.92
C PRO G 276 26.70 27.30 28.14
N ASN G 277 25.71 26.40 28.03
CA ASN G 277 24.81 26.18 29.18
C ASN G 277 24.46 24.73 29.51
N ASN G 278 24.18 24.50 30.79
CA ASN G 278 23.81 23.18 31.28
C ASN G 278 22.34 22.90 31.03
N ASN G 279 21.92 22.68 29.76
CA ASN G 279 20.53 22.45 29.41
C ASN G 279 20.10 21.01 29.65
N THR G 280 20.14 20.62 30.92
CA THR G 280 19.77 19.27 31.32
C THR G 280 18.31 18.99 31.03
N ARG G 281 18.07 17.86 30.39
CA ARG G 281 16.72 17.51 29.98
C ARG G 281 15.97 16.79 31.08
N ARG G 282 14.66 16.93 31.07
CA ARG G 282 13.78 16.20 31.98
C ARG G 282 12.66 15.53 31.20
N SER G 283 12.34 14.30 31.59
CA SER G 283 11.30 13.55 30.89
C SER G 283 9.97 13.61 31.62
N ILE G 284 8.98 14.22 30.98
CA ILE G 284 7.66 14.36 31.55
C ILE G 284 6.65 13.53 30.79
N ARG G 285 5.97 12.64 31.49
CA ARG G 285 4.98 11.78 30.86
C ARG G 285 3.66 12.52 30.72
N ILE G 286 3.24 12.73 29.47
CA ILE G 286 2.05 13.52 29.20
C ILE G 286 0.95 12.67 28.60
N GLY G 287 1.18 11.37 28.53
CA GLY G 287 0.22 10.46 27.94
C GLY G 287 0.77 9.04 27.88
N PRO G 288 -0.03 8.10 27.40
CA PRO G 288 0.22 6.68 27.34
C PRO G 288 1.30 6.37 26.31
N GLY G 289 2.54 6.55 26.72
CA GLY G 289 3.67 6.31 25.84
C GLY G 289 4.08 7.60 25.14
N GLN G 290 3.80 8.72 25.77
CA GLN G 290 4.15 10.01 25.20
C GLN G 290 4.97 10.83 26.18
N THR G 291 6.25 11.01 25.88
CA THR G 291 7.14 11.74 26.76
C THR G 291 7.50 13.10 26.20
N PHE G 292 7.28 14.12 27.01
CA PHE G 292 7.65 15.48 26.68
C PHE G 292 8.99 15.81 27.31
N TYR G 293 9.86 16.44 26.56
CA TYR G 293 11.16 16.77 27.09
C TYR G 293 11.27 18.24 27.46
N ALA G 294 11.44 18.49 28.75
CA ALA G 294 11.53 19.83 29.28
C ALA G 294 12.97 20.22 29.53
N THR G 295 13.23 21.52 29.55
CA THR G 295 14.57 22.03 29.83
C THR G 295 14.75 22.30 31.31
N ASP G 296 15.97 22.04 31.79
CA ASP G 296 16.35 22.38 33.15
C ASP G 296 17.76 22.96 33.15
N ILE G 297 18.10 23.69 34.21
CA ILE G 297 19.42 24.30 34.31
C ILE G 297 20.10 23.95 35.62
N ILE G 298 21.33 23.47 35.52
CA ILE G 298 22.07 23.07 36.70
C ILE G 298 22.92 24.21 37.26
N GLY G 299 23.63 24.91 36.38
CA GLY G 299 24.52 25.99 36.78
C GLY G 299 23.89 27.35 36.53
N ASP G 300 24.71 28.30 36.06
CA ASP G 300 24.23 29.64 35.78
C ASP G 300 23.87 29.80 34.30
N ILE G 301 23.52 31.01 33.90
CA ILE G 301 23.07 31.24 32.54
C ILE G 301 23.92 32.25 31.79
N ARG G 302 24.36 31.86 30.60
CA ARG G 302 25.10 32.76 29.71
C ARG G 302 24.48 32.75 28.33
N GLN G 303 24.36 33.92 27.73
CA GLN G 303 23.78 34.02 26.41
C GLN G 303 24.63 33.32 25.37
N ALA G 304 23.98 32.75 24.36
CA ALA G 304 24.69 32.14 23.25
C ALA G 304 25.24 33.23 22.35
N TYR G 305 26.31 32.90 21.63
CA TYR G 305 26.93 33.88 20.75
C TYR G 305 27.74 33.22 19.65
N CYS G 306 28.07 34.02 18.64
CA CYS G 306 28.96 33.57 17.57
C CYS G 306 30.24 34.36 17.54
N ASN G 307 31.34 33.70 17.15
CA ASN G 307 32.64 34.31 17.06
C ASN G 307 33.15 34.34 15.64
N ILE G 308 33.32 35.53 15.10
CA ILE G 308 33.84 35.69 13.76
C ILE G 308 34.97 36.70 13.70
N SER G 309 36.12 36.28 13.19
CA SER G 309 37.27 37.16 13.12
C SER G 309 36.97 38.42 12.32
N GLY G 310 37.20 39.58 12.92
CA GLY G 310 36.92 40.85 12.29
C GLY G 310 37.74 41.03 11.02
N ARG G 311 39.05 40.91 11.14
CA ARG G 311 39.94 41.07 9.99
C ARG G 311 39.48 40.22 8.81
N ASN G 312 39.13 38.97 9.08
CA ASN G 312 38.65 38.07 8.04
C ASN G 312 37.45 38.65 7.31
N TRP G 313 36.43 39.01 8.07
CA TRP G 313 35.21 39.54 7.51
C TRP G 313 35.48 40.80 6.71
N SER G 314 36.24 41.71 7.30
CA SER G 314 36.54 42.97 6.64
C SER G 314 37.09 42.74 5.24
N GLU G 315 38.07 41.87 5.13
CA GLU G 315 38.66 41.56 3.85
C GLU G 315 37.60 41.05 2.87
N ALA G 316 36.77 40.13 3.34
CA ALA G 316 35.72 39.57 2.50
C ALA G 316 34.77 40.66 2.01
N VAL G 317 34.40 41.56 2.91
CA VAL G 317 33.49 42.64 2.56
C VAL G 317 34.09 43.54 1.51
N ASN G 318 35.34 43.91 1.70
CA ASN G 318 36.02 44.78 0.76
C ASN G 318 36.02 44.17 -0.64
N GLN G 319 36.28 42.87 -0.69
CA GLN G 319 36.32 42.17 -1.96
C GLN G 319 34.95 42.17 -2.64
N VAL G 320 33.91 41.93 -1.86
CA VAL G 320 32.56 41.93 -2.40
C VAL G 320 32.17 43.30 -2.90
N LYS G 321 32.47 44.34 -2.13
CA LYS G 321 32.15 45.68 -2.54
C LYS G 321 32.81 46.00 -3.87
N LYS G 322 34.05 45.58 -4.03
CA LYS G 322 34.75 45.81 -5.29
C LYS G 322 34.00 45.22 -6.46
N LYS G 323 33.58 43.96 -6.33
CA LYS G 323 32.86 43.30 -7.41
C LYS G 323 31.53 43.98 -7.70
N LEU G 324 30.86 44.43 -6.64
CA LEU G 324 29.61 45.16 -6.83
C LEU G 324 29.86 46.44 -7.62
N LYS G 325 30.94 47.14 -7.27
CA LYS G 325 31.28 48.39 -7.95
C LYS G 325 31.35 48.19 -9.45
N GLU G 326 31.86 47.04 -9.88
CA GLU G 326 31.97 46.76 -11.30
C GLU G 326 30.63 46.87 -12.00
N HIS G 327 29.56 46.51 -11.30
CA HIS G 327 28.22 46.58 -11.84
C HIS G 327 27.62 47.97 -11.64
N PHE G 328 28.15 48.70 -10.67
CA PHE G 328 27.63 50.02 -10.33
C PHE G 328 28.78 51.04 -10.27
N PRO G 329 29.35 51.37 -11.43
CA PRO G 329 30.69 51.86 -11.66
C PRO G 329 30.96 53.25 -11.06
N HIS G 330 29.92 54.01 -10.78
CA HIS G 330 30.13 55.37 -10.29
C HIS G 330 29.30 55.67 -9.05
N LYS G 331 29.46 54.85 -8.02
CA LYS G 331 28.74 55.02 -6.77
C LYS G 331 29.47 54.37 -5.61
N ASN G 332 29.14 54.81 -4.40
CA ASN G 332 29.67 54.19 -3.20
C ASN G 332 28.83 53.00 -2.77
N ILE G 333 29.40 52.14 -1.94
CA ILE G 333 28.68 50.96 -1.47
C ILE G 333 28.66 50.89 0.05
N SER G 334 27.47 50.75 0.60
CA SER G 334 27.31 50.66 2.05
C SER G 334 26.50 49.44 2.46
N PHE G 335 26.96 48.75 3.49
CA PHE G 335 26.25 47.59 4.03
C PHE G 335 25.58 47.94 5.34
N GLN G 336 24.27 47.77 5.38
CA GLN G 336 23.51 48.08 6.58
C GLN G 336 22.77 46.86 7.10
N SER G 337 22.11 47.02 8.24
CA SER G 337 21.35 45.95 8.82
C SER G 337 19.99 45.81 8.17
N SER G 338 19.29 44.74 8.47
CA SER G 338 17.95 44.52 7.94
C SER G 338 17.05 45.69 8.25
N SER G 339 16.23 46.06 7.27
CA SER G 339 15.29 47.15 7.44
C SER G 339 14.20 46.81 8.44
N GLY G 340 14.03 45.51 8.70
CA GLY G 340 12.99 45.06 9.61
C GLY G 340 12.30 43.81 9.07
N GLY G 341 11.38 43.27 9.85
CA GLY G 341 10.66 42.05 9.48
C GLY G 341 10.67 41.05 10.62
N ASP G 342 10.23 39.84 10.34
CA ASP G 342 10.19 38.79 11.33
C ASP G 342 11.60 38.45 11.80
N LEU G 343 11.71 37.93 13.03
CA LEU G 343 13.00 37.57 13.59
C LEU G 343 13.82 36.73 12.62
N GLU G 344 13.14 35.83 11.91
CA GLU G 344 13.79 34.91 11.00
C GLU G 344 14.54 35.62 9.89
N ILE G 345 14.22 36.88 9.67
CA ILE G 345 14.87 37.67 8.62
C ILE G 345 15.84 38.67 9.20
N THR G 346 15.43 39.35 10.25
CA THR G 346 16.24 40.38 10.86
C THR G 346 17.51 39.81 11.47
N THR G 347 17.42 38.57 11.93
CA THR G 347 18.57 37.90 12.53
C THR G 347 19.02 36.71 11.70
N HIS G 348 20.21 36.21 11.99
CA HIS G 348 20.76 35.07 11.27
C HIS G 348 20.27 33.77 11.86
N SER G 349 19.46 33.06 11.09
CA SER G 349 18.88 31.81 11.55
C SER G 349 19.63 30.61 11.03
N PHE G 350 19.85 29.65 11.91
CA PHE G 350 20.43 28.38 11.49
C PHE G 350 20.27 27.30 12.55
N ASN G 351 20.34 26.06 12.10
CA ASN G 351 20.33 24.91 12.98
C ASN G 351 21.74 24.54 13.37
N CYS G 352 22.03 24.60 14.66
CA CYS G 352 23.37 24.26 15.14
C CYS G 352 23.47 22.78 15.45
N GLY G 353 22.74 21.96 14.69
CA GLY G 353 22.77 20.52 14.85
C GLY G 353 21.98 20.11 16.07
N GLY G 354 21.41 21.10 16.76
CA GLY G 354 20.67 20.88 17.98
C GLY G 354 19.48 21.81 18.06
N GLU G 355 19.51 22.69 19.04
CA GLU G 355 18.43 23.66 19.22
C GLU G 355 18.65 24.85 18.29
N PHE G 356 17.58 25.23 17.59
CA PHE G 356 17.63 26.34 16.65
C PHE G 356 17.81 27.66 17.38
N PHE G 357 18.59 28.57 16.81
CA PHE G 357 18.70 29.90 17.39
C PHE G 357 19.00 30.96 16.36
N TYR G 358 18.85 32.21 16.78
CA TYR G 358 18.98 33.37 15.91
C TYR G 358 20.00 34.35 16.44
N CYS G 359 20.87 34.85 15.57
CA CYS G 359 21.93 35.76 16.00
C CYS G 359 21.80 37.13 15.36
N ASN G 360 22.17 38.15 16.13
CA ASN G 360 22.13 39.52 15.67
C ASN G 360 23.41 39.86 14.91
N THR G 361 23.29 40.09 13.62
CA THR G 361 24.46 40.28 12.76
C THR G 361 24.67 41.73 12.36
N SER G 362 24.13 42.65 13.15
CA SER G 362 24.31 44.08 12.87
C SER G 362 25.77 44.47 12.94
N GLY G 363 26.58 43.65 13.60
CA GLY G 363 28.00 43.91 13.74
C GLY G 363 28.79 43.49 12.52
N LEU G 364 28.14 42.79 11.60
CA LEU G 364 28.82 42.35 10.38
C LEU G 364 28.36 43.15 9.18
N PHE G 365 27.07 43.38 9.08
CA PHE G 365 26.54 44.14 7.99
C PHE G 365 26.69 45.61 8.28
N ASN G 366 27.93 46.07 8.24
CA ASN G 366 28.30 47.41 8.64
C ASN G 366 29.48 47.91 7.82
N ASP G 367 29.74 49.20 7.89
CA ASP G 367 30.88 49.78 7.19
C ASP G 367 32.07 49.94 8.13
N THR G 368 31.79 50.04 9.42
CA THR G 368 32.83 50.13 10.43
C THR G 368 33.13 48.77 11.03
N ILE G 369 34.31 48.26 10.73
CA ILE G 369 34.68 46.92 11.17
C ILE G 369 36.01 46.93 11.91
N SER G 370 36.06 46.25 13.04
CA SER G 370 37.30 46.12 13.81
C SER G 370 38.06 44.86 13.41
N ASN G 371 39.37 44.84 13.69
CA ASN G 371 40.18 43.66 13.40
C ASN G 371 39.88 42.53 14.39
N ALA G 372 39.60 42.91 15.63
CA ALA G 372 39.37 41.95 16.69
C ALA G 372 38.15 41.09 16.39
N THR G 373 38.15 39.88 16.92
CA THR G 373 37.01 38.99 16.75
C THR G 373 35.73 39.62 17.24
N ILE G 374 34.70 39.54 16.42
CA ILE G 374 33.42 40.12 16.74
C ILE G 374 32.50 39.10 17.37
N MET G 375 31.93 39.45 18.52
CA MET G 375 30.99 38.57 19.20
C MET G 375 29.57 38.98 18.88
N LEU G 376 28.78 38.03 18.41
CA LEU G 376 27.40 38.31 18.06
C LEU G 376 26.44 37.54 18.97
N PRO G 377 25.56 38.26 19.67
CA PRO G 377 24.60 37.73 20.64
C PRO G 377 23.50 36.97 19.93
N CYS G 378 22.98 35.95 20.57
CA CYS G 378 21.92 35.15 19.98
C CYS G 378 20.85 34.77 20.99
N ARG G 379 19.69 34.36 20.48
CA ARG G 379 18.59 33.90 21.32
C ARG G 379 18.06 32.56 20.84
N ILE G 380 17.58 31.76 21.76
CA ILE G 380 17.17 30.40 21.47
C ILE G 380 15.65 30.22 21.54
N LYS G 381 15.10 29.53 20.54
CA LYS G 381 13.69 29.19 20.54
C LYS G 381 13.47 27.69 20.68
N GLN G 382 12.44 27.31 21.43
CA GLN G 382 12.05 25.92 21.53
C GLN G 382 10.96 25.61 20.52
N ILE G 383 10.13 26.61 20.22
CA ILE G 383 9.05 26.42 19.26
C ILE G 383 9.39 27.06 17.93
N ILE G 384 9.51 26.24 16.91
CA ILE G 384 9.97 26.70 15.60
C ILE G 384 8.91 26.53 14.52
N ASN G 385 8.71 27.58 13.74
CA ASN G 385 7.83 27.51 12.59
C ASN G 385 8.64 27.32 11.33
N MET G 386 8.61 26.13 10.78
CA MET G 386 9.44 25.80 9.62
C MET G 386 8.99 26.55 8.38
N TRP G 387 9.97 27.01 7.61
CA TRP G 387 9.72 27.74 6.37
C TRP G 387 8.72 28.85 6.59
N GLN G 388 7.72 28.91 5.75
CA GLN G 388 6.70 29.94 5.85
C GLN G 388 5.33 29.30 5.82
N GLU G 389 5.26 28.08 6.34
CA GLU G 389 4.00 27.33 6.34
C GLU G 389 3.18 27.64 7.57
N VAL G 390 2.03 28.27 7.36
CA VAL G 390 1.17 28.63 8.46
C VAL G 390 0.41 27.42 8.95
N GLY G 391 0.47 27.16 10.25
CA GLY G 391 -0.18 25.99 10.83
C GLY G 391 0.84 24.88 11.07
N LYS G 392 2.05 25.06 10.56
CA LYS G 392 3.10 24.08 10.77
C LYS G 392 3.97 24.51 11.94
N CYS G 393 4.22 23.58 12.85
CA CYS G 393 5.02 23.90 14.02
C CYS G 393 5.67 22.68 14.64
N ILE G 394 6.91 22.85 15.05
CA ILE G 394 7.63 21.80 15.73
C ILE G 394 8.22 22.29 17.03
N TYR G 395 8.36 21.39 17.99
CA TYR G 395 8.99 21.71 19.26
C TYR G 395 10.30 20.98 19.37
N ALA G 396 11.36 21.71 19.70
CA ALA G 396 12.66 21.11 19.82
C ALA G 396 12.97 20.80 21.28
N PRO G 397 13.40 19.57 21.57
CA PRO G 397 13.84 19.10 22.86
C PRO G 397 15.21 19.68 23.16
N PRO G 398 15.52 19.86 24.44
CA PRO G 398 16.78 20.35 24.96
C PRO G 398 17.88 19.34 24.76
N ILE G 399 19.09 19.85 24.55
CA ILE G 399 20.25 18.98 24.44
C ILE G 399 21.13 19.11 25.67
N LYS G 400 21.28 18.02 26.41
CA LYS G 400 22.07 18.02 27.63
C LYS G 400 23.52 18.36 27.34
N GLY G 401 24.08 19.29 28.10
CA GLY G 401 25.46 19.74 27.89
C GLY G 401 25.46 20.93 26.94
N ASN G 402 26.64 21.50 26.70
CA ASN G 402 26.74 22.65 25.82
C ASN G 402 26.95 22.24 24.37
N ILE G 403 26.72 23.17 23.46
CA ILE G 403 26.92 22.92 22.03
C ILE G 403 27.82 23.96 21.38
N THR G 404 28.74 23.50 20.54
CA THR G 404 29.58 24.39 19.76
C THR G 404 29.64 23.94 18.30
N CYS G 405 29.36 24.86 17.39
CA CYS G 405 29.38 24.56 15.97
C CYS G 405 30.42 25.37 15.23
N LYS G 406 31.32 24.70 14.54
CA LYS G 406 32.29 25.35 13.68
C LYS G 406 31.88 25.22 12.24
N SER G 407 31.62 26.35 11.59
CA SER G 407 31.12 26.33 10.22
C SER G 407 31.76 27.41 9.38
N ASP G 408 31.65 27.26 8.07
CA ASP G 408 32.18 28.23 7.15
C ASP G 408 31.11 29.01 6.43
N ILE G 409 31.31 30.31 6.30
CA ILE G 409 30.46 31.13 5.47
C ILE G 409 30.93 31.04 4.05
N THR G 410 30.05 30.60 3.16
CA THR G 410 30.41 30.35 1.78
C THR G 410 29.78 31.36 0.85
N GLY G 411 28.74 32.02 1.31
CA GLY G 411 28.05 33.03 0.53
C GLY G 411 26.97 33.69 1.35
N LEU G 412 26.28 34.64 0.77
CA LEU G 412 25.24 35.34 1.50
C LEU G 412 24.22 35.96 0.56
N LEU G 413 23.07 36.32 1.12
CA LEU G 413 22.00 36.93 0.35
C LEU G 413 21.83 38.40 0.69
N LEU G 414 21.90 39.24 -0.33
CA LEU G 414 21.77 40.69 -0.15
C LEU G 414 20.69 41.26 -1.05
N LEU G 415 20.05 42.31 -0.59
CA LEU G 415 19.11 43.06 -1.41
C LEU G 415 19.47 44.54 -1.40
N ARG G 416 19.12 45.25 -2.45
CA ARG G 416 19.46 46.66 -2.56
C ARG G 416 18.26 47.56 -2.27
N ASP G 417 18.52 48.66 -1.56
CA ASP G 417 17.48 49.65 -1.31
C ASP G 417 16.99 50.27 -2.62
N GLY G 418 15.69 50.52 -2.70
CA GLY G 418 15.13 51.15 -3.89
C GLY G 418 15.45 52.63 -3.95
N CYS G 419 15.10 53.26 -5.08
CA CYS G 419 15.37 54.68 -5.31
C CYS G 419 16.86 54.96 -5.43
N ASN G 420 17.21 56.25 -5.44
CA ASN G 420 18.60 56.66 -5.54
C ASN G 420 18.85 57.94 -4.76
N THR G 421 19.99 57.99 -4.09
CA THR G 421 20.35 59.16 -3.30
C THR G 421 21.29 60.10 -4.04
N ALA G 422 21.19 61.38 -3.73
CA ALA G 422 22.10 62.37 -4.27
C ALA G 422 23.53 62.11 -3.79
N ASN G 423 23.64 61.28 -2.76
CA ASN G 423 24.94 60.93 -2.19
C ASN G 423 25.67 59.93 -3.07
N ASN G 424 25.00 59.48 -4.13
CA ASN G 424 25.61 58.56 -5.07
C ASN G 424 26.15 57.33 -4.38
N ALA G 425 25.37 56.78 -3.46
CA ALA G 425 25.76 55.58 -2.74
C ALA G 425 24.62 54.59 -2.72
N GLU G 426 24.93 53.32 -2.92
CA GLU G 426 23.92 52.28 -2.86
C GLU G 426 24.04 51.49 -1.59
N ILE G 427 22.90 51.15 -1.01
CA ILE G 427 22.86 50.44 0.26
C ILE G 427 22.34 49.04 0.10
N PHE G 428 23.08 48.08 0.64
CA PHE G 428 22.69 46.68 0.57
C PHE G 428 22.42 46.15 1.96
N ARG G 429 21.46 45.24 2.05
CA ARG G 429 21.05 44.67 3.32
C ARG G 429 20.90 43.16 3.21
N PRO G 430 21.05 42.44 4.32
CA PRO G 430 20.79 41.02 4.48
C PRO G 430 19.32 40.72 4.27
N GLY G 431 19.04 39.49 3.83
CA GLY G 431 17.67 39.06 3.59
C GLY G 431 17.59 37.57 3.36
N GLY G 432 16.48 37.12 2.78
CA GLY G 432 16.25 35.70 2.56
C GLY G 432 14.89 35.28 3.07
N GLY G 433 14.79 34.03 3.50
CA GLY G 433 13.54 33.50 4.05
C GLY G 433 12.95 32.41 3.17
N ASP G 434 13.06 32.59 1.86
CA ASP G 434 12.59 31.59 0.92
C ASP G 434 13.71 30.61 0.62
N MET G 435 13.62 29.43 1.20
CA MET G 435 14.69 28.45 1.11
C MET G 435 15.04 28.11 -0.34
N ARG G 436 14.11 28.35 -1.25
CA ARG G 436 14.35 28.04 -2.65
C ARG G 436 15.58 28.77 -3.14
N ASP G 437 15.86 29.93 -2.58
CA ASP G 437 17.03 30.70 -2.99
C ASP G 437 18.30 30.09 -2.45
N ASN G 438 18.19 29.31 -1.37
CA ASN G 438 19.35 28.61 -0.85
C ASN G 438 19.68 27.45 -1.75
N TRP G 439 18.66 26.72 -2.18
CA TRP G 439 18.85 25.61 -3.08
C TRP G 439 19.33 26.12 -4.42
N ARG G 440 18.77 27.24 -4.86
CA ARG G 440 19.12 27.83 -6.13
C ARG G 440 20.60 28.21 -6.17
N SER G 441 21.18 28.44 -5.00
CA SER G 441 22.57 28.86 -4.92
C SER G 441 23.53 27.70 -5.09
N GLU G 442 23.00 26.49 -5.13
CA GLU G 442 23.83 25.29 -5.29
C GLU G 442 23.53 24.56 -6.60
N LEU G 443 22.27 24.57 -7.01
CA LEU G 443 21.83 23.82 -8.18
C LEU G 443 21.93 24.62 -9.46
N TYR G 444 22.49 25.81 -9.39
CA TYR G 444 22.56 26.70 -10.55
C TYR G 444 23.43 26.16 -11.67
N LYS G 445 24.27 25.16 -11.37
CA LYS G 445 25.16 24.61 -12.38
C LYS G 445 24.52 23.47 -13.16
N TYR G 446 23.34 23.04 -12.75
CA TYR G 446 22.73 21.86 -13.36
C TYR G 446 21.54 22.21 -14.25
N LYS G 447 21.35 21.40 -15.29
CA LYS G 447 20.20 21.50 -16.17
C LYS G 447 19.72 20.12 -16.60
N VAL G 448 18.41 19.92 -16.65
CA VAL G 448 17.86 18.61 -17.02
C VAL G 448 17.21 18.63 -18.39
N VAL G 449 17.65 17.72 -19.24
CA VAL G 449 17.10 17.60 -20.58
C VAL G 449 16.73 16.16 -20.90
N LYS G 450 15.90 15.98 -21.92
CA LYS G 450 15.55 14.65 -22.38
C LYS G 450 16.20 14.37 -23.71
N ILE G 451 16.64 13.14 -23.91
CA ILE G 451 17.31 12.75 -25.13
C ILE G 451 16.31 12.27 -26.17
N GLU G 452 16.47 12.74 -27.39
CA GLU G 452 15.61 12.33 -28.50
C GLU G 452 16.41 11.57 -29.55
N PRO G 453 16.55 10.25 -29.39
CA PRO G 453 17.49 9.38 -30.05
C PRO G 453 17.15 9.17 -31.52
N LEU G 454 15.92 9.50 -31.89
CA LEU G 454 15.48 9.25 -33.24
C LEU G 454 15.69 10.46 -34.13
N GLY G 455 16.43 10.28 -35.21
CA GLY G 455 16.71 11.37 -36.15
C GLY G 455 16.63 10.88 -37.59
N VAL G 456 16.40 11.82 -38.51
CA VAL G 456 16.30 11.48 -39.92
C VAL G 456 17.20 12.39 -40.76
N ALA G 457 17.86 11.81 -41.76
CA ALA G 457 18.77 12.55 -42.62
C ALA G 457 18.71 12.02 -44.05
N PRO G 458 19.05 12.85 -45.05
CA PRO G 458 19.18 12.53 -46.46
C PRO G 458 20.45 11.76 -46.76
N THR G 459 20.31 10.67 -47.51
CA THR G 459 21.45 9.87 -47.93
C THR G 459 21.31 9.41 -49.37
N ARG G 460 22.41 8.96 -49.96
CA ARG G 460 22.38 8.43 -51.34
C ARG G 460 22.27 6.91 -51.34
N CYS G 461 21.09 6.40 -51.01
CA CYS G 461 20.87 4.96 -50.97
C CYS G 461 19.39 4.63 -51.11
N LYS G 462 19.10 3.35 -51.30
CA LYS G 462 17.73 2.86 -51.34
C LYS G 462 17.65 1.46 -50.75
N ARG G 463 16.70 1.25 -49.84
CA ARG G 463 16.55 -0.05 -49.21
C ARG G 463 16.30 -1.14 -50.23
N ARG G 464 17.01 -2.26 -50.07
CA ARG G 464 16.88 -3.39 -50.98
C ARG G 464 16.99 -2.95 -52.44
N PHE G 484 29.60 8.70 -22.89
CA PHE G 484 28.18 8.77 -23.17
C PHE G 484 27.77 10.14 -23.67
N LEU G 485 27.14 10.17 -24.85
CA LEU G 485 26.60 11.39 -25.43
C LEU G 485 27.71 12.39 -25.76
N GLY G 486 28.95 11.94 -25.72
CA GLY G 486 30.08 12.79 -26.08
C GLY G 486 30.05 13.14 -27.55
N ALA G 487 29.30 12.36 -28.31
CA ALA G 487 29.18 12.52 -29.74
C ALA G 487 28.44 13.81 -30.09
N ALA G 488 27.84 14.42 -29.09
CA ALA G 488 27.10 15.66 -29.31
C ALA G 488 27.98 16.71 -29.96
N GLY G 489 29.27 16.68 -29.66
CA GLY G 489 30.21 17.66 -30.19
C GLY G 489 30.74 17.26 -31.56
N SER G 490 30.35 16.07 -32.03
CA SER G 490 30.84 15.55 -33.30
C SER G 490 29.87 15.83 -34.43
N THR G 491 30.37 15.76 -35.65
CA THR G 491 29.55 15.96 -36.81
C THR G 491 28.61 14.78 -37.01
N MET G 492 27.57 15.00 -37.81
CA MET G 492 26.55 13.96 -38.00
C MET G 492 27.14 12.65 -38.45
N GLY G 493 28.09 12.70 -39.39
CA GLY G 493 28.71 11.49 -39.91
C GLY G 493 29.44 10.71 -38.82
N ALA G 494 30.43 11.35 -38.20
CA ALA G 494 31.23 10.69 -37.18
C ALA G 494 30.37 10.22 -36.02
N ALA G 495 29.37 11.00 -35.66
CA ALA G 495 28.53 10.71 -34.52
C ALA G 495 27.77 9.39 -34.70
N SER G 496 27.66 8.95 -35.94
CA SER G 496 26.91 7.73 -36.24
C SER G 496 27.67 6.49 -35.78
N MET G 497 28.93 6.67 -35.40
CA MET G 497 29.77 5.55 -34.98
C MET G 497 29.61 5.25 -33.50
N THR G 498 28.79 6.03 -32.81
CA THR G 498 28.60 5.86 -31.38
C THR G 498 27.14 5.65 -31.02
N LEU G 499 26.33 5.25 -31.99
CA LEU G 499 24.91 5.10 -31.77
C LEU G 499 24.60 4.06 -30.70
N THR G 500 25.37 2.97 -30.68
CA THR G 500 25.19 1.94 -29.68
C THR G 500 25.56 2.43 -28.30
N VAL G 501 26.67 3.14 -28.22
CA VAL G 501 27.16 3.64 -26.95
C VAL G 501 26.10 4.44 -26.23
N GLN G 502 25.38 5.25 -26.98
CA GLN G 502 24.33 6.09 -26.44
C GLN G 502 23.05 5.29 -26.20
N ALA G 503 22.60 4.59 -27.23
CA ALA G 503 21.31 3.91 -27.19
C ALA G 503 21.22 2.89 -26.07
N ARG G 504 22.33 2.20 -25.81
CA ARG G 504 22.35 1.13 -24.81
C ARG G 504 22.12 1.66 -23.40
N ASN G 505 22.24 2.97 -23.22
CA ASN G 505 22.10 3.57 -21.91
C ASN G 505 20.81 4.37 -21.77
N LEU G 506 19.87 4.17 -22.68
CA LEU G 506 18.61 4.90 -22.65
C LEU G 506 17.45 4.04 -22.14
N LEU G 507 17.78 2.91 -21.53
CA LEU G 507 16.74 2.01 -21.04
C LEU G 507 16.82 1.78 -19.52
N SER G 508 17.95 1.28 -19.06
CA SER G 508 18.06 0.88 -17.66
C SER G 508 19.30 1.45 -16.99
N GLY G 509 19.69 2.65 -17.40
CA GLY G 509 20.87 3.30 -16.84
C GLY G 509 20.80 3.44 -15.32
N ILE G 510 19.59 3.39 -14.79
CA ILE G 510 19.38 3.51 -13.35
C ILE G 510 19.95 2.33 -12.56
N VAL G 511 20.21 1.23 -13.27
CA VAL G 511 20.79 0.04 -12.65
C VAL G 511 21.88 -0.55 -13.53
N VAL G 532 9.37 8.67 1.12
CA VAL G 532 8.56 9.43 0.17
C VAL G 532 9.16 9.36 -1.23
N TRP G 533 10.33 8.75 -1.32
CA TRP G 533 11.03 8.62 -2.58
C TRP G 533 10.56 7.42 -3.38
N GLY G 534 9.97 6.46 -2.69
CA GLY G 534 9.55 5.21 -3.30
C GLY G 534 8.67 5.43 -4.52
N ILE G 535 7.59 6.19 -4.34
CA ILE G 535 6.64 6.41 -5.41
C ILE G 535 7.28 7.10 -6.60
N LYS G 536 8.22 7.99 -6.34
CA LYS G 536 8.88 8.72 -7.40
C LYS G 536 9.74 7.80 -8.24
N GLN G 537 10.47 6.92 -7.57
CA GLN G 537 11.30 5.95 -8.28
C GLN G 537 10.46 5.04 -9.14
N LEU G 538 9.32 4.60 -8.60
CA LEU G 538 8.44 3.71 -9.33
C LEU G 538 7.86 4.39 -10.56
N GLN G 539 7.42 5.64 -10.39
CA GLN G 539 6.87 6.40 -11.50
C GLN G 539 7.91 6.60 -12.59
N ALA G 540 9.14 6.91 -12.17
CA ALA G 540 10.22 7.15 -13.11
C ALA G 540 10.51 5.90 -13.93
N ARG G 541 10.51 4.75 -13.27
CA ARG G 541 10.77 3.49 -13.96
C ARG G 541 9.77 3.27 -15.08
N VAL G 542 8.49 3.48 -14.78
CA VAL G 542 7.45 3.28 -15.78
C VAL G 542 7.60 4.22 -16.95
N LEU G 543 7.87 5.49 -16.66
CA LEU G 543 8.04 6.47 -17.73
C LEU G 543 9.13 6.06 -18.69
N ALA G 544 10.27 5.64 -18.14
CA ALA G 544 11.40 5.25 -18.97
C ALA G 544 11.00 4.15 -19.93
N VAL G 545 10.23 3.18 -19.43
CA VAL G 545 9.77 2.08 -20.27
C VAL G 545 8.87 2.57 -21.38
N GLU G 546 7.91 3.42 -21.04
CA GLU G 546 6.97 3.93 -22.02
C GLU G 546 7.69 4.56 -23.20
N ARG G 547 8.64 5.44 -22.91
CA ARG G 547 9.36 6.13 -23.97
C ARG G 547 10.15 5.15 -24.82
N TYR G 548 10.85 4.23 -24.17
CA TYR G 548 11.64 3.25 -24.88
C TYR G 548 10.79 2.47 -25.87
N LEU G 549 9.70 1.91 -25.40
CA LEU G 549 8.85 1.08 -26.23
C LEU G 549 8.27 1.87 -27.38
N ARG G 550 7.85 3.10 -27.10
CA ARG G 550 7.30 3.94 -28.14
C ARG G 550 8.24 4.01 -29.33
N ASP G 551 9.49 4.35 -29.07
CA ASP G 551 10.47 4.48 -30.14
C ASP G 551 10.72 3.16 -30.85
N GLN G 552 10.80 2.08 -30.09
CA GLN G 552 11.03 0.77 -30.68
C GLN G 552 9.88 0.38 -31.58
N GLN G 553 8.67 0.72 -31.17
CA GLN G 553 7.49 0.42 -31.96
C GLN G 553 7.58 1.09 -33.31
N LEU G 554 7.98 2.35 -33.33
CA LEU G 554 8.08 3.10 -34.57
C LEU G 554 9.10 2.46 -35.50
N LEU G 555 10.25 2.10 -34.96
CA LEU G 555 11.30 1.48 -35.76
C LEU G 555 10.80 0.18 -36.36
N GLY G 556 10.04 -0.57 -35.57
CA GLY G 556 9.46 -1.81 -36.04
C GLY G 556 8.51 -1.56 -37.20
N ILE G 557 7.59 -0.62 -37.01
CA ILE G 557 6.60 -0.31 -38.03
C ILE G 557 7.24 0.12 -39.33
N TRP G 558 8.30 0.90 -39.25
CA TRP G 558 8.97 1.42 -40.44
C TRP G 558 9.86 0.39 -41.09
N GLY G 559 9.91 -0.81 -40.52
CA GLY G 559 10.70 -1.89 -41.09
C GLY G 559 12.19 -1.71 -40.81
N CYS G 560 12.51 -1.03 -39.73
CA CYS G 560 13.89 -0.74 -39.38
C CYS G 560 14.27 -1.38 -38.05
N SER G 561 13.57 -2.43 -37.67
CA SER G 561 13.79 -3.08 -36.39
C SER G 561 15.21 -3.62 -36.27
N GLY G 562 15.84 -3.36 -35.15
CA GLY G 562 17.15 -3.92 -34.83
C GLY G 562 18.30 -3.17 -35.50
N LYS G 563 17.98 -2.19 -36.32
CA LYS G 563 19.00 -1.43 -37.02
C LYS G 563 19.32 -0.14 -36.32
N LEU G 564 20.52 0.36 -36.54
CA LEU G 564 20.89 1.67 -36.02
C LEU G 564 20.82 2.69 -37.12
N ILE G 565 21.22 2.29 -38.32
CA ILE G 565 21.09 3.16 -39.48
C ILE G 565 20.28 2.45 -40.55
N CYS G 566 19.06 2.91 -40.76
CA CYS G 566 18.14 2.22 -41.65
C CYS G 566 17.77 3.03 -42.87
N CYS G 567 18.24 2.59 -44.02
CA CYS G 567 17.88 3.21 -45.29
C CYS G 567 16.49 2.78 -45.67
N THR G 568 15.66 3.72 -46.12
CA THR G 568 14.26 3.41 -46.40
C THR G 568 13.96 3.43 -47.89
N ASN G 569 12.66 3.32 -48.23
CA ASN G 569 12.21 3.36 -49.62
C ASN G 569 11.44 4.64 -49.92
N VAL G 570 11.65 5.65 -49.09
CA VAL G 570 11.00 6.94 -49.29
C VAL G 570 12.03 7.99 -49.72
N PRO G 571 11.80 8.65 -50.87
CA PRO G 571 12.67 9.63 -51.48
C PRO G 571 12.70 10.91 -50.67
N TRP G 572 13.83 11.61 -50.72
CA TRP G 572 13.97 12.86 -50.00
C TRP G 572 13.26 14.00 -50.74
N ASN G 573 12.59 14.86 -49.99
CA ASN G 573 11.92 16.01 -50.56
C ASN G 573 12.86 17.19 -50.73
N SER G 574 12.54 18.07 -51.66
CA SER G 574 13.35 19.25 -51.90
C SER G 574 12.98 20.37 -50.95
N SER G 575 11.76 20.32 -50.44
CA SER G 575 11.26 21.37 -49.56
C SER G 575 11.77 21.22 -48.14
N TRP G 576 12.34 20.07 -47.84
CA TRP G 576 12.77 19.76 -46.48
C TRP G 576 14.11 20.38 -46.13
N SER G 577 14.97 20.54 -47.13
CA SER G 577 16.31 21.08 -46.90
C SER G 577 16.98 21.53 -48.18
N ASN G 578 17.74 22.62 -48.07
CA ASN G 578 18.52 23.12 -49.19
C ASN G 578 20.00 23.16 -48.84
N ARG G 579 20.41 22.28 -47.94
CA ARG G 579 21.80 22.24 -47.50
C ARG G 579 22.60 21.26 -48.34
N ASN G 580 23.89 21.52 -48.49
CA ASN G 580 24.78 20.63 -49.21
C ASN G 580 24.95 19.33 -48.44
N LEU G 581 24.92 18.22 -49.17
CA LEU G 581 25.07 16.91 -48.53
C LEU G 581 26.34 16.84 -47.73
N SER G 582 27.41 17.41 -48.26
CA SER G 582 28.71 17.36 -47.60
C SER G 582 28.67 18.14 -46.31
N GLU G 583 28.08 19.33 -46.33
CA GLU G 583 27.96 20.14 -45.14
C GLU G 583 27.17 19.41 -44.07
N ILE G 584 26.12 18.74 -44.49
CA ILE G 584 25.25 18.03 -43.56
C ILE G 584 26.02 16.99 -42.77
N TRP G 585 26.82 16.18 -43.45
CA TRP G 585 27.47 15.06 -42.79
C TRP G 585 28.86 15.39 -42.26
N ASP G 586 29.56 16.34 -42.90
CA ASP G 586 30.93 16.63 -42.54
C ASP G 586 31.09 17.86 -41.66
N ASN G 587 30.11 18.76 -41.69
CA ASN G 587 30.22 20.00 -40.94
C ASN G 587 29.21 20.09 -39.81
N MET G 588 27.94 19.88 -40.12
CA MET G 588 26.87 20.04 -39.15
C MET G 588 26.88 18.96 -38.11
N THR G 589 26.42 19.30 -36.91
CA THR G 589 26.20 18.34 -35.86
C THR G 589 24.73 17.97 -35.81
N TRP G 590 24.40 16.92 -35.07
CA TRP G 590 23.02 16.46 -35.01
C TRP G 590 22.11 17.49 -34.36
N LEU G 591 22.64 18.23 -33.38
CA LEU G 591 21.85 19.26 -32.73
C LEU G 591 21.44 20.34 -33.71
N GLN G 592 22.38 20.76 -34.55
CA GLN G 592 22.10 21.80 -35.53
C GLN G 592 21.12 21.31 -36.56
N TRP G 593 21.28 20.05 -36.95
CA TRP G 593 20.40 19.45 -37.93
C TRP G 593 18.98 19.42 -37.43
N ASP G 594 18.80 18.92 -36.21
CA ASP G 594 17.47 18.81 -35.62
C ASP G 594 16.71 20.12 -35.70
N LYS G 595 17.38 21.20 -35.32
CA LYS G 595 16.74 22.51 -35.28
C LYS G 595 16.23 22.96 -36.65
N GLU G 596 16.70 22.34 -37.71
CA GLU G 596 16.32 22.74 -39.06
C GLU G 596 15.32 21.76 -39.69
N ILE G 597 15.55 20.48 -39.47
CA ILE G 597 14.74 19.47 -40.13
C ILE G 597 13.47 19.10 -39.36
N SER G 598 13.41 19.47 -38.07
CA SER G 598 12.28 19.10 -37.22
C SER G 598 10.96 19.57 -37.81
N ASN G 599 11.04 20.54 -38.71
CA ASN G 599 9.86 21.15 -39.32
C ASN G 599 8.95 20.12 -39.98
N TYR G 600 9.53 19.00 -40.38
CA TYR G 600 8.77 18.01 -41.15
C TYR G 600 8.79 16.64 -40.47
N THR G 601 8.95 16.63 -39.16
CA THR G 601 9.05 15.38 -38.43
C THR G 601 7.87 14.44 -38.71
N GLN G 602 6.67 14.95 -38.54
CA GLN G 602 5.48 14.14 -38.70
C GLN G 602 5.23 13.78 -40.15
N ILE G 603 5.60 14.68 -41.05
CA ILE G 603 5.41 14.46 -42.47
C ILE G 603 6.13 13.21 -42.91
N ILE G 604 7.40 13.10 -42.51
CA ILE G 604 8.21 11.97 -42.87
C ILE G 604 7.68 10.68 -42.24
N TYR G 605 7.36 10.74 -40.96
CA TYR G 605 6.88 9.55 -40.26
C TYR G 605 5.68 8.94 -40.97
N GLY G 606 4.75 9.80 -41.39
CA GLY G 606 3.57 9.33 -42.09
C GLY G 606 3.95 8.52 -43.33
N LEU G 607 4.84 9.09 -44.14
CA LEU G 607 5.25 8.43 -45.38
C LEU G 607 5.91 7.09 -45.09
N LEU G 608 6.70 7.04 -44.04
CA LEU G 608 7.42 5.81 -43.70
C LEU G 608 6.45 4.68 -43.39
N GLU G 609 5.38 5.00 -42.66
CA GLU G 609 4.39 3.99 -42.32
C GLU G 609 3.71 3.46 -43.57
N GLU G 610 3.39 4.36 -44.49
CA GLU G 610 2.74 3.98 -45.74
C GLU G 610 3.63 3.04 -46.55
N SER G 611 4.92 3.31 -46.53
CA SER G 611 5.89 2.50 -47.26
C SER G 611 5.83 1.05 -46.81
N GLN G 612 5.88 0.82 -45.51
CA GLN G 612 5.87 -0.54 -45.01
C GLN G 612 4.57 -1.24 -45.37
N ASN G 613 3.46 -0.52 -45.31
CA ASN G 613 2.18 -1.11 -45.68
C ASN G 613 2.23 -1.61 -47.11
N GLN G 614 2.80 -0.80 -47.99
CA GLN G 614 2.96 -1.18 -49.38
C GLN G 614 3.83 -2.42 -49.51
N GLN G 615 4.91 -2.46 -48.73
CA GLN G 615 5.82 -3.59 -48.77
C GLN G 615 5.14 -4.87 -48.30
N GLU G 616 4.35 -4.75 -47.24
CA GLU G 616 3.70 -5.93 -46.66
C GLU G 616 2.73 -6.58 -47.65
N LYS G 617 1.97 -5.76 -48.38
CA LYS G 617 1.01 -6.32 -49.33
C LYS G 617 1.74 -6.87 -50.54
N ASN G 618 2.87 -6.27 -50.89
CA ASN G 618 3.67 -6.77 -51.99
C ASN G 618 4.26 -8.13 -51.65
N GLU G 619 4.68 -8.30 -50.40
CA GLU G 619 5.23 -9.56 -49.96
C GLU G 619 4.17 -10.65 -50.00
N GLN G 620 2.96 -10.30 -49.56
CA GLN G 620 1.86 -11.25 -49.59
C GLN G 620 1.51 -11.64 -51.00
N ASP G 621 1.56 -10.68 -51.91
CA ASP G 621 1.28 -10.94 -53.30
C ASP G 621 2.28 -11.96 -53.84
N LEU G 622 3.55 -11.76 -53.55
CA LEU G 622 4.60 -12.66 -54.00
C LEU G 622 4.47 -14.04 -53.36
N LEU G 623 4.16 -14.06 -52.06
CA LEU G 623 4.03 -15.32 -51.34
C LEU G 623 2.91 -16.17 -51.90
N ALA G 624 1.84 -15.51 -52.35
CA ALA G 624 0.67 -16.19 -52.89
C ALA G 624 1.01 -16.94 -54.17
N LEU G 625 2.14 -16.61 -54.79
CA LEU G 625 2.51 -17.22 -56.05
C LEU G 625 3.18 -18.58 -55.83
#